data_7LX7
# 
_entry.id   7LX7 
# 
_audit_conform.dict_name       mmcif_pdbx.dic 
_audit_conform.dict_version    5.380 
_audit_conform.dict_location   http://mmcif.pdb.org/dictionaries/ascii/mmcif_pdbx.dic 
# 
loop_
_database_2.database_id 
_database_2.database_code 
_database_2.pdbx_database_accession 
_database_2.pdbx_DOI 
PDB   7LX7         pdb_00007lx7 10.2210/pdb7lx7/pdb 
WWPDB D_1000254737 ?            ?                   
# 
_pdbx_database_status.status_code                     REL 
_pdbx_database_status.status_code_sf                  REL 
_pdbx_database_status.status_code_mr                  ? 
_pdbx_database_status.entry_id                        7LX7 
_pdbx_database_status.recvd_initial_deposition_date   2021-03-03 
_pdbx_database_status.SG_entry                        N 
_pdbx_database_status.deposit_site                    RCSB 
_pdbx_database_status.process_site                    RCSB 
_pdbx_database_status.status_code_cs                  ? 
_pdbx_database_status.status_code_nmr_data            ? 
_pdbx_database_status.methods_development_category    ? 
_pdbx_database_status.pdb_format_compatible           Y 
# 
loop_
_audit_author.name 
_audit_author.pdbx_ordinal 
_audit_author.identifier_ORCID 
'Kamenik, A.S.'  1 ? 
'Singh, I.'      2 ? 
'Lak, P.'        3 ? 
'Balius, T.E.'   4 ? 
'Liedl, K.R.'    5 ? 
'Shoichet, B.K.' 6 ? 
# 
_citation.abstract                  ? 
_citation.abstract_id_CAS           ? 
_citation.book_id_ISBN              ? 
_citation.book_publisher            ? 
_citation.book_publisher_city       ? 
_citation.book_title                ? 
_citation.coordinate_linkage        ? 
_citation.country                   US 
_citation.database_id_Medline       ? 
_citation.details                   ? 
_citation.id                        primary 
_citation.journal_abbrev            Proc.Natl.Acad.Sci.USA 
_citation.journal_id_ASTM           PNASA6 
_citation.journal_id_CSD            0040 
_citation.journal_id_ISSN           1091-6490 
_citation.journal_full              ? 
_citation.journal_issue             ? 
_citation.journal_volume            118 
_citation.language                  ? 
_citation.page_first                ? 
_citation.page_last                 ? 
_citation.title                     'Energy penalties enhance flexible receptor docking in a model cavity.' 
_citation.year                      2021 
_citation.database_id_CSD           ? 
_citation.pdbx_database_id_DOI      10.1073/pnas.2106195118 
_citation.pdbx_database_id_PubMed   34475217 
_citation.pdbx_database_id_patent   ? 
_citation.unpublished_flag          ? 
# 
loop_
_citation_author.citation_id 
_citation_author.name 
_citation_author.ordinal 
_citation_author.identifier_ORCID 
primary 'Kamenik, A.S.'  1 0000-0001-8657-0036 
primary 'Singh, I.'      2 ?                   
primary 'Lak, P.'        3 ?                   
primary 'Balius, T.E.'   4 0000-0002-6811-4667 
primary 'Liedl, K.R.'    5 ?                   
primary 'Shoichet, B.K.' 6 0000-0002-6098-7367 
# 
_cell.angle_alpha                  90.000 
_cell.angle_alpha_esd              ? 
_cell.angle_beta                   90.000 
_cell.angle_beta_esd               ? 
_cell.angle_gamma                  120.000 
_cell.angle_gamma_esd              ? 
_cell.entry_id                     7LX7 
_cell.details                      ? 
_cell.formula_units_Z              ? 
_cell.length_a                     60.255 
_cell.length_a_esd                 ? 
_cell.length_b                     60.255 
_cell.length_b_esd                 ? 
_cell.length_c                     96.212 
_cell.length_c_esd                 ? 
_cell.volume                       ? 
_cell.volume_esd                   ? 
_cell.Z_PDB                        6 
_cell.reciprocal_angle_alpha       ? 
_cell.reciprocal_angle_beta        ? 
_cell.reciprocal_angle_gamma       ? 
_cell.reciprocal_angle_alpha_esd   ? 
_cell.reciprocal_angle_beta_esd    ? 
_cell.reciprocal_angle_gamma_esd   ? 
_cell.reciprocal_length_a          ? 
_cell.reciprocal_length_b          ? 
_cell.reciprocal_length_c          ? 
_cell.reciprocal_length_a_esd      ? 
_cell.reciprocal_length_b_esd      ? 
_cell.reciprocal_length_c_esd      ? 
_cell.pdbx_unique_axis             ? 
# 
_symmetry.entry_id                         7LX7 
_symmetry.cell_setting                     ? 
_symmetry.Int_Tables_number                154 
_symmetry.space_group_name_Hall            ? 
_symmetry.space_group_name_H-M             'P 32 2 1' 
_symmetry.pdbx_full_space_group_name_H-M   ? 
# 
loop_
_entity.id 
_entity.type 
_entity.src_method 
_entity.pdbx_description 
_entity.formula_weight 
_entity.pdbx_number_of_molecules 
_entity.pdbx_ec 
_entity.pdbx_mutation 
_entity.pdbx_fragment 
_entity.details 
1 polymer     man Lysozyme                                 19691.541 1   3.2.1.17 L99A ? ? 
2 non-polymer syn '4-(2-phenylethoxy)phenol'               214.260   1   ?        ?    ? ? 
3 non-polymer syn 2-AMINO-2-HYDROXYMETHYL-PROPANE-1,3-DIOL 122.143   1   ?        ?    ? ? 
4 water       nat water                                    18.015    139 ?        ?    ? ? 
# 
_entity_name_com.entity_id   1 
_entity_name_com.name        'Lysis protein,Endolysin,Muramidase' 
# 
_entity_poly.entity_id                      1 
_entity_poly.type                           'polypeptide(L)' 
_entity_poly.nstd_linkage                   no 
_entity_poly.nstd_monomer                   no 
_entity_poly.pdbx_seq_one_letter_code       
;MNIFEMLRIDEGLRLKIYKDTEGYYTIGIGHLLTKSPSLNAAKSELDKAIGRNCNGVITKDEAEKLFNQDVDAAVRGILR
NAKLKPVYDSLDAVRRCAAINMVFQMGETGVAGFTNSLRMLQQKRWDEAAVNLAKSRWYNQTPNRAKRVITTFRTGTWDA
YKNLLEHHHHHH
;
_entity_poly.pdbx_seq_one_letter_code_can   
;MNIFEMLRIDEGLRLKIYKDTEGYYTIGIGHLLTKSPSLNAAKSELDKAIGRNCNGVITKDEAEKLFNQDVDAAVRGILR
NAKLKPVYDSLDAVRRCAAINMVFQMGETGVAGFTNSLRMLQQKRWDEAAVNLAKSRWYNQTPNRAKRVITTFRTGTWDA
YKNLLEHHHHHH
;
_entity_poly.pdbx_strand_id                 A 
_entity_poly.pdbx_target_identifier         ? 
# 
loop_
_entity_poly_seq.entity_id 
_entity_poly_seq.num 
_entity_poly_seq.mon_id 
_entity_poly_seq.hetero 
1 1   MET n 
1 2   ASN n 
1 3   ILE n 
1 4   PHE n 
1 5   GLU n 
1 6   MET n 
1 7   LEU n 
1 8   ARG n 
1 9   ILE n 
1 10  ASP n 
1 11  GLU n 
1 12  GLY n 
1 13  LEU n 
1 14  ARG n 
1 15  LEU n 
1 16  LYS n 
1 17  ILE n 
1 18  TYR n 
1 19  LYS n 
1 20  ASP n 
1 21  THR n 
1 22  GLU n 
1 23  GLY n 
1 24  TYR n 
1 25  TYR n 
1 26  THR n 
1 27  ILE n 
1 28  GLY n 
1 29  ILE n 
1 30  GLY n 
1 31  HIS n 
1 32  LEU n 
1 33  LEU n 
1 34  THR n 
1 35  LYS n 
1 36  SER n 
1 37  PRO n 
1 38  SER n 
1 39  LEU n 
1 40  ASN n 
1 41  ALA n 
1 42  ALA n 
1 43  LYS n 
1 44  SER n 
1 45  GLU n 
1 46  LEU n 
1 47  ASP n 
1 48  LYS n 
1 49  ALA n 
1 50  ILE n 
1 51  GLY n 
1 52  ARG n 
1 53  ASN n 
1 54  CYS n 
1 55  ASN n 
1 56  GLY n 
1 57  VAL n 
1 58  ILE n 
1 59  THR n 
1 60  LYS n 
1 61  ASP n 
1 62  GLU n 
1 63  ALA n 
1 64  GLU n 
1 65  LYS n 
1 66  LEU n 
1 67  PHE n 
1 68  ASN n 
1 69  GLN n 
1 70  ASP n 
1 71  VAL n 
1 72  ASP n 
1 73  ALA n 
1 74  ALA n 
1 75  VAL n 
1 76  ARG n 
1 77  GLY n 
1 78  ILE n 
1 79  LEU n 
1 80  ARG n 
1 81  ASN n 
1 82  ALA n 
1 83  LYS n 
1 84  LEU n 
1 85  LYS n 
1 86  PRO n 
1 87  VAL n 
1 88  TYR n 
1 89  ASP n 
1 90  SER n 
1 91  LEU n 
1 92  ASP n 
1 93  ALA n 
1 94  VAL n 
1 95  ARG n 
1 96  ARG n 
1 97  CYS n 
1 98  ALA n 
1 99  ALA n 
1 100 ILE n 
1 101 ASN n 
1 102 MET n 
1 103 VAL n 
1 104 PHE n 
1 105 GLN n 
1 106 MET n 
1 107 GLY n 
1 108 GLU n 
1 109 THR n 
1 110 GLY n 
1 111 VAL n 
1 112 ALA n 
1 113 GLY n 
1 114 PHE n 
1 115 THR n 
1 116 ASN n 
1 117 SER n 
1 118 LEU n 
1 119 ARG n 
1 120 MET n 
1 121 LEU n 
1 122 GLN n 
1 123 GLN n 
1 124 LYS n 
1 125 ARG n 
1 126 TRP n 
1 127 ASP n 
1 128 GLU n 
1 129 ALA n 
1 130 ALA n 
1 131 VAL n 
1 132 ASN n 
1 133 LEU n 
1 134 ALA n 
1 135 LYS n 
1 136 SER n 
1 137 ARG n 
1 138 TRP n 
1 139 TYR n 
1 140 ASN n 
1 141 GLN n 
1 142 THR n 
1 143 PRO n 
1 144 ASN n 
1 145 ARG n 
1 146 ALA n 
1 147 LYS n 
1 148 ARG n 
1 149 VAL n 
1 150 ILE n 
1 151 THR n 
1 152 THR n 
1 153 PHE n 
1 154 ARG n 
1 155 THR n 
1 156 GLY n 
1 157 THR n 
1 158 TRP n 
1 159 ASP n 
1 160 ALA n 
1 161 TYR n 
1 162 LYS n 
1 163 ASN n 
1 164 LEU n 
1 165 LEU n 
1 166 GLU n 
1 167 HIS n 
1 168 HIS n 
1 169 HIS n 
1 170 HIS n 
1 171 HIS n 
1 172 HIS n 
# 
_entity_src_gen.entity_id                          1 
_entity_src_gen.pdbx_src_id                        1 
_entity_src_gen.pdbx_alt_source_flag               sample 
_entity_src_gen.pdbx_seq_type                      'Biological sequence' 
_entity_src_gen.pdbx_beg_seq_num                   1 
_entity_src_gen.pdbx_end_seq_num                   172 
_entity_src_gen.gene_src_common_name               'Bacteriophage T4' 
_entity_src_gen.gene_src_genus                     ? 
_entity_src_gen.pdbx_gene_src_gene                 'e, T4Tp126' 
_entity_src_gen.gene_src_species                   ? 
_entity_src_gen.gene_src_strain                    ? 
_entity_src_gen.gene_src_tissue                    ? 
_entity_src_gen.gene_src_tissue_fraction           ? 
_entity_src_gen.gene_src_details                   ? 
_entity_src_gen.pdbx_gene_src_fragment             ? 
_entity_src_gen.pdbx_gene_src_scientific_name      'Enterobacteria phage T4' 
_entity_src_gen.pdbx_gene_src_ncbi_taxonomy_id     10665 
_entity_src_gen.pdbx_gene_src_variant              ? 
_entity_src_gen.pdbx_gene_src_cell_line            ? 
_entity_src_gen.pdbx_gene_src_atcc                 ? 
_entity_src_gen.pdbx_gene_src_organ                ? 
_entity_src_gen.pdbx_gene_src_organelle            ? 
_entity_src_gen.pdbx_gene_src_cell                 ? 
_entity_src_gen.pdbx_gene_src_cellular_location    ? 
_entity_src_gen.host_org_common_name               ? 
_entity_src_gen.pdbx_host_org_scientific_name      'Escherichia coli #1/H766' 
_entity_src_gen.pdbx_host_org_ncbi_taxonomy_id     1354003 
_entity_src_gen.host_org_genus                     ? 
_entity_src_gen.pdbx_host_org_gene                 ? 
_entity_src_gen.pdbx_host_org_organ                ? 
_entity_src_gen.host_org_species                   ? 
_entity_src_gen.pdbx_host_org_tissue               ? 
_entity_src_gen.pdbx_host_org_tissue_fraction      ? 
_entity_src_gen.pdbx_host_org_strain               ? 
_entity_src_gen.pdbx_host_org_variant              ? 
_entity_src_gen.pdbx_host_org_cell_line            ? 
_entity_src_gen.pdbx_host_org_atcc                 ? 
_entity_src_gen.pdbx_host_org_culture_collection   ? 
_entity_src_gen.pdbx_host_org_cell                 ? 
_entity_src_gen.pdbx_host_org_organelle            ? 
_entity_src_gen.pdbx_host_org_cellular_location    ? 
_entity_src_gen.pdbx_host_org_vector_type          ? 
_entity_src_gen.pdbx_host_org_vector               ? 
_entity_src_gen.host_org_details                   ? 
_entity_src_gen.expression_system_id               ? 
_entity_src_gen.plasmid_name                       ? 
_entity_src_gen.plasmid_details                    ? 
_entity_src_gen.pdbx_description                   ? 
# 
_struct_ref.id                         1 
_struct_ref.db_name                    UNP 
_struct_ref.db_code                    D9IEF7_BPT4 
_struct_ref.pdbx_db_accession          D9IEF7 
_struct_ref.pdbx_db_isoform            ? 
_struct_ref.entity_id                  1 
_struct_ref.pdbx_seq_one_letter_code   
;MNIFEMLRIDEGLRLKIYKDTEGYYTIGIGHLLTKSPSLNAAKSELDKAIGRNCNGVITKDEAEKLFNQDVDAAVRGILR
NAKLKPVYDSLDAVRRCALINMVFQMGETGVAGFTNSLRMLQQKRWDEAAVNLAKSRWYNQTPNRAKRVITTFRTGTWDA
YKNL
;
_struct_ref.pdbx_align_begin           1 
# 
_struct_ref_seq.align_id                      1 
_struct_ref_seq.ref_id                        1 
_struct_ref_seq.pdbx_PDB_id_code              7LX7 
_struct_ref_seq.pdbx_strand_id                A 
_struct_ref_seq.seq_align_beg                 1 
_struct_ref_seq.pdbx_seq_align_beg_ins_code   ? 
_struct_ref_seq.seq_align_end                 164 
_struct_ref_seq.pdbx_seq_align_end_ins_code   ? 
_struct_ref_seq.pdbx_db_accession             D9IEF7 
_struct_ref_seq.db_align_beg                  1 
_struct_ref_seq.pdbx_db_align_beg_ins_code    ? 
_struct_ref_seq.db_align_end                  164 
_struct_ref_seq.pdbx_db_align_end_ins_code    ? 
_struct_ref_seq.pdbx_auth_seq_align_beg       1 
_struct_ref_seq.pdbx_auth_seq_align_end       164 
# 
loop_
_struct_ref_seq_dif.align_id 
_struct_ref_seq_dif.pdbx_pdb_id_code 
_struct_ref_seq_dif.mon_id 
_struct_ref_seq_dif.pdbx_pdb_strand_id 
_struct_ref_seq_dif.seq_num 
_struct_ref_seq_dif.pdbx_pdb_ins_code 
_struct_ref_seq_dif.pdbx_seq_db_name 
_struct_ref_seq_dif.pdbx_seq_db_accession_code 
_struct_ref_seq_dif.db_mon_id 
_struct_ref_seq_dif.pdbx_seq_db_seq_num 
_struct_ref_seq_dif.details 
_struct_ref_seq_dif.pdbx_auth_seq_num 
_struct_ref_seq_dif.pdbx_ordinal 
1 7LX7 ALA A 99  ? UNP D9IEF7 LEU 99 'engineered mutation' 99  1 
1 7LX7 LEU A 165 ? UNP D9IEF7 ?   ?  'expression tag'      165 2 
1 7LX7 GLU A 166 ? UNP D9IEF7 ?   ?  'expression tag'      166 3 
1 7LX7 HIS A 167 ? UNP D9IEF7 ?   ?  'expression tag'      167 4 
1 7LX7 HIS A 168 ? UNP D9IEF7 ?   ?  'expression tag'      168 5 
1 7LX7 HIS A 169 ? UNP D9IEF7 ?   ?  'expression tag'      169 6 
1 7LX7 HIS A 170 ? UNP D9IEF7 ?   ?  'expression tag'      170 7 
1 7LX7 HIS A 171 ? UNP D9IEF7 ?   ?  'expression tag'      171 8 
1 7LX7 HIS A 172 ? UNP D9IEF7 ?   ?  'expression tag'      172 9 
# 
loop_
_chem_comp.id 
_chem_comp.type 
_chem_comp.mon_nstd_flag 
_chem_comp.name 
_chem_comp.pdbx_synonyms 
_chem_comp.formula 
_chem_comp.formula_weight 
ALA 'L-peptide linking' y ALANINE                                  ?             'C3 H7 N O2'     89.093  
ARG 'L-peptide linking' y ARGININE                                 ?             'C6 H15 N4 O2 1' 175.209 
ASN 'L-peptide linking' y ASPARAGINE                               ?             'C4 H8 N2 O3'    132.118 
ASP 'L-peptide linking' y 'ASPARTIC ACID'                          ?             'C4 H7 N O4'     133.103 
CYS 'L-peptide linking' y CYSTEINE                                 ?             'C3 H7 N O2 S'   121.158 
GLN 'L-peptide linking' y GLUTAMINE                                ?             'C5 H10 N2 O3'   146.144 
GLU 'L-peptide linking' y 'GLUTAMIC ACID'                          ?             'C5 H9 N O4'     147.129 
GLY 'peptide linking'   y GLYCINE                                  ?             'C2 H5 N O2'     75.067  
HIS 'L-peptide linking' y HISTIDINE                                ?             'C6 H10 N3 O2 1' 156.162 
HOH non-polymer         . WATER                                    ?             'H2 O'           18.015  
ILE 'L-peptide linking' y ISOLEUCINE                               ?             'C6 H13 N O2'    131.173 
LEU 'L-peptide linking' y LEUCINE                                  ?             'C6 H13 N O2'    131.173 
LYS 'L-peptide linking' y LYSINE                                   ?             'C6 H15 N2 O2 1' 147.195 
MET 'L-peptide linking' y METHIONINE                               ?             'C5 H11 N O2 S'  149.211 
PHE 'L-peptide linking' y PHENYLALANINE                            ?             'C9 H11 N O2'    165.189 
PRO 'L-peptide linking' y PROLINE                                  ?             'C5 H9 N O2'     115.130 
SER 'L-peptide linking' y SERINE                                   ?             'C3 H7 N O3'     105.093 
THR 'L-peptide linking' y THREONINE                                ?             'C4 H9 N O3'     119.119 
TRP 'L-peptide linking' y TRYPTOPHAN                               ?             'C11 H12 N2 O2'  204.225 
TRS non-polymer         . 2-AMINO-2-HYDROXYMETHYL-PROPANE-1,3-DIOL 'TRIS BUFFER' 'C4 H12 N O3 1'  122.143 
TYR 'L-peptide linking' y TYROSINE                                 ?             'C9 H11 N O3'    181.189 
VAL 'L-peptide linking' y VALINE                                   ?             'C5 H11 N O2'    117.146 
YGJ non-polymer         . '4-(2-phenylethoxy)phenol'               ?             'C14 H14 O2'     214.260 
# 
_exptl.absorpt_coefficient_mu     ? 
_exptl.absorpt_correction_T_max   ? 
_exptl.absorpt_correction_T_min   ? 
_exptl.absorpt_correction_type    ? 
_exptl.absorpt_process_details    ? 
_exptl.entry_id                   7LX7 
_exptl.crystals_number            1 
_exptl.details                    ? 
_exptl.method                     'X-RAY DIFFRACTION' 
_exptl.method_details             ? 
# 
_exptl_crystal.colour                      ? 
_exptl_crystal.density_diffrn              ? 
_exptl_crystal.density_Matthews            2.56 
_exptl_crystal.density_method              ? 
_exptl_crystal.density_percent_sol         51.96 
_exptl_crystal.description                 ? 
_exptl_crystal.F_000                       ? 
_exptl_crystal.id                          1 
_exptl_crystal.preparation                 ? 
_exptl_crystal.size_max                    ? 
_exptl_crystal.size_mid                    ? 
_exptl_crystal.size_min                    ? 
_exptl_crystal.size_rad                    ? 
_exptl_crystal.colour_lustre               ? 
_exptl_crystal.colour_modifier             ? 
_exptl_crystal.colour_primary              ? 
_exptl_crystal.density_meas                ? 
_exptl_crystal.density_meas_esd            ? 
_exptl_crystal.density_meas_gt             ? 
_exptl_crystal.density_meas_lt             ? 
_exptl_crystal.density_meas_temp           ? 
_exptl_crystal.density_meas_temp_esd       ? 
_exptl_crystal.density_meas_temp_gt        ? 
_exptl_crystal.density_meas_temp_lt        ? 
_exptl_crystal.pdbx_crystal_image_url      ? 
_exptl_crystal.pdbx_crystal_image_format   ? 
_exptl_crystal.pdbx_mosaicity              ? 
_exptl_crystal.pdbx_mosaicity_esd          ? 
# 
_exptl_crystal_grow.apparatus       ? 
_exptl_crystal_grow.atmosphere      ? 
_exptl_crystal_grow.crystal_id      1 
_exptl_crystal_grow.details         ? 
_exptl_crystal_grow.method          'VAPOR DIFFUSION, HANGING DROP' 
_exptl_crystal_grow.method_ref      ? 
_exptl_crystal_grow.pH              8 
_exptl_crystal_grow.pressure        ? 
_exptl_crystal_grow.pressure_esd    ? 
_exptl_crystal_grow.seeding         ? 
_exptl_crystal_grow.seeding_ref     ? 
_exptl_crystal_grow.temp            294 
_exptl_crystal_grow.temp_details    ? 
_exptl_crystal_grow.temp_esd        ? 
_exptl_crystal_grow.time            ? 
_exptl_crystal_grow.pdbx_details    'Isopropanol, PEG 4000, Tris-Cl pH 8.0, Beta-mercaptoethanol,  2-hyrdoxyethyl disulfide' 
_exptl_crystal_grow.pdbx_pH_range   ? 
# 
_diffrn.ambient_environment              ? 
_diffrn.ambient_temp                     100 
_diffrn.ambient_temp_details             ? 
_diffrn.ambient_temp_esd                 ? 
_diffrn.crystal_id                       1 
_diffrn.crystal_support                  ? 
_diffrn.crystal_treatment                ? 
_diffrn.details                          ? 
_diffrn.id                               1 
_diffrn.ambient_pressure                 ? 
_diffrn.ambient_pressure_esd             ? 
_diffrn.ambient_pressure_gt              ? 
_diffrn.ambient_pressure_lt              ? 
_diffrn.ambient_temp_gt                  ? 
_diffrn.ambient_temp_lt                  ? 
_diffrn.pdbx_serial_crystal_experiment   N 
# 
_diffrn_detector.details                      ? 
_diffrn_detector.detector                     PIXEL 
_diffrn_detector.diffrn_id                    1 
_diffrn_detector.type                         'DECTRIS PILATUS3 S 6M' 
_diffrn_detector.area_resol_mean              ? 
_diffrn_detector.dtime                        ? 
_diffrn_detector.pdbx_frames_total            ? 
_diffrn_detector.pdbx_collection_time_total   ? 
_diffrn_detector.pdbx_collection_date         2020-11-24 
_diffrn_detector.pdbx_frequency               ? 
# 
_diffrn_radiation.collimation                      ? 
_diffrn_radiation.diffrn_id                        1 
_diffrn_radiation.filter_edge                      ? 
_diffrn_radiation.inhomogeneity                    ? 
_diffrn_radiation.monochromator                    M 
_diffrn_radiation.polarisn_norm                    ? 
_diffrn_radiation.polarisn_ratio                   ? 
_diffrn_radiation.probe                            ? 
_diffrn_radiation.type                             ? 
_diffrn_radiation.xray_symbol                      ? 
_diffrn_radiation.wavelength_id                    1 
_diffrn_radiation.pdbx_monochromatic_or_laue_m_l   M 
_diffrn_radiation.pdbx_wavelength_list             ? 
_diffrn_radiation.pdbx_wavelength                  ? 
_diffrn_radiation.pdbx_diffrn_protocol             'SINGLE WAVELENGTH' 
_diffrn_radiation.pdbx_analyzer                    ? 
_diffrn_radiation.pdbx_scattering_type             x-ray 
# 
_diffrn_radiation_wavelength.id           1 
_diffrn_radiation_wavelength.wavelength   0.95386 
_diffrn_radiation_wavelength.wt           1.0 
# 
_diffrn_source.current                     ? 
_diffrn_source.details                     ? 
_diffrn_source.diffrn_id                   1 
_diffrn_source.power                       ? 
_diffrn_source.size                        ? 
_diffrn_source.source                      SYNCHROTRON 
_diffrn_source.target                      ? 
_diffrn_source.type                        'ALS BEAMLINE 8.3.1' 
_diffrn_source.voltage                     ? 
_diffrn_source.take-off_angle              ? 
_diffrn_source.pdbx_wavelength_list        0.95386 
_diffrn_source.pdbx_wavelength             ? 
_diffrn_source.pdbx_synchrotron_beamline   8.3.1 
_diffrn_source.pdbx_synchrotron_site       ALS 
# 
_reflns.B_iso_Wilson_estimate            12.570 
_reflns.entry_id                         7LX7 
_reflns.data_reduction_details           ? 
_reflns.data_reduction_method            ? 
_reflns.d_resolution_high                1.050 
_reflns.d_resolution_low                 96.210 
_reflns.details                          ? 
_reflns.limit_h_max                      ? 
_reflns.limit_h_min                      ? 
_reflns.limit_k_max                      ? 
_reflns.limit_k_min                      ? 
_reflns.limit_l_max                      ? 
_reflns.limit_l_min                      ? 
_reflns.number_all                       ? 
_reflns.number_obs                       92402 
_reflns.observed_criterion               ? 
_reflns.observed_criterion_F_max         ? 
_reflns.observed_criterion_F_min         ? 
_reflns.observed_criterion_I_max         ? 
_reflns.observed_criterion_I_min         ? 
_reflns.observed_criterion_sigma_F       ? 
_reflns.observed_criterion_sigma_I       ? 
_reflns.percent_possible_obs             97.600 
_reflns.R_free_details                   ? 
_reflns.Rmerge_F_all                     ? 
_reflns.Rmerge_F_obs                     ? 
_reflns.Friedel_coverage                 ? 
_reflns.number_gt                        ? 
_reflns.threshold_expression             ? 
_reflns.pdbx_redundancy                  18.500 
_reflns.pdbx_Rmerge_I_obs                0.052 
_reflns.pdbx_Rmerge_I_all                ? 
_reflns.pdbx_Rsym_value                  ? 
_reflns.pdbx_netI_over_av_sigmaI         ? 
_reflns.pdbx_netI_over_sigmaI            22.900 
_reflns.pdbx_res_netI_over_av_sigmaI_2   ? 
_reflns.pdbx_res_netI_over_sigmaI_2      ? 
_reflns.pdbx_chi_squared                 ? 
_reflns.pdbx_scaling_rejects             36 
_reflns.pdbx_d_res_high_opt              ? 
_reflns.pdbx_d_res_low_opt               ? 
_reflns.pdbx_d_res_opt_method            ? 
_reflns.phase_calculation_details        ? 
_reflns.pdbx_Rrim_I_all                  0.054 
_reflns.pdbx_Rpim_I_all                  0.012 
_reflns.pdbx_d_opt                       ? 
_reflns.pdbx_number_measured_all         1712996 
_reflns.pdbx_diffrn_id                   1 
_reflns.pdbx_ordinal                     1 
_reflns.pdbx_CC_half                     1.000 
_reflns.pdbx_CC_star                     ? 
_reflns.pdbx_R_split                     ? 
# 
loop_
_reflns_shell.d_res_high 
_reflns_shell.d_res_low 
_reflns_shell.meanI_over_sigI_all 
_reflns_shell.meanI_over_sigI_obs 
_reflns_shell.number_measured_all 
_reflns_shell.number_measured_obs 
_reflns_shell.number_possible 
_reflns_shell.number_unique_all 
_reflns_shell.number_unique_obs 
_reflns_shell.percent_possible_all 
_reflns_shell.percent_possible_obs 
_reflns_shell.Rmerge_F_all 
_reflns_shell.Rmerge_F_obs 
_reflns_shell.Rmerge_I_all 
_reflns_shell.Rmerge_I_obs 
_reflns_shell.meanI_over_sigI_gt 
_reflns_shell.meanI_over_uI_all 
_reflns_shell.meanI_over_uI_gt 
_reflns_shell.number_measured_gt 
_reflns_shell.number_unique_gt 
_reflns_shell.percent_possible_gt 
_reflns_shell.Rmerge_F_gt 
_reflns_shell.Rmerge_I_gt 
_reflns_shell.pdbx_redundancy 
_reflns_shell.pdbx_Rsym_value 
_reflns_shell.pdbx_chi_squared 
_reflns_shell.pdbx_netI_over_sigmaI_all 
_reflns_shell.pdbx_netI_over_sigmaI_obs 
_reflns_shell.pdbx_Rrim_I_all 
_reflns_shell.pdbx_Rpim_I_all 
_reflns_shell.pdbx_rejects 
_reflns_shell.pdbx_ordinal 
_reflns_shell.pdbx_diffrn_id 
_reflns_shell.pdbx_CC_half 
_reflns_shell.pdbx_CC_star 
_reflns_shell.pdbx_R_split 
1.050 1.070  ? ? 42246 ? ? ? 3652 79.200 ? ? ? ? 2.143 ? ? ? ? ? ? ? ? 11.600 ? ? ? 1.200  2.242 0.639 ? 1 1 0.404 ? ? 
5.750 96.210 ? ? 12792 ? ? ? 684  99.900 ? ? ? ? 0.024 ? ? ? ? ? ? ? ? 18.700 ? ? ? 92.300 0.025 0.006 ? 2 1 0.999 ? ? 
# 
_refine.aniso_B[1][1]                            ? 
_refine.aniso_B[1][2]                            ? 
_refine.aniso_B[1][3]                            ? 
_refine.aniso_B[2][2]                            ? 
_refine.aniso_B[2][3]                            ? 
_refine.aniso_B[3][3]                            ? 
_refine.B_iso_max                                37.070 
_refine.B_iso_mean                               14.9224 
_refine.B_iso_min                                8.570 
_refine.correlation_coeff_Fo_to_Fc               ? 
_refine.correlation_coeff_Fo_to_Fc_free          ? 
_refine.details                                  ? 
_refine.diff_density_max                         ? 
_refine.diff_density_max_esd                     ? 
_refine.diff_density_min                         ? 
_refine.diff_density_min_esd                     ? 
_refine.diff_density_rms                         ? 
_refine.diff_density_rms_esd                     ? 
_refine.entry_id                                 7LX7 
_refine.pdbx_refine_id                           'X-RAY DIFFRACTION' 
_refine.ls_abs_structure_details                 ? 
_refine.ls_abs_structure_Flack                   ? 
_refine.ls_abs_structure_Flack_esd               ? 
_refine.ls_abs_structure_Rogers                  ? 
_refine.ls_abs_structure_Rogers_esd              ? 
_refine.ls_d_res_high                            1.0500 
_refine.ls_d_res_low                             52.1820 
_refine.ls_extinction_coef                       ? 
_refine.ls_extinction_coef_esd                   ? 
_refine.ls_extinction_expression                 ? 
_refine.ls_extinction_method                     ? 
_refine.ls_goodness_of_fit_all                   ? 
_refine.ls_goodness_of_fit_all_esd               ? 
_refine.ls_goodness_of_fit_obs                   ? 
_refine.ls_goodness_of_fit_obs_esd               ? 
_refine.ls_hydrogen_treatment                    ? 
_refine.ls_matrix_type                           ? 
_refine.ls_number_constraints                    ? 
_refine.ls_number_parameters                     ? 
_refine.ls_number_reflns_all                     ? 
_refine.ls_number_reflns_obs                     92346 
_refine.ls_number_reflns_R_free                  4781 
_refine.ls_number_reflns_R_work                  87565 
_refine.ls_number_restraints                     ? 
_refine.ls_percent_reflns_obs                    97.4400 
_refine.ls_percent_reflns_R_free                 5.1800 
_refine.ls_R_factor_all                          ? 
_refine.ls_R_factor_obs                          0.1941 
_refine.ls_R_factor_R_free                       0.2021 
_refine.ls_R_factor_R_free_error                 ? 
_refine.ls_R_factor_R_free_error_details         ? 
_refine.ls_R_factor_R_work                       0.1937 
_refine.ls_R_Fsqd_factor_obs                     ? 
_refine.ls_R_I_factor_obs                        ? 
_refine.ls_redundancy_reflns_all                 ? 
_refine.ls_redundancy_reflns_obs                 ? 
_refine.ls_restrained_S_all                      ? 
_refine.ls_restrained_S_obs                      ? 
_refine.ls_shift_over_esd_max                    ? 
_refine.ls_shift_over_esd_mean                   ? 
_refine.ls_structure_factor_coef                 ? 
_refine.ls_weighting_details                     ? 
_refine.ls_weighting_scheme                      ? 
_refine.ls_wR_factor_all                         ? 
_refine.ls_wR_factor_obs                         ? 
_refine.ls_wR_factor_R_free                      ? 
_refine.ls_wR_factor_R_work                      ? 
_refine.occupancy_max                            ? 
_refine.occupancy_min                            ? 
_refine.solvent_model_details                    'FLAT BULK SOLVENT MODEL' 
_refine.solvent_model_param_bsol                 ? 
_refine.solvent_model_param_ksol                 ? 
_refine.pdbx_R_complete                          ? 
_refine.ls_R_factor_gt                           ? 
_refine.ls_goodness_of_fit_gt                    ? 
_refine.ls_goodness_of_fit_ref                   ? 
_refine.ls_shift_over_su_max                     ? 
_refine.ls_shift_over_su_max_lt                  ? 
_refine.ls_shift_over_su_mean                    ? 
_refine.ls_shift_over_su_mean_lt                 ? 
_refine.pdbx_ls_sigma_I                          ? 
_refine.pdbx_ls_sigma_F                          1.340 
_refine.pdbx_ls_sigma_Fsqd                       ? 
_refine.pdbx_data_cutoff_high_absF               ? 
_refine.pdbx_data_cutoff_high_rms_absF           ? 
_refine.pdbx_data_cutoff_low_absF                ? 
_refine.pdbx_isotropic_thermal_model             ? 
_refine.pdbx_ls_cross_valid_method               THROUGHOUT 
_refine.pdbx_method_to_determine_struct          'MOLECULAR REPLACEMENT' 
_refine.pdbx_starting_model                      4W57 
_refine.pdbx_stereochemistry_target_values       ML 
_refine.pdbx_R_Free_selection_details            ? 
_refine.pdbx_stereochem_target_val_spec_case     ? 
_refine.pdbx_overall_ESU_R                       ? 
_refine.pdbx_overall_ESU_R_Free                  ? 
_refine.pdbx_solvent_vdw_probe_radii             1.1100 
_refine.pdbx_solvent_ion_probe_radii             ? 
_refine.pdbx_solvent_shrinkage_radii             0.9000 
_refine.pdbx_real_space_R                        ? 
_refine.pdbx_density_correlation                 ? 
_refine.pdbx_pd_number_of_powder_patterns        ? 
_refine.pdbx_pd_number_of_points                 ? 
_refine.pdbx_pd_meas_number_of_points            ? 
_refine.pdbx_pd_proc_ls_prof_R_factor            ? 
_refine.pdbx_pd_proc_ls_prof_wR_factor           ? 
_refine.pdbx_pd_Marquardt_correlation_coeff      ? 
_refine.pdbx_pd_Fsqrd_R_factor                   ? 
_refine.pdbx_pd_ls_matrix_band_width             ? 
_refine.pdbx_overall_phase_error                 20.4300 
_refine.pdbx_overall_SU_R_free_Cruickshank_DPI   ? 
_refine.pdbx_overall_SU_R_free_Blow_DPI          ? 
_refine.pdbx_overall_SU_R_Blow_DPI               ? 
_refine.pdbx_TLS_residual_ADP_flag               ? 
_refine.pdbx_diffrn_id                           1 
_refine.overall_SU_B                             ? 
_refine.overall_SU_ML                            0.0900 
_refine.overall_SU_R_Cruickshank_DPI             ? 
_refine.overall_SU_R_free                        ? 
_refine.overall_FOM_free_R_set                   ? 
_refine.overall_FOM_work_R_set                   ? 
_refine.pdbx_average_fsc_overall                 ? 
_refine.pdbx_average_fsc_work                    ? 
_refine.pdbx_average_fsc_free                    ? 
# 
_refine_hist.pdbx_refine_id                   'X-RAY DIFFRACTION' 
_refine_hist.cycle_id                         final 
_refine_hist.details                          ? 
_refine_hist.d_res_high                       1.0500 
_refine_hist.d_res_low                        52.1820 
_refine_hist.number_atoms_solvent             139 
_refine_hist.number_atoms_total               1448 
_refine_hist.number_reflns_all                ? 
_refine_hist.number_reflns_obs                ? 
_refine_hist.number_reflns_R_free             ? 
_refine_hist.number_reflns_R_work             ? 
_refine_hist.R_factor_all                     ? 
_refine_hist.R_factor_obs                     ? 
_refine_hist.R_factor_R_free                  ? 
_refine_hist.R_factor_R_work                  ? 
_refine_hist.pdbx_number_residues_total       162 
_refine_hist.pdbx_B_iso_mean_ligand           15.03 
_refine_hist.pdbx_B_iso_mean_solvent          21.52 
_refine_hist.pdbx_number_atoms_protein        1285 
_refine_hist.pdbx_number_atoms_nucleic_acid   0 
_refine_hist.pdbx_number_atoms_ligand         24 
_refine_hist.pdbx_number_atoms_lipid          ? 
_refine_hist.pdbx_number_atoms_carb           ? 
_refine_hist.pdbx_pseudo_atom_details         ? 
# 
loop_
_refine_ls_restr.pdbx_refine_id 
_refine_ls_restr.criterion 
_refine_ls_restr.dev_ideal 
_refine_ls_restr.dev_ideal_target 
_refine_ls_restr.number 
_refine_ls_restr.rejects 
_refine_ls_restr.type 
_refine_ls_restr.weight 
_refine_ls_restr.pdbx_restraint_function 
'X-RAY DIFFRACTION' ? 0.004 ? 1335 ? f_bond_d           ? ? 
'X-RAY DIFFRACTION' ? 0.785 ? 1796 ? f_angle_d          ? ? 
'X-RAY DIFFRACTION' ? 0.068 ? 196  ? f_chiral_restr     ? ? 
'X-RAY DIFFRACTION' ? 0.005 ? 228  ? f_plane_restr      ? ? 
'X-RAY DIFFRACTION' ? 4.060 ? 813  ? f_dihedral_angle_d ? ? 
# 
loop_
_refine_ls_shell.pdbx_refine_id 
_refine_ls_shell.d_res_high 
_refine_ls_shell.d_res_low 
_refine_ls_shell.number_reflns_all 
_refine_ls_shell.number_reflns_obs 
_refine_ls_shell.number_reflns_R_free 
_refine_ls_shell.number_reflns_R_work 
_refine_ls_shell.percent_reflns_obs 
_refine_ls_shell.percent_reflns_R_free 
_refine_ls_shell.R_factor_all 
_refine_ls_shell.R_factor_obs 
_refine_ls_shell.R_factor_R_free 
_refine_ls_shell.R_factor_R_free_error 
_refine_ls_shell.R_factor_R_work 
_refine_ls_shell.redundancy_reflns_all 
_refine_ls_shell.redundancy_reflns_obs 
_refine_ls_shell.wR_factor_all 
_refine_ls_shell.wR_factor_obs 
_refine_ls_shell.wR_factor_R_free 
_refine_ls_shell.wR_factor_R_work 
_refine_ls_shell.pdbx_R_complete 
_refine_ls_shell.pdbx_total_number_of_bins_used 
_refine_ls_shell.pdbx_phase_error 
_refine_ls_shell.pdbx_fsc_work 
_refine_ls_shell.pdbx_fsc_free 
'X-RAY DIFFRACTION' 1.0500 1.0619  . . 137 2235 77.0000  . . . 0.3169 0.0000 0.3269 . . . . . . . . . . . 
'X-RAY DIFFRACTION' 1.0619 1.0744  . . 147 2494 84.0000  . . . 0.3028 0.0000 0.3175 . . . . . . . . . . . 
'X-RAY DIFFRACTION' 1.0744 1.0875  . . 144 2664 91.0000  . . . 0.3271 0.0000 0.2912 . . . . . . . . . . . 
'X-RAY DIFFRACTION' 1.0875 1.1013  . . 139 2872 95.0000  . . . 0.2783 0.0000 0.2754 . . . . . . . . . . . 
'X-RAY DIFFRACTION' 1.1013 1.1158  . . 134 2874 97.0000  . . . 0.2861 0.0000 0.2522 . . . . . . . . . . . 
'X-RAY DIFFRACTION' 1.1158 1.1311  . . 141 2889 98.0000  . . . 0.2316 0.0000 0.2428 . . . . . . . . . . . 
'X-RAY DIFFRACTION' 1.1311 1.1473  . . 143 2919 98.0000  . . . 0.2230 0.0000 0.2330 . . . . . . . . . . . 
'X-RAY DIFFRACTION' 1.1473 1.1644  . . 149 2934 98.0000  . . . 0.2144 0.0000 0.2238 . . . . . . . . . . . 
'X-RAY DIFFRACTION' 1.1644 1.1826  . . 115 2968 98.0000  . . . 0.2402 0.0000 0.2122 . . . . . . . . . . . 
'X-RAY DIFFRACTION' 1.1826 1.2020  . . 163 2900 98.0000  . . . 0.2130 0.0000 0.2108 . . . . . . . . . . . 
'X-RAY DIFFRACTION' 1.2020 1.2227  . . 160 2931 99.0000  . . . 0.2023 0.0000 0.2031 . . . . . . . . . . . 
'X-RAY DIFFRACTION' 1.2227 1.2449  . . 169 2926 99.0000  . . . 0.2249 0.0000 0.2037 . . . . . . . . . . . 
'X-RAY DIFFRACTION' 1.2449 1.2689  . . 159 2921 99.0000  . . . 0.2201 0.0000 0.2015 . . . . . . . . . . . 
'X-RAY DIFFRACTION' 1.2689 1.2948  . . 161 2950 99.0000  . . . 0.1986 0.0000 0.1918 . . . . . . . . . . . 
'X-RAY DIFFRACTION' 1.2948 1.3229  . . 207 2879 99.0000  . . . 0.1956 0.0000 0.1914 . . . . . . . . . . . 
'X-RAY DIFFRACTION' 1.3229 1.3537  . . 195 2933 99.0000  . . . 0.1821 0.0000 0.1878 . . . . . . . . . . . 
'X-RAY DIFFRACTION' 1.3537 1.3876  . . 161 2966 99.0000  . . . 0.1740 0.0000 0.1863 . . . . . . . . . . . 
'X-RAY DIFFRACTION' 1.3876 1.4251  . . 173 2923 99.0000  . . . 0.1895 0.0000 0.1872 . . . . . . . . . . . 
'X-RAY DIFFRACTION' 1.4251 1.4670  . . 175 2995 99.0000  . . . 0.2099 0.0000 0.1808 . . . . . . . . . . . 
'X-RAY DIFFRACTION' 1.4670 1.5144  . . 161 2965 100.0000 . . . 0.2024 0.0000 0.1753 . . . . . . . . . . . 
'X-RAY DIFFRACTION' 1.5144 1.5685  . . 147 2955 100.0000 . . . 0.1662 0.0000 0.1771 . . . . . . . . . . . 
'X-RAY DIFFRACTION' 1.5685 1.6313  . . 190 3024 100.0000 . . . 0.1746 0.0000 0.1716 . . . . . . . . . . . 
'X-RAY DIFFRACTION' 1.6313 1.7056  . . 152 2970 100.0000 . . . 0.1873 0.0000 0.1780 . . . . . . . . . . . 
'X-RAY DIFFRACTION' 1.7056 1.7955  . . 169 3016 100.0000 . . . 0.1861 0.0000 0.1775 . . . . . . . . . . . 
'X-RAY DIFFRACTION' 1.7955 1.9080  . . 175 2984 100.0000 . . . 0.1877 0.0000 0.1842 . . . . . . . . . . . 
'X-RAY DIFFRACTION' 1.9080 2.0553  . . 172 3024 100.0000 . . . 0.1785 0.0000 0.1842 . . . . . . . . . . . 
'X-RAY DIFFRACTION' 2.0553 2.2621  . . 156 3053 100.0000 . . . 0.1905 0.0000 0.1758 . . . . . . . . . . . 
'X-RAY DIFFRACTION' 2.2621 2.5895  . . 151 3087 100.0000 . . . 0.2198 0.0000 0.1907 . . . . . . . . . . . 
'X-RAY DIFFRACTION' 2.5895 3.2624  . . 148 3100 100.0000 . . . 0.2197 0.0000 0.2058 . . . . . . . . . . . 
'X-RAY DIFFRACTION' 3.2624 52.1820 . . 188 3214 100.0000 . . . 0.1991 0.0000 0.1941 . . . . . . . . . . . 
# 
_struct.entry_id                     7LX7 
_struct.title                        'T4 lysozyme mutant L99A' 
_struct.pdbx_model_details           ? 
_struct.pdbx_formula_weight          ? 
_struct.pdbx_formula_weight_method   ? 
_struct.pdbx_model_type_details      ? 
_struct.pdbx_CASP_flag               N 
# 
_struct_keywords.entry_id        7LX7 
_struct_keywords.text            'mutant, lysozyme, small molecule, L99A, complex, PROTEIN BINDING, HYDROLASE' 
_struct_keywords.pdbx_keywords   'PROTEIN BINDING,HYDROLASE' 
# 
loop_
_struct_asym.id 
_struct_asym.pdbx_blank_PDB_chainid_flag 
_struct_asym.pdbx_modified 
_struct_asym.entity_id 
_struct_asym.details 
A N N 1 ? 
B N N 2 ? 
C N N 3 ? 
D N N 4 ? 
# 
loop_
_struct_conf.conf_type_id 
_struct_conf.id 
_struct_conf.pdbx_PDB_helix_id 
_struct_conf.beg_label_comp_id 
_struct_conf.beg_label_asym_id 
_struct_conf.beg_label_seq_id 
_struct_conf.pdbx_beg_PDB_ins_code 
_struct_conf.end_label_comp_id 
_struct_conf.end_label_asym_id 
_struct_conf.end_label_seq_id 
_struct_conf.pdbx_end_PDB_ins_code 
_struct_conf.beg_auth_comp_id 
_struct_conf.beg_auth_asym_id 
_struct_conf.beg_auth_seq_id 
_struct_conf.end_auth_comp_id 
_struct_conf.end_auth_asym_id 
_struct_conf.end_auth_seq_id 
_struct_conf.pdbx_PDB_helix_class 
_struct_conf.details 
_struct_conf.pdbx_PDB_helix_length 
HELX_P HELX_P1 AA1 ASN A 2   ? GLY A 12  ? ASN A 2   GLY A 12  1 ? 11 
HELX_P HELX_P2 AA2 SER A 38  ? GLY A 51  ? SER A 38  GLY A 51  1 ? 14 
HELX_P HELX_P3 AA3 THR A 59  ? ASN A 81  ? THR A 59  ASN A 81  1 ? 23 
HELX_P HELX_P4 AA4 LYS A 83  ? LEU A 91  ? LYS A 83  LEU A 91  1 ? 9  
HELX_P HELX_P5 AA5 ASP A 92  ? GLY A 107 ? ASP A 92  GLY A 107 1 ? 16 
HELX_P HELX_P6 AA6 PHE A 114 ? GLN A 123 ? PHE A 114 GLN A 123 1 ? 10 
HELX_P HELX_P7 AA7 ARG A 125 ? LYS A 135 ? ARG A 125 LYS A 135 1 ? 11 
HELX_P HELX_P8 AA8 SER A 136 ? THR A 142 ? SER A 136 THR A 142 1 ? 7  
HELX_P HELX_P9 AA9 THR A 142 ? GLY A 156 ? THR A 142 GLY A 156 1 ? 15 
# 
_struct_conf_type.id          HELX_P 
_struct_conf_type.criteria    ? 
_struct_conf_type.reference   ? 
# 
_struct_sheet.id               AA1 
_struct_sheet.type             ? 
_struct_sheet.number_strands   3 
_struct_sheet.details          ? 
# 
loop_
_struct_sheet_order.sheet_id 
_struct_sheet_order.range_id_1 
_struct_sheet_order.range_id_2 
_struct_sheet_order.offset 
_struct_sheet_order.sense 
AA1 1 2 ? anti-parallel 
AA1 2 3 ? anti-parallel 
# 
loop_
_struct_sheet_range.sheet_id 
_struct_sheet_range.id 
_struct_sheet_range.beg_label_comp_id 
_struct_sheet_range.beg_label_asym_id 
_struct_sheet_range.beg_label_seq_id 
_struct_sheet_range.pdbx_beg_PDB_ins_code 
_struct_sheet_range.end_label_comp_id 
_struct_sheet_range.end_label_asym_id 
_struct_sheet_range.end_label_seq_id 
_struct_sheet_range.pdbx_end_PDB_ins_code 
_struct_sheet_range.beg_auth_comp_id 
_struct_sheet_range.beg_auth_asym_id 
_struct_sheet_range.beg_auth_seq_id 
_struct_sheet_range.end_auth_comp_id 
_struct_sheet_range.end_auth_asym_id 
_struct_sheet_range.end_auth_seq_id 
AA1 1 ARG A 14 ? LYS A 19 ? ARG A 14 LYS A 19 
AA1 2 TYR A 25 ? GLY A 28 ? TYR A 25 GLY A 28 
AA1 3 HIS A 31 ? THR A 34 ? HIS A 31 THR A 34 
# 
loop_
_pdbx_struct_sheet_hbond.sheet_id 
_pdbx_struct_sheet_hbond.range_id_1 
_pdbx_struct_sheet_hbond.range_id_2 
_pdbx_struct_sheet_hbond.range_1_label_atom_id 
_pdbx_struct_sheet_hbond.range_1_label_comp_id 
_pdbx_struct_sheet_hbond.range_1_label_asym_id 
_pdbx_struct_sheet_hbond.range_1_label_seq_id 
_pdbx_struct_sheet_hbond.range_1_PDB_ins_code 
_pdbx_struct_sheet_hbond.range_1_auth_atom_id 
_pdbx_struct_sheet_hbond.range_1_auth_comp_id 
_pdbx_struct_sheet_hbond.range_1_auth_asym_id 
_pdbx_struct_sheet_hbond.range_1_auth_seq_id 
_pdbx_struct_sheet_hbond.range_2_label_atom_id 
_pdbx_struct_sheet_hbond.range_2_label_comp_id 
_pdbx_struct_sheet_hbond.range_2_label_asym_id 
_pdbx_struct_sheet_hbond.range_2_label_seq_id 
_pdbx_struct_sheet_hbond.range_2_PDB_ins_code 
_pdbx_struct_sheet_hbond.range_2_auth_atom_id 
_pdbx_struct_sheet_hbond.range_2_auth_comp_id 
_pdbx_struct_sheet_hbond.range_2_auth_asym_id 
_pdbx_struct_sheet_hbond.range_2_auth_seq_id 
AA1 1 2 N TYR A 18 ? N TYR A 18 O THR A 26 ? O THR A 26 
AA1 2 3 N TYR A 25 ? N TYR A 25 O LEU A 33 ? O LEU A 33 
# 
loop_
_struct_site.id 
_struct_site.pdbx_evidence_code 
_struct_site.pdbx_auth_asym_id 
_struct_site.pdbx_auth_comp_id 
_struct_site.pdbx_auth_seq_id 
_struct_site.pdbx_auth_ins_code 
_struct_site.pdbx_num_residues 
_struct_site.details 
AC1 Software A YGJ 201 ? 8 'binding site for residue YGJ A 201' 
AC2 Software A TRS 202 ? 5 'binding site for residue TRS A 202' 
# 
loop_
_struct_site_gen.id 
_struct_site_gen.site_id 
_struct_site_gen.pdbx_num_res 
_struct_site_gen.label_comp_id 
_struct_site_gen.label_asym_id 
_struct_site_gen.label_seq_id 
_struct_site_gen.pdbx_auth_ins_code 
_struct_site_gen.auth_comp_id 
_struct_site_gen.auth_asym_id 
_struct_site_gen.auth_seq_id 
_struct_site_gen.label_atom_id 
_struct_site_gen.label_alt_id 
_struct_site_gen.symmetry 
_struct_site_gen.details 
1  AC1 8 VAL A 87  ? VAL A 87  . ? 1_555 ? 
2  AC1 8 ALA A 99  ? ALA A 99  . ? 1_555 ? 
3  AC1 8 MET A 106 ? MET A 106 . ? 1_555 ? 
4  AC1 8 GLY A 107 ? GLY A 107 . ? 1_555 ? 
5  AC1 8 GLY A 110 ? GLY A 110 . ? 1_555 ? 
6  AC1 8 VAL A 111 ? VAL A 111 . ? 1_555 ? 
7  AC1 8 PHE A 114 ? PHE A 114 . ? 1_555 ? 
8  AC1 8 LEU A 118 ? LEU A 118 . ? 1_555 ? 
9  AC2 5 GLU A 11  ? GLU A 11  . ? 1_555 ? 
10 AC2 5 GLY A 30  ? GLY A 30  . ? 1_555 ? 
11 AC2 5 PHE A 104 ? PHE A 104 . ? 1_555 ? 
12 AC2 5 GLN A 105 ? GLN A 105 . ? 1_555 ? 
13 AC2 5 HOH D .   ? HOH A 303 . ? 1_555 ? 
# 
_atom_sites.entry_id                    7LX7 
_atom_sites.Cartn_transf_matrix[1][1]   ? 
_atom_sites.Cartn_transf_matrix[1][2]   ? 
_atom_sites.Cartn_transf_matrix[1][3]   ? 
_atom_sites.Cartn_transf_matrix[2][1]   ? 
_atom_sites.Cartn_transf_matrix[2][2]   ? 
_atom_sites.Cartn_transf_matrix[2][3]   ? 
_atom_sites.Cartn_transf_matrix[3][1]   ? 
_atom_sites.Cartn_transf_matrix[3][2]   ? 
_atom_sites.Cartn_transf_matrix[3][3]   ? 
_atom_sites.Cartn_transf_vector[1]      ? 
_atom_sites.Cartn_transf_vector[2]      ? 
_atom_sites.Cartn_transf_vector[3]      ? 
_atom_sites.fract_transf_matrix[1][1]   -0.00148397 
_atom_sites.fract_transf_matrix[1][2]   -0.01651933 
_atom_sites.fract_transf_matrix[1][3]   -0.00959955 
_atom_sites.fract_transf_matrix[2][1]   0.01310910 
_atom_sites.fract_transf_matrix[2][2]   -0.01375186 
_atom_sites.fract_transf_matrix[2][3]   0.00250934 
_atom_sites.fract_transf_matrix[3][1]   -0.00566896 
_atom_sites.fract_transf_matrix[3][2]   -0.00399091 
_atom_sites.fract_transf_matrix[3][3]   0.00774408 
_atom_sites.fract_transf_vector[1]      -0.459066 
_atom_sites.fract_transf_vector[2]      0.316239 
_atom_sites.fract_transf_vector[3]      -0.064812 
_atom_sites.solution_primary            ? 
_atom_sites.solution_secondary          ? 
_atom_sites.solution_hydrogens          ? 
_atom_sites.special_details             ? 
# 
loop_
_atom_type.symbol 
C 
N 
O 
S 
# 
loop_
_atom_site.group_PDB 
_atom_site.id 
_atom_site.type_symbol 
_atom_site.label_atom_id 
_atom_site.label_alt_id 
_atom_site.label_comp_id 
_atom_site.label_asym_id 
_atom_site.label_entity_id 
_atom_site.label_seq_id 
_atom_site.pdbx_PDB_ins_code 
_atom_site.Cartn_x 
_atom_site.Cartn_y 
_atom_site.Cartn_z 
_atom_site.occupancy 
_atom_site.B_iso_or_equiv 
_atom_site.pdbx_formal_charge 
_atom_site.auth_seq_id 
_atom_site.auth_comp_id 
_atom_site.auth_asym_id 
_atom_site.auth_atom_id 
_atom_site.pdbx_PDB_model_num 
ATOM   1    N N   . MET A 1 1   ? 8.527   10.384  10.918  1.00 20.22 ? 1   MET A N   1 
ATOM   2    C CA  . MET A 1 1   ? 7.940   9.651   9.807   1.00 17.07 ? 1   MET A CA  1 
ATOM   3    C C   . MET A 1 1   ? 8.180   8.148   9.884   1.00 13.44 ? 1   MET A C   1 
ATOM   4    O O   . MET A 1 1   ? 9.276   7.691   10.217  1.00 14.32 ? 1   MET A O   1 
ATOM   5    C CB  . MET A 1 1   ? 8.419   10.231  8.501   1.00 23.52 ? 1   MET A CB  1 
ATOM   6    C CG  . MET A 1 1   ? 7.905   11.613  8.326   1.00 25.42 ? 1   MET A CG  1 
ATOM   7    S SD  . MET A 1 1   ? 7.094   11.674  6.756   1.00 22.00 ? 1   MET A SD  1 
ATOM   8    C CE  . MET A 1 1   ? 5.676   10.593  6.999   1.00 18.88 ? 1   MET A CE  1 
ATOM   9    N N   . ASN A 1 2   ? 7.115   7.395   9.616   1.00 12.43 ? 2   ASN A N   1 
ATOM   10   C CA  . ASN A 1 2   ? 7.124   5.943   9.672   1.00 11.93 ? 2   ASN A CA  1 
ATOM   11   C C   . ASN A 1 2   ? 6.068   5.451   8.691   1.00 10.52 ? 2   ASN A C   1 
ATOM   12   O O   . ASN A 1 2   ? 5.334   6.245   8.094   1.00 10.62 ? 2   ASN A O   1 
ATOM   13   C CB  . ASN A 1 2   ? 6.884   5.453   11.109  1.00 12.76 ? 2   ASN A CB  1 
ATOM   14   C CG  . ASN A 1 2   ? 5.545   5.904   11.655  1.00 11.44 ? 2   ASN A CG  1 
ATOM   15   O OD1 . ASN A 1 2   ? 4.507   5.643   11.052  1.00 11.80 ? 2   ASN A OD1 1 
ATOM   16   N ND2 . ASN A 1 2   ? 5.558   6.586   12.803  1.00 13.63 ? 2   ASN A ND2 1 
ATOM   17   N N   . ILE A 1 3   ? 5.983   4.129   8.527   1.00 10.29 ? 3   ILE A N   1 
ATOM   18   C CA  . ILE A 1 3   ? 5.090   3.571   7.515   1.00 10.52 ? 3   ILE A CA  1 
ATOM   19   C C   . ILE A 1 3   ? 3.637   3.929   7.792   1.00 10.06 ? 3   ILE A C   1 
ATOM   20   O O   . ILE A 1 3   ? 2.847   4.132   6.861   1.00 10.33 ? 3   ILE A O   1 
ATOM   21   C CB  . ILE A 1 3   ? 5.296   2.047   7.377   1.00 10.46 ? 3   ILE A CB  1 
ATOM   22   C CG1 . ILE A 1 3   ? 4.392   1.469   6.286   1.00 11.27 ? 3   ILE A CG1 1 
ATOM   23   C CG2 . ILE A 1 3   ? 5.065   1.320   8.703   1.00 13.05 ? 3   ILE A CG2 1 
ATOM   24   C CD1 . ILE A 1 3   ? 4.603   2.073   4.913   1.00 11.08 ? 3   ILE A CD1 1 
ATOM   25   N N   . PHE A 1 4   ? 3.252   3.999   9.069   1.00 10.39 ? 4   PHE A N   1 
ATOM   26   C CA  . PHE A 1 4   ? 1.871   4.337   9.398   1.00 11.21 ? 4   PHE A CA  1 
ATOM   27   C C   . PHE A 1 4   ? 1.538   5.763   8.990   1.00 10.97 ? 4   PHE A C   1 
ATOM   28   O O   . PHE A 1 4   ? 0.498   6.014   8.370   1.00 11.61 ? 4   PHE A O   1 
ATOM   29   C CB  . PHE A 1 4   ? 1.593   4.089   10.883  1.00 12.17 ? 4   PHE A CB  1 
ATOM   30   C CG  . PHE A 1 4   ? 1.720   2.655   11.261  1.00 11.51 ? 4   PHE A CG  1 
ATOM   31   C CD1 . PHE A 1 4   ? 0.677   1.775   11.057  1.00 15.16 ? 4   PHE A CD1 1 
ATOM   32   C CD2 . PHE A 1 4   ? 2.899   2.170   11.784  1.00 12.73 ? 4   PHE A CD2 1 
ATOM   33   C CE1 . PHE A 1 4   ? 0.806   0.435   11.388  1.00 16.38 ? 4   PHE A CE1 1 
ATOM   34   C CE2 . PHE A 1 4   ? 3.029   0.834   12.121  1.00 15.97 ? 4   PHE A CE2 1 
ATOM   35   C CZ  . PHE A 1 4   ? 1.982   -0.031  11.918  1.00 16.20 ? 4   PHE A CZ  1 
ATOM   36   N N   . GLU A 1 5   ? 2.415   6.712   9.320   1.00 11.26 ? 5   GLU A N   1 
ATOM   37   C CA  . GLU A 1 5   ? 2.170   8.097   8.924   1.00 12.01 ? 5   GLU A CA  1 
ATOM   38   C C   . GLU A 1 5   ? 2.174   8.245   7.407   1.00 11.75 ? 5   GLU A C   1 
ATOM   39   O O   . GLU A 1 5   ? 1.363   8.989   6.845   1.00 11.48 ? 5   GLU A O   1 
ATOM   40   C CB  . GLU A 1 5   ? 3.215   9.025   9.550   1.00 12.89 ? 5   GLU A CB  1 
ATOM   41   C CG  . GLU A 1 5   ? 3.133   9.157   11.061  1.00 15.82 ? 5   GLU A CG  1 
ATOM   42   C CD  . GLU A 1 5   ? 4.122   10.169  11.618  1.00 20.75 ? 5   GLU A CD  1 
ATOM   43   O OE1 . GLU A 1 5   ? 4.634   11.009  10.841  1.00 25.14 ? 5   GLU A OE1 1 
ATOM   44   O OE2 . GLU A 1 5   ? 4.384   10.129  12.840  1.00 26.71 ? 5   GLU A OE2 1 
ATOM   45   N N   . MET A 1 6   ? 3.086   7.542   6.736   1.00 10.83 ? 6   MET A N   1 
ATOM   46   C CA  . MET A 1 6   ? 3.193   7.617   5.281   1.00 10.33 ? 6   MET A CA  1 
ATOM   47   C C   . MET A 1 6   ? 1.914   7.134   4.611   1.00 10.38 ? 6   MET A C   1 
ATOM   48   O O   . MET A 1 6   ? 1.329   7.825   3.768   1.00 10.65 ? 6   MET A O   1 
ATOM   49   C CB  . MET A 1 6   ? 4.379   6.768   4.843   1.00 10.52 ? 6   MET A CB  1 
ATOM   50   C CG  . MET A 1 6   ? 4.677   6.822   3.363   1.00 10.87 ? 6   MET A CG  1 
ATOM   51   S SD  . MET A 1 6   ? 5.722   5.422   2.924   1.00 10.61 ? 6   MET A SD  1 
ATOM   52   C CE  . MET A 1 6   ? 6.548   6.036   1.440   1.00 11.76 ? 6   MET A CE  1 
ATOM   53   N N   . LEU A 1 7   ? 1.448   5.945   4.993   1.00 10.83 ? 7   LEU A N   1 
ATOM   54   C CA  . LEU A 1 7   ? 0.241   5.411   4.381   1.00 10.25 ? 7   LEU A CA  1 
ATOM   55   C C   . LEU A 1 7   ? -1.002  6.174   4.819   1.00 10.95 ? 7   LEU A C   1 
ATOM   56   O O   . LEU A 1 7   ? -1.961  6.276   4.046   1.00 11.53 ? 7   LEU A O   1 
ATOM   57   C CB  . LEU A 1 7   ? 0.113   3.920   4.671   1.00 11.07 ? 7   LEU A CB  1 
ATOM   58   C CG  . LEU A 1 7   ? 0.897   3.022   3.712   1.00 10.71 ? 7   LEU A CG  1 
ATOM   59   C CD1 . LEU A 1 7   ? 0.998   1.601   4.266   1.00 10.96 ? 7   LEU A CD1 1 
ATOM   60   C CD2 . LEU A 1 7   ? 0.269   3.020   2.327   1.00 10.90 ? 7   LEU A CD2 1 
ATOM   61   N N   . ARG A 1 8   ? -1.010  6.733   6.031   1.00 11.50 ? 8   ARG A N   1 
ATOM   62   C CA  . ARG A 1 8   ? -2.141  7.562   6.436   1.00 12.60 ? 8   ARG A CA  1 
ATOM   63   C C   . ARG A 1 8   ? -2.265  8.790   5.537   1.00 13.09 ? 8   ARG A C   1 
ATOM   64   O O   . ARG A 1 8   ? -3.375  9.194   5.167   1.00 13.66 ? 8   ARG A O   1 
ATOM   65   C CB  . ARG A 1 8   ? -2.001  7.954   7.911   1.00 14.20 ? 8   ARG A CB  1 
ATOM   66   C CG  . ARG A 1 8   ? -2.975  9.022   8.388   1.00 15.09 ? 8   ARG A CG  1 
ATOM   67   C CD  . ARG A 1 8   ? -4.421  8.557   8.314   1.00 16.53 ? 8   ARG A CD  1 
ATOM   68   N NE  . ARG A 1 8   ? -5.333  9.586   8.812   1.00 19.14 ? 8   ARG A NE  1 
ATOM   69   C CZ  . ARG A 1 8   ? -5.721  10.644  8.110   1.00 21.15 ? 8   ARG A CZ  1 
ATOM   70   N NH1 . ARG A 1 8   ? -5.285  10.819  6.871   1.00 21.01 ? 8   ARG A NH1 1 
ATOM   71   N NH2 . ARG A 1 8   ? -6.547  11.533  8.650   1.00 23.82 ? 8   ARG A NH2 1 
ATOM   72   N N   . ILE A 1 9   ? -1.127  9.381   5.155   1.00 12.24 ? 9   ILE A N   1 
ATOM   73   C CA  . ILE A 1 9   ? -1.141  10.483  4.193   1.00 13.29 ? 9   ILE A CA  1 
ATOM   74   C C   . ILE A 1 9   ? -1.656  10.008  2.840   1.00 12.37 ? 9   ILE A C   1 
ATOM   75   O O   . ILE A 1 9   ? -2.522  10.643  2.226   1.00 13.70 ? 9   ILE A O   1 
ATOM   76   C CB  . ILE A 1 9   ? 0.257   11.118  4.078   1.00 13.24 ? 9   ILE A CB  1 
ATOM   77   C CG1 . ILE A 1 9   ? 0.573   11.920  5.340   1.00 15.53 ? 9   ILE A CG1 1 
ATOM   78   C CG2 . ILE A 1 9   ? 0.366   12.002  2.831   1.00 14.69 ? 9   ILE A CG2 1 
ATOM   79   C CD1 . ILE A 1 9   ? 2.050   12.218  5.515   1.00 15.49 ? 9   ILE A CD1 1 
ATOM   80   N N   . ASP A 1 10  ? -1.143  8.875   2.361   1.00 11.29 ? 10  ASP A N   1 
ATOM   81   C CA  . ASP A 1 10  ? -1.481  8.433   1.013   1.00 10.89 ? 10  ASP A CA  1 
ATOM   82   C C   . ASP A 1 10  ? -2.915  7.926   0.912   1.00 11.32 ? 10  ASP A C   1 
ATOM   83   O O   . ASP A 1 10  ? -3.527  8.040   -0.152  1.00 13.14 ? 10  ASP A O   1 
ATOM   84   C CB  . ASP A 1 10  ? -0.509  7.351   0.551   1.00 11.01 ? 10  ASP A CB  1 
ATOM   85   C CG  . ASP A 1 10  ? 0.846   7.908   0.169   1.00 10.73 ? 10  ASP A CG  1 
ATOM   86   O OD1 . ASP A 1 10  ? 0.911   9.094   -0.224  1.00 11.31 ? 10  ASP A OD1 1 
ATOM   87   O OD2 . ASP A 1 10  ? 1.846   7.151   0.256   1.00 11.30 ? 10  ASP A OD2 1 
ATOM   88   N N   . GLU A 1 11  ? -3.465  7.361   1.991   1.00 10.84 ? 11  GLU A N   1 
ATOM   89   C CA  . GLU A 1 11  ? -4.780  6.731   1.934   1.00 10.76 ? 11  GLU A CA  1 
ATOM   90   C C   . GLU A 1 11  ? -5.895  7.568   2.544   1.00 11.27 ? 11  GLU A C   1 
ATOM   91   O O   . GLU A 1 11  ? -7.067  7.329   2.228   1.00 13.09 ? 11  GLU A O   1 
ATOM   92   C CB  . GLU A 1 11  ? -4.761  5.361   2.633   1.00 11.36 ? 11  GLU A CB  1 
ATOM   93   C CG  . GLU A 1 11  ? -3.748  4.384   2.058   1.00 12.25 ? 11  GLU A CG  1 
ATOM   94   C CD  . GLU A 1 11  ? -4.158  3.816   0.715   1.00 11.09 ? 11  GLU A CD  1 
ATOM   95   O OE1 . GLU A 1 11  ? -5.343  3.943   0.320   1.00 12.94 ? 11  GLU A OE1 1 
ATOM   96   O OE2 . GLU A 1 11  ? -3.281  3.242   0.035   1.00 13.48 ? 11  GLU A OE2 1 
ATOM   97   N N   . GLY A 1 12  ? -5.576  8.514   3.408   1.00 12.00 ? 12  GLY A N   1 
ATOM   98   C CA  . GLY A 1 12  ? -6.616  9.244   4.106   1.00 13.23 ? 12  GLY A CA  1 
ATOM   99   C C   . GLY A 1 12  ? -7.290  8.390   5.173   1.00 11.99 ? 12  GLY A C   1 
ATOM   100  O O   . GLY A 1 12  ? -6.879  7.273   5.480   1.00 12.92 ? 12  GLY A O   1 
ATOM   101  N N   . LEU A 1 13  ? -8.355  8.949   5.744   1.00 13.15 ? 13  LEU A N   1 
ATOM   102  C CA  . LEU A 1 13  ? -9.152  8.251   6.750   1.00 14.25 ? 13  LEU A CA  1 
ATOM   103  C C   . LEU A 1 13  ? -10.616 8.543   6.481   1.00 14.96 ? 13  LEU A C   1 
ATOM   104  O O   . LEU A 1 13  ? -11.027 9.708   6.477   1.00 15.92 ? 13  LEU A O   1 
ATOM   105  C CB  . LEU A 1 13  ? -8.786  8.714   8.162   1.00 15.64 ? 13  LEU A CB  1 
ATOM   106  C CG  . LEU A 1 13  ? -9.682  8.202   9.294   1.00 16.95 ? 13  LEU A CG  1 
ATOM   107  C CD1 . LEU A 1 13  ? -9.631  6.688   9.397   1.00 15.75 ? 13  LEU A CD1 1 
ATOM   108  C CD2 . LEU A 1 13  ? -9.300  8.849   10.614  1.00 19.36 ? 13  LEU A CD2 1 
ATOM   109  N N   . ARG A 1 14  ? -11.401 7.493   6.253   1.00 13.95 ? 14  ARG A N   1 
ATOM   110  C CA  . ARG A 1 14  ? -12.837 7.631   6.056   1.00 14.60 ? 14  ARG A CA  1 
ATOM   111  C C   . ARG A 1 14  ? -13.547 6.555   6.861   1.00 14.04 ? 14  ARG A C   1 
ATOM   112  O O   . ARG A 1 14  ? -13.175 5.381   6.795   1.00 14.59 ? 14  ARG A O   1 
ATOM   113  C CB  . ARG A 1 14  ? -13.197 7.497   4.579   1.00 16.10 ? 14  ARG A CB  1 
ATOM   114  C CG  . ARG A 1 14  ? -12.741 8.678   3.763   1.00 18.13 ? 14  ARG A CG  1 
ATOM   115  C CD  . ARG A 1 14  ? -12.785 8.365   2.290   1.00 20.71 ? 14  ARG A CD  1 
ATOM   116  N NE  . ARG A 1 14  ? -12.305 9.493   1.501   1.00 21.83 ? 14  ARG A NE  1 
ATOM   117  C CZ  . ARG A 1 14  ? -11.044 9.662   1.112   1.00 23.01 ? 14  ARG A CZ  1 
ATOM   118  N NH1 . ARG A 1 14  ? -10.111 8.775   1.438   1.00 21.72 ? 14  ARG A NH1 1 
ATOM   119  N NH2 . ARG A 1 14  ? -10.716 10.727  0.393   1.00 29.46 ? 14  ARG A NH2 1 
ATOM   120  N N   . LEU A 1 15  ? -14.572 6.950   7.613   1.00 13.32 ? 15  LEU A N   1 
ATOM   121  C CA  . LEU A 1 15  ? -15.238 6.034   8.529   1.00 13.27 ? 15  LEU A CA  1 
ATOM   122  C C   . LEU A 1 15  ? -16.454 5.349   7.920   1.00 13.47 ? 15  LEU A C   1 
ATOM   123  O O   . LEU A 1 15  ? -17.038 4.480   8.571   1.00 14.73 ? 15  LEU A O   1 
ATOM   124  C CB  . LEU A 1 15  ? -15.610 6.756   9.826   1.00 15.37 ? 15  LEU A CB  1 
ATOM   125  C CG  . LEU A 1 15  ? -14.431 7.386   10.570  1.00 16.13 ? 15  LEU A CG  1 
ATOM   126  C CD1 . LEU A 1 15  ? -14.910 7.994   11.881  1.00 19.28 ? 15  LEU A CD1 1 
ATOM   127  C CD2 . LEU A 1 15  ? -13.324 6.368   10.816  1.00 17.43 ? 15  LEU A CD2 1 
ATOM   128  N N   . LYS A 1 16  ? -16.848 5.707   6.704   1.00 13.76 ? 16  LYS A N   1 
ATOM   129  C CA  . LYS A 1 16  ? -17.934 5.048   5.998   1.00 13.70 ? 16  LYS A CA  1 
ATOM   130  C C   . LYS A 1 16  ? -17.396 4.435   4.716   1.00 11.55 ? 16  LYS A C   1 
ATOM   131  O O   . LYS A 1 16  ? -16.412 4.925   4.146   1.00 12.90 ? 16  LYS A O   1 
ATOM   132  C CB  . LYS A 1 16  ? -19.055 6.042   5.666   1.00 17.33 ? 16  LYS A CB  1 
ATOM   133  C CG  . LYS A 1 16  ? -19.712 6.653   6.891   1.00 22.86 ? 16  LYS A CG  1 
ATOM   134  C CD  . LYS A 1 16  ? -20.772 7.677   6.520   1.00 26.29 ? 16  LYS A CD  1 
ATOM   135  C CE  . LYS A 1 16  ? -20.149 8.970   6.029   1.00 29.08 ? 16  LYS A CE  1 
ATOM   136  N NZ  . LYS A 1 16  ? -21.136 10.086  6.054   1.00 35.57 ? 16  LYS A NZ  1 
ATOM   137  N N   . ILE A 1 17  ? -18.055 3.372   4.248   1.00 12.04 ? 17  ILE A N   1 
ATOM   138  C CA  . ILE A 1 17  ? -17.643 2.722   3.008   1.00 11.21 ? 17  ILE A CA  1 
ATOM   139  C C   . ILE A 1 17  ? -17.527 3.757   1.904   1.00 11.36 ? 17  ILE A C   1 
ATOM   140  O O   . ILE A 1 17  ? -18.408 4.609   1.727   1.00 13.25 ? 17  ILE A O   1 
ATOM   141  C CB  . ILE A 1 17  ? -18.626 1.598   2.631   1.00 12.20 ? 17  ILE A CB  1 
ATOM   142  C CG1 . ILE A 1 17  ? -18.552 0.451   3.640   1.00 12.55 ? 17  ILE A CG1 1 
ATOM   143  C CG2 . ILE A 1 17  ? -18.329 1.085   1.221   1.00 13.45 ? 17  ILE A CG2 1 
ATOM   144  C CD1 . ILE A 1 17  ? -19.538 -0.667  3.358   1.00 14.01 ? 17  ILE A CD1 1 
ATOM   145  N N   . TYR A 1 18  ? -16.417 3.697   1.173   1.00 11.62 ? 18  TYR A N   1 
ATOM   146  C CA  . TYR A 1 18  ? -16.136 4.562   0.041   1.00 12.59 ? 18  TYR A CA  1 
ATOM   147  C C   . TYR A 1 18  ? -15.604 3.696   -1.090  1.00 12.25 ? 18  TYR A C   1 
ATOM   148  O O   . TYR A 1 18  ? -15.498 2.472   -0.965  1.00 12.31 ? 18  TYR A O   1 
ATOM   149  C CB  . TYR A 1 18  ? -15.168 5.690   0.428   1.00 13.29 ? 18  TYR A CB  1 
ATOM   150  C CG  . TYR A 1 18  ? -13.755 5.285   0.825   1.00 12.22 ? 18  TYR A CG  1 
ATOM   151  C CD1 . TYR A 1 18  ? -13.454 4.886   2.121   1.00 12.96 ? 18  TYR A CD1 1 
ATOM   152  C CD2 . TYR A 1 18  ? -12.707 5.376   -0.084  1.00 12.66 ? 18  TYR A CD2 1 
ATOM   153  C CE1 . TYR A 1 18  ? -12.165 4.553   2.488   1.00 12.30 ? 18  TYR A CE1 1 
ATOM   154  C CE2 . TYR A 1 18  ? -11.412 5.045   0.284   1.00 11.92 ? 18  TYR A CE2 1 
ATOM   155  C CZ  . TYR A 1 18  ? -11.147 4.642   1.573   1.00 12.58 ? 18  TYR A CZ  1 
ATOM   156  O OH  . TYR A 1 18  ? -9.868  4.313   1.969   1.00 12.38 ? 18  TYR A OH  1 
ATOM   157  N N   . LYS A 1 19  ? -15.253 4.322   -2.203  1.00 13.48 ? 19  LYS A N   1 
ATOM   158  C CA  . LYS A 1 19  ? -14.638 3.606   -3.306  1.00 13.44 ? 19  LYS A CA  1 
ATOM   159  C C   . LYS A 1 19  ? -13.211 4.090   -3.488  1.00 12.05 ? 19  LYS A C   1 
ATOM   160  O O   . LYS A 1 19  ? -12.936 5.293   -3.389  1.00 13.99 ? 19  LYS A O   1 
ATOM   161  C CB  . LYS A 1 19  ? -15.419 3.810   -4.598  1.00 14.18 ? 19  LYS A CB  1 
ATOM   162  C CG  . LYS A 1 19  ? -16.751 3.097   -4.610  1.00 14.94 ? 19  LYS A CG  1 
ATOM   163  C CD  . LYS A 1 19  ? -17.457 3.357   -5.914  1.00 15.14 ? 19  LYS A CD  1 
ATOM   164  C CE  . LYS A 1 19  ? -18.728 2.549   -6.027  1.00 15.05 ? 19  LYS A CE  1 
ATOM   165  N NZ  . LYS A 1 19  ? -19.346 2.748   -7.363  1.00 17.11 ? 19  LYS A NZ  1 
ATOM   166  N N   . ASP A 1 20  ? -12.308 3.150   -3.721  1.00 12.25 ? 20  ASP A N   1 
ATOM   167  C CA  . ASP A 1 20  ? -10.922 3.507   -3.981  1.00 12.84 ? 20  ASP A CA  1 
ATOM   168  C C   . ASP A 1 20  ? -10.787 4.087   -5.388  1.00 13.14 ? 20  ASP A C   1 
ATOM   169  O O   . ASP A 1 20  ? -11.764 4.280   -6.114  1.00 12.65 ? 20  ASP A O   1 
ATOM   170  C CB  . ASP A 1 20  ? -9.982  2.345   -3.665  1.00 13.59 ? 20  ASP A CB  1 
ATOM   171  C CG  . ASP A 1 20  ? -10.062 1.205   -4.673  1.00 12.25 ? 20  ASP A CG  1 
ATOM   172  O OD1 . ASP A 1 20  ? -10.728 1.332   -5.724  1.00 12.85 ? 20  ASP A OD1 1 
ATOM   173  O OD2 . ASP A 1 20  ? -9.427  0.157   -4.411  1.00 14.48 ? 20  ASP A OD2 1 
ATOM   174  N N   . THR A 1 21  ? -9.546  4.352   -5.794  1.00 12.17 ? 21  THR A N   1 
ATOM   175  C CA  . THR A 1 21  ? -9.323  4.982   -7.089  1.00 12.53 ? 21  THR A CA  1 
ATOM   176  C C   . THR A 1 21  ? -9.705  4.073   -8.249  1.00 12.25 ? 21  THR A C   1 
ATOM   177  O O   . THR A 1 21  ? -9.880  4.566   -9.371  1.00 14.32 ? 21  THR A O   1 
ATOM   178  C CB  . THR A 1 21  ? -7.870  5.459   -7.214  1.00 14.94 ? 21  THR A CB  1 
ATOM   179  O OG1 . THR A 1 21  ? -6.984  4.337   -7.188  1.00 18.74 ? 21  THR A OG1 1 
ATOM   180  C CG2 . THR A 1 21  ? -7.508  6.404   -6.077  1.00 17.95 ? 21  THR A CG2 1 
ATOM   181  N N   . GLU A 1 22  ? -9.808  2.762   -8.020  1.00 12.74 ? 22  GLU A N   1 
ATOM   182  C CA  . GLU A 1 22  ? -10.231 1.801   -9.027  1.00 13.50 ? 22  GLU A CA  1 
ATOM   183  C C   . GLU A 1 22  ? -11.731 1.534   -8.992  1.00 13.63 ? 22  GLU A C   1 
ATOM   184  O O   . GLU A 1 22  ? -12.225 0.748   -9.806  1.00 15.60 ? 22  GLU A O   1 
ATOM   185  C CB  . GLU A 1 22  ? -9.477  0.475   -8.860  1.00 13.99 ? 22  GLU A CB  1 
ATOM   186  C CG  . GLU A 1 22  ? -7.956  0.587   -8.913  1.00 17.45 ? 22  GLU A CG  1 
ATOM   187  C CD  . GLU A 1 22  ? -7.419  0.878   -10.303 1.00 18.30 ? 22  GLU A CD  1 
ATOM   188  O OE1 . GLU A 1 22  ? -8.129  0.625   -11.294 1.00 18.39 ? 22  GLU A OE1 1 
ATOM   189  O OE2 . GLU A 1 22  ? -6.275  1.366   -10.403 1.00 22.19 ? 22  GLU A OE2 1 
ATOM   190  N N   . GLY A 1 23  ? -12.462 2.160   -8.074  1.00 12.82 ? 23  GLY A N   1 
ATOM   191  C CA  . GLY A 1 23  ? -13.893 1.959   -7.972  1.00 13.08 ? 23  GLY A CA  1 
ATOM   192  C C   . GLY A 1 23  ? -14.335 0.855   -7.036  1.00 12.26 ? 23  GLY A C   1 
ATOM   193  O O   . GLY A 1 23  ? -15.517 0.496   -7.061  1.00 14.07 ? 23  GLY A O   1 
ATOM   194  N N   . TYR A 1 24  ? -13.444 0.328   -6.197  1.00 11.67 ? 24  TYR A N   1 
ATOM   195  C CA  . TYR A 1 24  ? -13.757 -0.813  -5.343  1.00 11.70 ? 24  TYR A CA  1 
ATOM   196  C C   . TYR A 1 24  ? -14.101 -0.361  -3.933  1.00 10.91 ? 24  TYR A C   1 
ATOM   197  O O   . TYR A 1 24  ? -13.470 0.543   -3.383  1.00 10.64 ? 24  TYR A O   1 
ATOM   198  C CB  . TYR A 1 24  ? -12.571 -1.768  -5.264  1.00 12.33 ? 24  TYR A CB  1 
ATOM   199  C CG  . TYR A 1 24  ? -12.222 -2.420  -6.576  1.00 14.09 ? 24  TYR A CG  1 
ATOM   200  C CD1 . TYR A 1 24  ? -13.199 -2.997  -7.365  1.00 15.77 ? 24  TYR A CD1 1 
ATOM   201  C CD2 . TYR A 1 24  ? -10.907 -2.457  -7.025  1.00 16.75 ? 24  TYR A CD2 1 
ATOM   202  C CE1 . TYR A 1 24  ? -12.880 -3.601  -8.569  1.00 20.03 ? 24  TYR A CE1 1 
ATOM   203  C CE2 . TYR A 1 24  ? -10.579 -3.059  -8.223  1.00 18.46 ? 24  TYR A CE2 1 
ATOM   204  C CZ  . TYR A 1 24  ? -11.569 -3.627  -8.990  1.00 19.01 ? 24  TYR A CZ  1 
ATOM   205  O OH  . TYR A 1 24  ? -11.242 -4.227  -10.188 1.00 23.50 ? 24  TYR A OH  1 
ATOM   206  N N   . TYR A 1 25  ? -15.076 -1.037  -3.323  1.00 11.02 ? 25  TYR A N   1 
ATOM   207  C CA  . TYR A 1 25  ? -15.513 -0.686  -1.976  1.00 11.05 ? 25  TYR A CA  1 
ATOM   208  C C   . TYR A 1 25  ? -14.394 -0.877  -0.955  1.00 9.85  ? 25  TYR A C   1 
ATOM   209  O O   . TYR A 1 25  ? -13.762 -1.938  -0.891  1.00 11.12 ? 25  TYR A O   1 
ATOM   210  C CB  . TYR A 1 25  ? -16.724 -1.535  -1.594  1.00 11.65 ? 25  TYR A CB  1 
ATOM   211  C CG  . TYR A 1 25  ? -17.982 -1.176  -2.349  1.00 11.52 ? 25  TYR A CG  1 
ATOM   212  C CD1 . TYR A 1 25  ? -18.474 0.118   -2.336  1.00 12.12 ? 25  TYR A CD1 1 
ATOM   213  C CD2 . TYR A 1 25  ? -18.679 -2.132  -3.069  1.00 13.32 ? 25  TYR A CD2 1 
ATOM   214  C CE1 . TYR A 1 25  ? -19.634 0.450   -3.017  1.00 15.05 ? 25  TYR A CE1 1 
ATOM   215  C CE2 . TYR A 1 25  ? -19.837 -1.806  -3.757  1.00 15.24 ? 25  TYR A CE2 1 
ATOM   216  C CZ  . TYR A 1 25  ? -20.305 -0.517  -3.727  1.00 15.03 ? 25  TYR A CZ  1 
ATOM   217  O OH  . TYR A 1 25  ? -21.462 -0.201  -4.413  1.00 19.53 ? 25  TYR A OH  1 
ATOM   218  N N   . THR A 1 26  ? -14.185 0.157   -0.144  1.00 10.21 ? 26  THR A N   1 
ATOM   219  C CA  . THR A 1 26  ? -13.057 0.311   0.759   1.00 10.19 ? 26  THR A CA  1 
ATOM   220  C C   . THR A 1 26  ? -13.576 1.023   2.004   1.00 9.76  ? 26  THR A C   1 
ATOM   221  O O   . THR A 1 26  ? -14.639 1.646   1.968   1.00 10.52 ? 26  THR A O   1 
ATOM   222  C CB  . THR A 1 26  ? -11.989 1.159   0.026   1.00 10.93 ? 26  THR A CB  1 
ATOM   223  O OG1 . THR A 1 26  ? -11.653 0.526   -1.211  1.00 11.46 ? 26  THR A OG1 1 
ATOM   224  C CG2 . THR A 1 26  ? -10.711 1.336   0.824   1.00 11.60 ? 26  THR A CG2 1 
ATOM   225  N N   . ILE A 1 27  ? -12.833 0.956   3.108   1.00 10.48 ? 27  ILE A N   1 
ATOM   226  C CA  . ILE A 1 27  ? -13.184 1.726   4.298   1.00 10.44 ? 27  ILE A CA  1 
ATOM   227  C C   . ILE A 1 27  ? -11.910 2.055   5.061   1.00 10.37 ? 27  ILE A C   1 
ATOM   228  O O   . ILE A 1 27  ? -10.859 1.443   4.854   1.00 10.39 ? 27  ILE A O   1 
ATOM   229  C CB  . ILE A 1 27  ? -14.206 0.980   5.192   1.00 11.82 ? 27  ILE A CB  1 
ATOM   230  C CG1 . ILE A 1 27  ? -14.939 1.943   6.147   1.00 12.12 ? 27  ILE A CG1 1 
ATOM   231  C CG2 . ILE A 1 27  ? -13.515 -0.140  5.929   1.00 13.07 ? 27  ILE A CG2 1 
ATOM   232  C CD1 . ILE A 1 27  ? -16.181 1.358   6.763   1.00 13.06 ? 27  ILE A CD1 1 
ATOM   233  N N   . GLY A 1 28  ? -12.009 3.027   5.957   1.00 11.03 ? 28  GLY A N   1 
ATOM   234  C CA  . GLY A 1 28  ? -10.914 3.281   6.874   1.00 11.27 ? 28  GLY A CA  1 
ATOM   235  C C   . GLY A 1 28  ? -9.741  3.952   6.190   1.00 10.35 ? 28  GLY A C   1 
ATOM   236  O O   . GLY A 1 28  ? -9.898  4.926   5.443   1.00 11.51 ? 28  GLY A O   1 
ATOM   237  N N   . ILE A 1 29  ? -8.548  3.440   6.483   1.00 10.36 ? 29  ILE A N   1 
ATOM   238  C CA  . ILE A 1 29  ? -7.304  3.923   5.900   1.00 10.61 ? 29  ILE A CA  1 
ATOM   239  C C   . ILE A 1 29  ? -6.945  2.978   4.757   1.00 9.99  ? 29  ILE A C   1 
ATOM   240  O O   . ILE A 1 29  ? -6.018  2.166   4.852   1.00 10.38 ? 29  ILE A O   1 
ATOM   241  C CB  . ILE A 1 29  ? -6.216  4.033   6.982   1.00 10.54 ? 29  ILE A CB  1 
ATOM   242  C CG1 . ILE A 1 29  ? -6.728  4.889   8.155   1.00 12.21 ? 29  ILE A CG1 1 
ATOM   243  C CG2 . ILE A 1 29  ? -4.942  4.611   6.398   1.00 11.78 ? 29  ILE A CG2 1 
ATOM   244  C CD1 . ILE A 1 29  ? -5.863  4.842   9.396   1.00 13.46 ? 29  ILE A CD1 1 
ATOM   245  N N   . GLY A 1 30  ? -7.737  3.034   3.692   1.00 10.74 ? 30  GLY A N   1 
ATOM   246  C CA  . GLY A 1 30  ? -7.472  2.225   2.520   1.00 11.31 ? 30  GLY A CA  1 
ATOM   247  C C   . GLY A 1 30  ? -7.666  0.731   2.677   1.00 10.56 ? 30  GLY A C   1 
ATOM   248  O O   . GLY A 1 30  ? -6.971  -0.045  2.016   1.00 11.05 ? 30  GLY A O   1 
ATOM   249  N N   . HIS A 1 31  ? -8.603  0.293   3.512   1.00 10.03 ? 31  HIS A N   1 
ATOM   250  C CA  . HIS A 1 31  ? -8.871  -1.135  3.669   1.00 10.40 ? 31  HIS A CA  1 
ATOM   251  C C   . HIS A 1 31  ? -9.837  -1.613  2.585   1.00 10.52 ? 31  HIS A C   1 
ATOM   252  O O   . HIS A 1 31  ? -11.035 -1.319  2.646   1.00 10.21 ? 31  HIS A O   1 
ATOM   253  C CB  . HIS A 1 31  ? -9.445  -1.447  5.046   1.00 11.30 ? 31  HIS A CB  1 
ATOM   254  C CG  . HIS A 1 31  ? -9.692  -2.902  5.236   1.00 11.07 ? 31  HIS A CG  1 
ATOM   255  N ND1 . HIS A 1 31  ? -8.691  -3.773  5.605   1.00 12.54 ? 31  HIS A ND1 1 
ATOM   256  C CD2 . HIS A 1 31  ? -10.798 -3.657  5.034   1.00 12.70 ? 31  HIS A CD2 1 
ATOM   257  C CE1 . HIS A 1 31  ? -9.175  -5.000  5.647   1.00 12.42 ? 31  HIS A CE1 1 
ATOM   258  N NE2 . HIS A 1 31  ? -10.450 -4.959  5.301   1.00 13.14 ? 31  HIS A NE2 1 
ATOM   259  N N   . LEU A 1 32  ? -9.332  -2.376  1.613   1.00 10.58 ? 32  LEU A N   1 
ATOM   260  C CA  . LEU A 1 32  ? -10.201 -2.942  0.588   1.00 10.86 ? 32  LEU A CA  1 
ATOM   261  C C   . LEU A 1 32  ? -11.190 -3.914  1.219   1.00 10.95 ? 32  LEU A C   1 
ATOM   262  O O   . LEU A 1 32  ? -10.807 -4.802  1.987   1.00 12.67 ? 32  LEU A O   1 
ATOM   263  C CB  . LEU A 1 32  ? -9.367  -3.674  -0.463  1.00 12.86 ? 32  LEU A CB  1 
ATOM   264  C CG  . LEU A 1 32  ? -10.139 -4.483  -1.512  1.00 14.21 ? 32  LEU A CG  1 
ATOM   265  C CD1 . LEU A 1 32  ? -10.941 -3.573  -2.438  1.00 15.09 ? 32  LEU A CD1 1 
ATOM   266  C CD2 . LEU A 1 32  ? -9.203  -5.373  -2.321  1.00 18.35 ? 32  LEU A CD2 1 
ATOM   267  N N   . LEU A 1 33  ? -12.468 -3.761  0.881   1.00 10.96 ? 33  LEU A N   1 
ATOM   268  C CA  . LEU A 1 33  ? -13.485 -4.698  1.342   1.00 11.13 ? 33  LEU A CA  1 
ATOM   269  C C   . LEU A 1 33  ? -13.799 -5.774  0.314   1.00 12.44 ? 33  LEU A C   1 
ATOM   270  O O   . LEU A 1 33  ? -13.864 -6.957  0.660   1.00 13.39 ? 33  LEU A O   1 
ATOM   271  C CB  . LEU A 1 33  ? -14.761 -3.948  1.735   1.00 11.70 ? 33  LEU A CB  1 
ATOM   272  C CG  . LEU A 1 33  ? -14.624 -3.102  2.999   1.00 11.90 ? 33  LEU A CG  1 
ATOM   273  C CD1 . LEU A 1 33  ? -15.793 -2.133  3.135   1.00 12.95 ? 33  LEU A CD1 1 
ATOM   274  C CD2 . LEU A 1 33  ? -14.531 -4.004  4.224   1.00 11.98 ? 33  LEU A CD2 1 
ATOM   275  N N   . THR A 1 34  ? -13.990 -5.396  -0.945  1.00 12.47 ? 34  THR A N   1 
ATOM   276  C CA  . THR A 1 34  ? -14.321 -6.365  -1.978  1.00 13.24 ? 34  THR A CA  1 
ATOM   277  C C   . THR A 1 34  ? -14.163 -5.699  -3.332  1.00 12.95 ? 34  THR A C   1 
ATOM   278  O O   . THR A 1 34  ? -14.301 -4.480  -3.454  1.00 14.24 ? 34  THR A O   1 
ATOM   279  C CB  . THR A 1 34  ? -15.759 -6.885  -1.831  1.00 13.61 ? 34  THR A CB  1 
ATOM   280  O OG1 . THR A 1 34  ? -16.014 -7.862  -2.843  1.00 14.96 ? 34  THR A OG1 1 
ATOM   281  C CG2 . THR A 1 34  ? -16.769 -5.757  -1.971  1.00 14.70 ? 34  THR A CG2 1 
ATOM   282  N N   . LYS A 1 35  ? -13.880 -6.513  -4.343  1.00 14.61 ? 35  LYS A N   1 
ATOM   283  C CA  . LYS A 1 35  ? -13.945 -6.057  -5.722  1.00 15.70 ? 35  LYS A CA  1 
ATOM   284  C C   . LYS A 1 35  ? -15.309 -6.303  -6.350  1.00 16.16 ? 35  LYS A C   1 
ATOM   285  O O   . LYS A 1 35  ? -15.538 -5.897  -7.496  1.00 18.20 ? 35  LYS A O   1 
ATOM   286  C CB  . LYS A 1 35  ? -12.824 -6.697  -6.545  1.00 17.73 ? 35  LYS A CB  1 
ATOM   287  C CG  . LYS A 1 35  ? -11.447 -6.280  -6.048  1.00 16.04 ? 35  LYS A CG  1 
ATOM   288  C CD  . LYS A 1 35  ? -10.327 -6.703  -6.983  1.00 20.39 ? 35  LYS A CD  1 
ATOM   289  C CE  . LYS A 1 35  ? -8.989  -6.191  -6.468  1.00 22.43 ? 35  LYS A CE  1 
ATOM   290  N NZ  . LYS A 1 35  ? -7.856  -6.592  -7.349  1.00 24.32 ? 35  LYS A NZ  1 
ATOM   291  N N   . SER A 1 36  ? -16.224 -6.927  -5.615  1.00 16.43 ? 36  SER A N   1 
ATOM   292  C CA  . SER A 1 36  ? -17.568 -7.143  -6.116  1.00 17.55 ? 36  SER A CA  1 
ATOM   293  C C   . SER A 1 36  ? -18.310 -5.813  -6.224  1.00 16.58 ? 36  SER A C   1 
ATOM   294  O O   . SER A 1 36  ? -18.127 -4.920  -5.393  1.00 15.42 ? 36  SER A O   1 
ATOM   295  C CB  . SER A 1 36  ? -18.335 -8.053  -5.162  1.00 18.19 ? 36  SER A CB  1 
ATOM   296  O OG  . SER A 1 36  ? -19.728 -8.012  -5.422  1.00 20.19 ? 36  SER A OG  1 
ATOM   297  N N   . PRO A 1 37  ? -19.172 -5.658  -7.234  1.00 17.92 ? 37  PRO A N   1 
ATOM   298  C CA  . PRO A 1 37  ? -20.010 -4.453  -7.311  1.00 18.29 ? 37  PRO A CA  1 
ATOM   299  C C   . PRO A 1 37  ? -21.121 -4.408  -6.275  1.00 17.40 ? 37  PRO A C   1 
ATOM   300  O O   . PRO A 1 37  ? -21.837 -3.402  -6.203  1.00 19.32 ? 37  PRO A O   1 
ATOM   301  C CB  . PRO A 1 37  ? -20.588 -4.518  -8.734  1.00 20.91 ? 37  PRO A CB  1 
ATOM   302  C CG  . PRO A 1 37  ? -20.561 -5.967  -9.081  1.00 21.77 ? 37  PRO A CG  1 
ATOM   303  C CD  . PRO A 1 37  ? -19.327 -6.520  -8.421  1.00 19.98 ? 37  PRO A CD  1 
ATOM   304  N N   . SER A 1 38  ? -21.279 -5.446  -5.460  1.00 17.10 ? 38  SER A N   1 
ATOM   305  C CA  . SER A 1 38  ? -22.382 -5.528  -4.513  1.00 17.66 ? 38  SER A CA  1 
ATOM   306  C C   . SER A 1 38  ? -22.006 -4.825  -3.214  1.00 14.76 ? 38  SER A C   1 
ATOM   307  O O   . SER A 1 38  ? -21.082 -5.255  -2.511  1.00 14.66 ? 38  SER A O   1 
ATOM   308  C CB  . SER A 1 38  ? -22.736 -6.988  -4.241  1.00 18.98 ? 38  SER A CB  1 
ATOM   309  O OG  . SER A 1 38  ? -23.551 -7.106  -3.091  1.00 17.55 ? 38  SER A OG  1 
ATOM   310  N N   . LEU A 1 39  ? -22.738 -3.758  -2.884  1.00 15.32 ? 39  LEU A N   1 
ATOM   311  C CA  . LEU A 1 39  ? -22.528 -3.092  -1.605  1.00 15.66 ? 39  LEU A CA  1 
ATOM   312  C C   . LEU A 1 39  ? -22.830 -4.023  -0.437  1.00 13.19 ? 39  LEU A C   1 
ATOM   313  O O   . LEU A 1 39  ? -22.165 -3.950  0.603   1.00 13.81 ? 39  LEU A O   1 
ATOM   314  C CB  . LEU A 1 39  ? -23.381 -1.824  -1.523  1.00 16.01 ? 39  LEU A CB  1 
ATOM   315  C CG  . LEU A 1 39  ? -23.298 -1.029  -0.221  1.00 14.97 ? 39  LEU A CG  1 
ATOM   316  C CD1 . LEU A 1 39  ? -21.866 -0.575  0.054   1.00 14.94 ? 39  LEU A CD1 1 
ATOM   317  C CD2 . LEU A 1 39  ? -24.243 0.162   -0.267  1.00 17.98 ? 39  LEU A CD2 1 
ATOM   318  N N   . ASN A 1 40  ? -23.823 -4.905  -0.584  1.00 14.80 ? 40  ASN A N   1 
ATOM   319  C CA  . ASN A 1 40  ? -24.103 -5.868  0.475   1.00 14.85 ? 40  ASN A CA  1 
ATOM   320  C C   . ASN A 1 40  ? -22.906 -6.779  0.713   1.00 14.45 ? 40  ASN A C   1 
ATOM   321  O O   . ASN A 1 40  ? -22.577 -7.096  1.862   1.00 13.71 ? 40  ASN A O   1 
ATOM   322  C CB  . ASN A 1 40  ? -25.348 -6.687  0.132   1.00 16.36 ? 40  ASN A CB  1 
ATOM   323  C CG  . ASN A 1 40  ? -26.630 -5.914  0.354   1.00 19.25 ? 40  ASN A CG  1 
ATOM   324  O OD1 . ASN A 1 40  ? -26.678 -4.987  1.162   1.00 22.26 ? 40  ASN A OD1 1 
ATOM   325  N ND2 . ASN A 1 40  ? -27.683 -6.296  -0.360  1.00 24.89 ? 40  ASN A ND2 1 
ATOM   326  N N   . ALA A 1 41  ? -22.236 -7.202  -0.359  1.00 14.12 ? 41  ALA A N   1 
ATOM   327  C CA  . ALA A 1 41  ? -21.043 -8.024  -0.194  1.00 13.72 ? 41  ALA A CA  1 
ATOM   328  C C   . ALA A 1 41  ? -19.965 -7.270  0.570   1.00 12.67 ? 41  ALA A C   1 
ATOM   329  O O   . ALA A 1 41  ? -19.290 -7.842  1.436   1.00 12.90 ? 41  ALA A O   1 
ATOM   330  C CB  . ALA A 1 41  ? -20.524 -8.491  -1.552  1.00 15.97 ? 41  ALA A CB  1 
ATOM   331  N N   . ALA A 1 42  ? -19.804 -5.976  0.277   1.00 12.40 ? 42  ALA A N   1 
ATOM   332  C CA  . ALA A 1 42  ? -18.842 -5.158  1.007   1.00 11.85 ? 42  ALA A CA  1 
ATOM   333  C C   . ALA A 1 42  ? -19.220 -5.045  2.476   1.00 11.33 ? 42  ALA A C   1 
ATOM   334  O O   . ALA A 1 42  ? -18.354 -5.101  3.356   1.00 11.40 ? 42  ALA A O   1 
ATOM   335  C CB  . ALA A 1 42  ? -18.771 -3.766  0.377   1.00 12.68 ? 42  ALA A CB  1 
ATOM   336  N N   . LYS A 1 43  ? -20.514 -4.865  2.755   1.00 12.12 ? 43  LYS A N   1 
ATOM   337  C CA  . LYS A 1 43  ? -20.966 -4.751  4.139   1.00 12.35 ? 43  LYS A CA  1 
ATOM   338  C C   . LYS A 1 43  ? -20.737 -6.042  4.913   1.00 11.25 ? 43  LYS A C   1 
ATOM   339  O O   . LYS A 1 43  ? -20.373 -6.004  6.092   1.00 11.64 ? 43  LYS A O   1 
ATOM   340  C CB  . LYS A 1 43  ? -22.436 -4.337  4.186   1.00 12.61 ? 43  LYS A CB  1 
ATOM   341  C CG  . LYS A 1 43  ? -22.651 -2.880  3.798   1.00 13.54 ? 43  LYS A CG  1 
ATOM   342  C CD  . LYS A 1 43  ? -24.129 -2.549  3.709   1.00 16.10 ? 43  LYS A CD  1 
ATOM   343  C CE  . LYS A 1 43  ? -24.345 -1.047  3.647   1.00 17.26 ? 43  LYS A CE  1 
ATOM   344  N NZ  . LYS A 1 43  ? -25.794 -0.711  3.592   1.00 20.45 ? 43  LYS A NZ  1 
ATOM   345  N N   . SER A 1 44  ? -20.938 -7.195  4.270   1.00 12.12 ? 44  SER A N   1 
ATOM   346  C CA  . SER A 1 44  ? -20.634 -8.461  4.931   1.00 12.16 ? 44  SER A CA  1 
ATOM   347  C C   . SER A 1 44  ? -19.156 -8.546  5.275   1.00 11.76 ? 44  SER A C   1 
ATOM   348  O O   . SER A 1 44  ? -18.786 -8.898  6.399   1.00 12.11 ? 44  SER A O   1 
ATOM   349  C CB  . SER A 1 44  ? -21.032 -9.639  4.043   1.00 13.77 ? 44  SER A CB  1 
ATOM   350  O OG  . SER A 1 44  ? -22.438 -9.724  3.882   1.00 15.88 ? 44  SER A OG  1 
ATOM   351  N N   . GLU A 1 45  ? -18.291 -8.223  4.310   1.00 11.54 ? 45  GLU A N   1 
ATOM   352  C CA  . GLU A 1 45  ? -16.859 -8.230  4.581   1.00 11.25 ? 45  GLU A CA  1 
ATOM   353  C C   . GLU A 1 45  ? -16.518 -7.300  5.733   1.00 11.19 ? 45  GLU A C   1 
ATOM   354  O O   . GLU A 1 45  ? -15.687 -7.632  6.586   1.00 11.80 ? 45  GLU A O   1 
ATOM   355  C CB  . GLU A 1 45  ? -16.078 -7.827  3.329   1.00 11.11 ? 45  GLU A CB  1 
ATOM   356  C CG  . GLU A 1 45  ? -16.130 -8.861  2.216   1.00 11.32 ? 45  GLU A CG  1 
ATOM   357  C CD  . GLU A 1 45  ? -15.597 -10.215 2.658   1.00 12.33 ? 45  GLU A CD  1 
ATOM   358  O OE1 . GLU A 1 45  ? -14.434 -10.291 3.106   1.00 12.83 ? 45  GLU A OE1 1 
ATOM   359  O OE2 . GLU A 1 45  ? -16.353 -11.212 2.574   1.00 13.28 ? 45  GLU A OE2 1 
ATOM   360  N N   . LEU A 1 46  ? -17.155 -6.131  5.789   1.00 11.13 ? 46  LEU A N   1 
ATOM   361  C CA  . LEU A 1 46  ? -16.862 -5.198  6.870   1.00 11.57 ? 46  LEU A CA  1 
ATOM   362  C C   . LEU A 1 46  ? -17.242 -5.791  8.222   1.00 10.77 ? 46  LEU A C   1 
ATOM   363  O O   . LEU A 1 46  ? -16.459 -5.753  9.176   1.00 11.18 ? 46  LEU A O   1 
ATOM   364  C CB  . LEU A 1 46  ? -17.597 -3.881  6.642   1.00 11.77 ? 46  LEU A CB  1 
ATOM   365  C CG  . LEU A 1 46  ? -17.384 -2.831  7.728   1.00 11.59 ? 46  LEU A CG  1 
ATOM   366  C CD1 . LEU A 1 46  ? -15.911 -2.471  7.848   1.00 12.68 ? 46  LEU A CD1 1 
ATOM   367  C CD2 . LEU A 1 46  ? -18.209 -1.594  7.464   1.00 11.87 ? 46  LEU A CD2 1 
ATOM   368  N N   . ASP A 1 47  ? -18.450 -6.347  8.321   1.00 11.46 ? 47  ASP A N   1 
ATOM   369  C CA  . ASP A 1 47  ? -18.886 -6.923  9.587   1.00 11.02 ? 47  ASP A CA  1 
ATOM   370  C C   . ASP A 1 47  ? -17.971 -8.063  10.015  1.00 11.50 ? 47  ASP A C   1 
ATOM   371  O O   . ASP A 1 47  ? -17.675 -8.216  11.205  1.00 12.11 ? 47  ASP A O   1 
ATOM   372  C CB  . ASP A 1 47  ? -20.326 -7.408  9.466   1.00 12.73 ? 47  ASP A CB  1 
ATOM   373  C CG  . ASP A 1 47  ? -21.322 -6.272  9.366   1.00 13.83 ? 47  ASP A CG  1 
ATOM   374  O OD1 . ASP A 1 47  ? -20.920 -5.098  9.463   1.00 14.20 ? 47  ASP A OD1 1 
ATOM   375  O OD2 . ASP A 1 47  ? -22.527 -6.569  9.210   1.00 17.22 ? 47  ASP A OD2 1 
ATOM   376  N N   . LYS A 1 48  ? -17.512 -8.870  9.057   1.00 11.32 ? 48  LYS A N   1 
ATOM   377  C CA  . LYS A 1 48  ? -16.565 -9.943  9.354   1.00 11.10 ? 48  LYS A CA  1 
ATOM   378  C C   . LYS A 1 48  ? -15.238 -9.387  9.863   1.00 10.89 ? 48  LYS A C   1 
ATOM   379  O O   . LYS A 1 48  ? -14.656 -9.916  10.823  1.00 11.24 ? 48  LYS A O   1 
ATOM   380  C CB  . LYS A 1 48  ? -16.368 -10.797 8.098   1.00 12.46 ? 48  LYS A CB  1 
ATOM   381  C CG  . LYS A 1 48  ? -15.309 -11.877 8.204   1.00 11.88 ? 48  LYS A CG  1 
ATOM   382  C CD  . LYS A 1 48  ? -15.447 -12.930 7.106   1.00 12.88 ? 48  LYS A CD  1 
ATOM   383  C CE  . LYS A 1 48  ? -15.415 -12.343 5.691   1.00 12.55 ? 48  LYS A CE  1 
ATOM   384  N NZ  . LYS A 1 48  ? -14.037 -11.992 5.237   1.00 12.72 ? 48  LYS A NZ  1 
ATOM   385  N N   . ALA A 1 49  ? -14.760 -8.299  9.250   1.00 11.07 ? 49  ALA A N   1 
ATOM   386  C CA  . ALA A 1 49  ? -13.469 -7.729  9.627   1.00 11.13 ? 49  ALA A CA  1 
ATOM   387  C C   . ALA A 1 49  ? -13.508 -7.098  11.014  1.00 10.53 ? 49  ALA A C   1 
ATOM   388  O O   . ALA A 1 49  ? -12.519 -7.153  11.754  1.00 11.46 ? 49  ALA A O   1 
ATOM   389  C CB  . ALA A 1 49  ? -13.044 -6.684  8.596   1.00 12.16 ? 49  ALA A CB  1 
ATOM   390  N N   . ILE A 1 50  ? -14.625 -6.459  11.364  1.00 11.72 ? 50  ILE A N   1 
ATOM   391  C CA  . ILE A 1 50  ? -14.740 -5.720  12.619  1.00 11.81 ? 50  ILE A CA  1 
ATOM   392  C C   . ILE A 1 50  ? -15.274 -6.595  13.753  1.00 12.79 ? 50  ILE A C   1 
ATOM   393  O O   . ILE A 1 50  ? -14.971 -6.350  14.927  1.00 12.99 ? 50  ILE A O   1 
ATOM   394  C CB  . ILE A 1 50  ? -15.627 -4.475  12.419  1.00 12.56 ? 50  ILE A CB  1 
ATOM   395  C CG1 . ILE A 1 50  ? -15.114 -3.624  11.258  1.00 14.52 ? 50  ILE A CG1 1 
ATOM   396  C CG2 . ILE A 1 50  ? -15.734 -3.639  13.710  1.00 14.37 ? 50  ILE A CG2 1 
ATOM   397  C CD1 . ILE A 1 50  ? -13.740 -3.060  11.485  1.00 16.55 ? 50  ILE A CD1 1 
ATOM   398  N N   . GLY A 1 51  ? -16.085 -7.597  13.430  1.00 12.12 ? 51  GLY A N   1 
ATOM   399  C CA  . GLY A 1 51  ? -16.689 -8.431  14.453  1.00 13.13 ? 51  GLY A CA  1 
ATOM   400  C C   . GLY A 1 51  ? -17.961 -7.883  15.056  1.00 14.68 ? 51  GLY A C   1 
ATOM   401  O O   . GLY A 1 51  ? -18.308 -8.249  16.187  1.00 16.16 ? 51  GLY A O   1 
ATOM   402  N N   . ARG A 1 52  ? -18.673 -7.017  14.342  1.00 14.06 ? 52  ARG A N   1 
ATOM   403  C CA  . ARG A 1 52  ? -19.977 -6.545  14.781  1.00 16.34 ? 52  ARG A CA  1 
ATOM   404  C C   . ARG A 1 52  ? -20.747 -6.094  13.553  1.00 14.65 ? 52  ARG A C   1 
ATOM   405  O O   . ARG A 1 52  ? -20.205 -6.019  12.451  1.00 14.35 ? 52  ARG A O   1 
ATOM   406  C CB  . ARG A 1 52  ? -19.859 -5.419  15.810  1.00 16.57 ? 52  ARG A CB  1 
ATOM   407  C CG  . ARG A 1 52  ? -19.330 -4.135  15.224  1.00 15.73 ? 52  ARG A CG  1 
ATOM   408  C CD  . ARG A 1 52  ? -19.182 -3.022  16.258  1.00 16.61 ? 52  ARG A CD  1 
ATOM   409  N NE  . ARG A 1 52  ? -18.606 -1.844  15.621  1.00 14.66 ? 52  ARG A NE  1 
ATOM   410  C CZ  . ARG A 1 52  ? -19.301 -0.935  14.945  1.00 13.75 ? 52  ARG A CZ  1 
ATOM   411  N NH1 . ARG A 1 52  ? -20.619 -1.032  14.834  1.00 15.81 ? 52  ARG A NH1 1 
ATOM   412  N NH2 . ARG A 1 52  ? -18.673 0.082   14.369  1.00 15.24 ? 52  ARG A NH2 1 
ATOM   413  N N   . ASN A 1 53  ? -22.023 -5.803  13.762  1.00 14.49 ? 53  ASN A N   1 
ATOM   414  C CA  . ASN A 1 53  ? -22.927 -5.351  12.710  1.00 14.50 ? 53  ASN A CA  1 
ATOM   415  C C   . ASN A 1 53  ? -22.706 -3.855  12.535  1.00 14.87 ? 53  ASN A C   1 
ATOM   416  O O   . ASN A 1 53  ? -23.170 -3.048  13.344  1.00 15.60 ? 53  ASN A O   1 
ATOM   417  C CB  . ASN A 1 53  ? -24.358 -5.648  13.147  1.00 19.11 ? 53  ASN A CB  1 
ATOM   418  C CG  . ASN A 1 53  ? -25.379 -5.411  12.051  1.00 22.73 ? 53  ASN A CG  1 
ATOM   419  O OD1 . ASN A 1 53  ? -25.115 -4.729  11.069  1.00 25.18 ? 53  ASN A OD1 1 
ATOM   420  N ND2 . ASN A 1 53  ? -26.570 -5.978  12.229  1.00 27.58 ? 53  ASN A ND2 1 
ATOM   421  N N   . CYS A 1 54  ? -21.995 -3.471  11.471  1.00 13.47 ? 54  CYS A N   1 
ATOM   422  C CA  . CYS A 1 54  ? -21.530 -2.100  11.316  1.00 13.96 ? 54  CYS A CA  1 
ATOM   423  C C   . CYS A 1 54  ? -22.404 -1.241  10.419  1.00 13.90 ? 54  CYS A C   1 
ATOM   424  O O   . CYS A 1 54  ? -22.295 -0.012  10.488  1.00 14.42 ? 54  CYS A O   1 
ATOM   425  C CB  . CYS A 1 54  ? -20.124 -2.083  10.700  1.00 14.45 ? 54  CYS A CB  1 
ATOM   426  S SG  . CYS A 1 54  ? -18.853 -2.791  11.729  1.00 14.19 ? 54  CYS A SG  1 
ATOM   427  N N   . ASN A 1 55  ? -23.190 -1.832  9.527   1.00 14.82 ? 55  ASN A N   1 
ATOM   428  C CA  . ASN A 1 55  ? -24.008 -1.039  8.611   1.00 17.50 ? 55  ASN A CA  1 
ATOM   429  C C   . ASN A 1 55  ? -23.154 -0.119  7.732   1.00 16.32 ? 55  ASN A C   1 
ATOM   430  O O   . ASN A 1 55  ? -23.598 0.961   7.348   1.00 17.95 ? 55  ASN A O   1 
ATOM   431  C CB  . ASN A 1 55  ? -25.059 -0.243  9.405   1.00 23.17 ? 55  ASN A CB  1 
ATOM   432  C CG  . ASN A 1 55  ? -26.127 0.412   8.539   1.00 22.10 ? 55  ASN A CG  1 
ATOM   433  O OD1 . ASN A 1 55  ? -26.514 -0.110  7.496   1.00 25.91 ? 55  ASN A OD1 1 
ATOM   434  N ND2 . ASN A 1 55  ? -26.612 1.567   8.986   1.00 25.07 ? 55  ASN A ND2 1 
ATOM   435  N N   . GLY A 1 56  ? -21.911 -0.508  7.429   1.00 13.24 ? 56  GLY A N   1 
ATOM   436  C CA  . GLY A 1 56  ? -21.057 0.304   6.580   1.00 12.52 ? 56  GLY A CA  1 
ATOM   437  C C   . GLY A 1 56  ? -20.340 1.451   7.256   1.00 12.80 ? 56  GLY A C   1 
ATOM   438  O O   . GLY A 1 56  ? -19.764 2.292   6.550   1.00 13.43 ? 56  GLY A O   1 
ATOM   439  N N   . VAL A 1 57  ? -20.325 1.508   8.590   1.00 12.96 ? 57  VAL A N   1 
ATOM   440  C CA  . VAL A 1 57  ? -19.728 2.611   9.334   1.00 13.67 ? 57  VAL A CA  1 
ATOM   441  C C   . VAL A 1 57  ? -18.892 2.044   10.475  1.00 13.57 ? 57  VAL A C   1 
ATOM   442  O O   . VAL A 1 57  ? -19.340 1.139   11.188  1.00 13.13 ? 57  VAL A O   1 
ATOM   443  C CB  . VAL A 1 57  ? -20.814 3.555   9.894   1.00 17.00 ? 57  VAL A CB  1 
ATOM   444  C CG1 . VAL A 1 57  ? -20.185 4.671   10.706  1.00 18.86 ? 57  VAL A CG1 1 
ATOM   445  C CG2 . VAL A 1 57  ? -21.682 4.115   8.778   1.00 17.74 ? 57  VAL A CG2 1 
ATOM   446  N N   . ILE A 1 58  ? -17.690 2.598   10.670  1.00 13.23 ? 58  ILE A N   1 
ATOM   447  C CA  . ILE A 1 58  ? -16.788 2.172   11.734  1.00 12.36 ? 58  ILE A CA  1 
ATOM   448  C C   . ILE A 1 58  ? -16.314 3.387   12.527  1.00 12.95 ? 58  ILE A C   1 
ATOM   449  O O   . ILE A 1 58  ? -16.509 4.536   12.129  1.00 14.08 ? 58  ILE A O   1 
ATOM   450  C CB  . ILE A 1 58  ? -15.585 1.353   11.210  1.00 12.01 ? 58  ILE A CB  1 
ATOM   451  C CG1 . ILE A 1 58  ? -14.712 2.176   10.252  1.00 11.98 ? 58  ILE A CG1 1 
ATOM   452  C CG2 . ILE A 1 58  ? -16.060 0.064   10.557  1.00 13.66 ? 58  ILE A CG2 1 
ATOM   453  C CD1 . ILE A 1 58  ? -13.460 1.439   9.782   1.00 12.83 ? 58  ILE A CD1 1 
ATOM   454  N N   . THR A 1 59  ? -15.676 3.113   13.662  1.00 13.60 ? 59  THR A N   1 
ATOM   455  C CA  . THR A 1 59  ? -15.053 4.148   14.471  1.00 14.45 ? 59  THR A CA  1 
ATOM   456  C C   . THR A 1 59  ? -13.596 4.347   14.058  1.00 14.37 ? 59  THR A C   1 
ATOM   457  O O   . THR A 1 59  ? -12.995 3.519   13.369  1.00 13.67 ? 59  THR A O   1 
ATOM   458  C CB  . THR A 1 59  ? -15.101 3.778   15.955  1.00 14.81 ? 59  THR A CB  1 
ATOM   459  O OG1 . THR A 1 59  ? -14.216 2.676   16.190  1.00 15.53 ? 59  THR A OG1 1 
ATOM   460  C CG2 . THR A 1 59  ? -16.519 3.415   16.396  1.00 17.44 ? 59  THR A CG2 1 
ATOM   461  N N   . LYS A 1 60  ? -13.018 5.459   14.519  1.00 15.75 ? 60  LYS A N   1 
ATOM   462  C CA  . LYS A 1 60  ? -11.608 5.726   14.247  1.00 14.73 ? 60  LYS A CA  1 
ATOM   463  C C   . LYS A 1 60  ? -10.713 4.644   14.838  1.00 15.20 ? 60  LYS A C   1 
ATOM   464  O O   . LYS A 1 60  ? -9.755  4.202   14.189  1.00 13.81 ? 60  LYS A O   1 
ATOM   465  C CB  . LYS A 1 60  ? -11.221 7.105   14.777  1.00 18.11 ? 60  LYS A CB  1 
ATOM   466  C CG  . LYS A 1 60  ? -9.830  7.564   14.373  1.00 17.96 ? 60  LYS A CG  1 
ATOM   467  C CD  . LYS A 1 60  ? -9.665  9.053   14.638  1.00 22.27 ? 60  LYS A CD  1 
ATOM   468  C CE  . LYS A 1 60  ? -8.232  9.511   14.431  1.00 25.96 ? 60  LYS A CE  1 
ATOM   469  N NZ  . LYS A 1 60  ? -7.302  8.908   15.424  1.00 29.04 ? 60  LYS A NZ  1 
ATOM   470  N N   . ASP A 1 61  ? -11.003 4.207   16.070  1.00 15.45 ? 61  ASP A N   1 
ATOM   471  C CA  . ASP A 1 61  ? -10.234 3.121   16.667  1.00 14.41 ? 61  ASP A CA  1 
ATOM   472  C C   . ASP A 1 61  ? -10.267 1.882   15.785  1.00 13.73 ? 61  ASP A C   1 
ATOM   473  O O   . ASP A 1 61  ? -9.241  1.219   15.591  1.00 13.13 ? 61  ASP A O   1 
ATOM   474  C CB  . ASP A 1 61  ? -10.807 2.762   18.036  1.00 15.82 ? 61  ASP A CB  1 
ATOM   475  C CG  . ASP A 1 61  ? -10.426 3.744   19.124  1.00 17.72 ? 61  ASP A CG  1 
ATOM   476  O OD1 . ASP A 1 61  ? -9.597  4.643   18.885  1.00 22.79 ? 61  ASP A OD1 1 
ATOM   477  O OD2 . ASP A 1 61  ? -10.986 3.611   20.236  1.00 20.44 ? 61  ASP A OD2 1 
ATOM   478  N N   . GLU A 1 62  ? -11.452 1.533   15.275  1.00 13.28 ? 62  GLU A N   1 
ATOM   479  C CA  . GLU A 1 62  ? -11.580 0.356   14.423  1.00 12.42 ? 62  GLU A CA  1 
ATOM   480  C C   . GLU A 1 62  ? -10.809 0.533   13.122  1.00 11.80 ? 62  GLU A C   1 
ATOM   481  O O   . GLU A 1 62  ? -10.137 -0.398  12.662  1.00 12.08 ? 62  GLU A O   1 
ATOM   482  C CB  . GLU A 1 62  ? -13.058 0.072   14.150  1.00 12.36 ? 62  GLU A CB  1 
ATOM   483  C CG  . GLU A 1 62  ? -13.785 -0.460  15.365  1.00 12.80 ? 62  GLU A CG  1 
ATOM   484  C CD  . GLU A 1 62  ? -15.299 -0.433  15.242  1.00 13.46 ? 62  GLU A CD  1 
ATOM   485  O OE1 . GLU A 1 62  ? -15.844 0.241   14.349  1.00 13.78 ? 62  GLU A OE1 1 
ATOM   486  O OE2 . GLU A 1 62  ? -15.957 -1.089  16.079  1.00 15.09 ? 62  GLU A OE2 1 
ATOM   487  N N   . ALA A 1 63  ? -10.882 1.724   12.524  1.00 12.24 ? 63  ALA A N   1 
ATOM   488  C CA  . ALA A 1 63  ? -10.114 1.982   11.310  1.00 11.64 ? 63  ALA A CA  1 
ATOM   489  C C   . ALA A 1 63  ? -8.622  1.829   11.569  1.00 12.12 ? 63  ALA A C   1 
ATOM   490  O O   . ALA A 1 63  ? -7.895  1.250   10.753  1.00 11.45 ? 63  ALA A O   1 
ATOM   491  C CB  . ALA A 1 63  ? -10.423 3.382   10.786  1.00 13.08 ? 63  ALA A CB  1 
ATOM   492  N N   . GLU A 1 64  ? -8.153  2.316   12.718  1.00 11.94 ? 64  GLU A N   1 
ATOM   493  C CA  . GLU A 1 64  ? -6.734  2.237   13.032  1.00 11.70 ? 64  GLU A CA  1 
ATOM   494  C C   . GLU A 1 64  ? -6.299  0.808   13.312  1.00 11.52 ? 64  GLU A C   1 
ATOM   495  O O   . GLU A 1 64  ? -5.174  0.424   12.966  1.00 11.47 ? 64  GLU A O   1 
ATOM   496  C CB  . GLU A 1 64  ? -6.413  3.193   14.180  1.00 13.48 ? 64  GLU A CB  1 
ATOM   497  C CG  . GLU A 1 64  ? -6.482  4.633   13.710  1.00 14.84 ? 64  GLU A CG  1 
ATOM   498  C CD  . GLU A 1 64  ? -6.469  5.671   14.814  1.00 19.77 ? 64  GLU A CD  1 
ATOM   499  O OE1 . GLU A 1 64  ? -6.633  5.311   15.998  1.00 20.25 ? 64  GLU A OE1 1 
ATOM   500  O OE2 . GLU A 1 64  ? -6.287  6.861   14.478  1.00 22.03 ? 64  GLU A OE2 1 
ATOM   501  N N   . LYS A 1 65  ? -7.174  0.002   13.918  1.00 11.96 ? 65  LYS A N   1 
ATOM   502  C CA  . LYS A 1 65  ? -6.825  -1.392  14.151  1.00 12.21 ? 65  LYS A CA  1 
ATOM   503  C C   . LYS A 1 65  ? -6.741  -2.167  12.842  1.00 11.41 ? 65  LYS A C   1 
ATOM   504  O O   . LYS A 1 65  ? -5.799  -2.936  12.632  1.00 11.77 ? 65  LYS A O   1 
ATOM   505  C CB  . LYS A 1 65  ? -7.813  -2.055  15.111  1.00 14.62 ? 65  LYS A CB  1 
ATOM   506  C CG  . LYS A 1 65  ? -7.403  -3.477  15.474  1.00 16.41 ? 65  LYS A CG  1 
ATOM   507  C CD  . LYS A 1 65  ? -8.223  -4.042  16.616  1.00 17.85 ? 65  LYS A CD  1 
ATOM   508  C CE  . LYS A 1 65  ? -7.772  -5.453  16.967  1.00 19.44 ? 65  LYS A CE  1 
ATOM   509  N NZ  . LYS A 1 65  ? -8.512  -5.975  18.133  1.00 20.80 ? 65  LYS A NZ  1 
ATOM   510  N N   . LEU A 1 66  ? -7.728  -1.987  11.956  1.00 11.32 ? 66  LEU A N   1 
ATOM   511  C CA  . LEU A 1 66  ? -7.653  -2.616  10.642  1.00 11.29 ? 66  LEU A CA  1 
ATOM   512  C C   . LEU A 1 66  ? -6.379  -2.202  9.922   1.00 10.78 ? 66  LEU A C   1 
ATOM   513  O O   . LEU A 1 66  ? -5.717  -3.023  9.284   1.00 11.50 ? 66  LEU A O   1 
ATOM   514  C CB  . LEU A 1 66  ? -8.858  -2.200  9.799   1.00 14.39 ? 66  LEU A CB  1 
ATOM   515  C CG  . LEU A 1 66  ? -10.231 -2.786  10.097  1.00 13.70 ? 66  LEU A CG  1 
ATOM   516  C CD1 . LEU A 1 66  ? -11.188 -2.381  8.989   1.00 19.37 ? 66  LEU A CD1 1 
ATOM   517  C CD2 . LEU A 1 66  ? -10.166 -4.297  10.232  1.00 19.37 ? 66  LEU A CD2 1 
ATOM   518  N N   . PHE A 1 67  ? -6.037  -0.919  10.010  1.00 10.31 ? 67  PHE A N   1 
ATOM   519  C CA  . PHE A 1 67  ? -4.836  -0.401  9.367   1.00 10.54 ? 67  PHE A CA  1 
ATOM   520  C C   . PHE A 1 67  ? -3.583  -1.099  9.890   1.00 10.61 ? 67  PHE A C   1 
ATOM   521  O O   . PHE A 1 67  ? -2.713  -1.503  9.110   1.00 10.51 ? 67  PHE A O   1 
ATOM   522  C CB  . PHE A 1 67  ? -4.797  1.107   9.610   1.00 11.18 ? 67  PHE A CB  1 
ATOM   523  C CG  . PHE A 1 67  ? -3.642  1.835   8.971   1.00 10.61 ? 67  PHE A CG  1 
ATOM   524  C CD1 . PHE A 1 67  ? -3.254  1.599   7.656   1.00 11.23 ? 67  PHE A CD1 1 
ATOM   525  C CD2 . PHE A 1 67  ? -2.971  2.804   9.692   1.00 11.71 ? 67  PHE A CD2 1 
ATOM   526  C CE1 . PHE A 1 67  ? -2.195  2.312   7.090   1.00 11.56 ? 67  PHE A CE1 1 
ATOM   527  C CE2 . PHE A 1 67  ? -1.920  3.514   9.132   1.00 12.76 ? 67  PHE A CE2 1 
ATOM   528  C CZ  . PHE A 1 67  ? -1.540  3.267   7.822   1.00 11.58 ? 67  PHE A CZ  1 
ATOM   529  N N   . ASN A 1 68  ? -3.475  -1.264  11.211  1.00 10.74 ? 68  ASN A N   1 
ATOM   530  C CA  . ASN A 1 68  ? -2.321  -1.972  11.757  1.00 10.52 ? 68  ASN A CA  1 
ATOM   531  C C   . ASN A 1 68  ? -2.249  -3.399  11.225  1.00 10.69 ? 68  ASN A C   1 
ATOM   532  O O   . ASN A 1 68  ? -1.170  -3.887  10.862  1.00 10.88 ? 68  ASN A O   1 
ATOM   533  C CB  . ASN A 1 68  ? -2.404  -1.959  13.282  1.00 12.93 ? 68  ASN A CB  1 
ATOM   534  C CG  . ASN A 1 68  ? -1.081  -2.275  13.956  1.00 14.96 ? 68  ASN A CG  1 
ATOM   535  O OD1 . ASN A 1 68  ? -0.231  -2.988  13.416  1.00 17.92 ? 68  ASN A OD1 1 
ATOM   536  N ND2 . ASN A 1 68  ? -0.908  -1.754  15.159  1.00 16.09 ? 68  ASN A ND2 1 
ATOM   537  N N   . GLN A 1 69  ? -3.392  -4.089  11.181  1.00 10.57 ? 69  GLN A N   1 
ATOM   538  C CA  . GLN A 1 69  ? -3.419  -5.436  10.631  1.00 10.81 ? 69  GLN A CA  1 
ATOM   539  C C   . GLN A 1 69  ? -2.973  -5.442  9.176   1.00 11.03 ? 69  GLN A C   1 
ATOM   540  O O   . GLN A 1 69  ? -2.226  -6.329  8.753   1.00 11.10 ? 69  GLN A O   1 
ATOM   541  C CB  . GLN A 1 69  ? -4.823  -6.018  10.762  1.00 11.10 ? 69  GLN A CB  1 
ATOM   542  C CG  . GLN A 1 69  ? -5.236  -6.239  12.209  1.00 10.92 ? 69  GLN A CG  1 
ATOM   543  C CD  . GLN A 1 69  ? -6.650  -6.743  12.354  1.00 10.52 ? 69  GLN A CD  1 
ATOM   544  O OE1 . GLN A 1 69  ? -7.433  -6.757  11.400  1.00 13.19 ? 69  GLN A OE1 1 
ATOM   545  N NE2 . GLN A 1 69  ? -6.992  -7.158  13.555  1.00 10.83 ? 69  GLN A NE2 1 
ATOM   546  N N   . ASP A 1 70  ? -3.426  -4.459  8.398   1.00 10.53 ? 70  ASP A N   1 
ATOM   547  C CA  . ASP A 1 70  ? -3.113  -4.428  6.973   1.00 10.53 ? 70  ASP A CA  1 
ATOM   548  C C   . ASP A 1 70  ? -1.635  -4.130  6.730   1.00 10.92 ? 70  ASP A C   1 
ATOM   549  O O   . ASP A 1 70  ? -1.022  -4.713  5.827   1.00 11.57 ? 70  ASP A O   1 
ATOM   550  C CB  . ASP A 1 70  ? -3.979  -3.380  6.271   1.00 10.75 ? 70  ASP A CB  1 
ATOM   551  C CG  . ASP A 1 70  ? -5.453  -3.743  6.237   1.00 11.07 ? 70  ASP A CG  1 
ATOM   552  O OD1 . ASP A 1 70  ? -5.811  -4.919  6.471   1.00 11.77 ? 70  ASP A OD1 1 
ATOM   553  O OD2 . ASP A 1 70  ? -6.259  -2.824  5.966   1.00 11.91 ? 70  ASP A OD2 1 
ATOM   554  N N   . VAL A 1 71  ? -1.048  -3.214  7.505   1.00 10.24 ? 71  VAL A N   1 
ATOM   555  C CA  . VAL A 1 71  ? 0.385   -2.954  7.389   1.00 10.41 ? 71  VAL A CA  1 
ATOM   556  C C   . VAL A 1 71  ? 1.178   -4.206  7.742   1.00 10.70 ? 71  VAL A C   1 
ATOM   557  O O   . VAL A 1 71  ? 2.109   -4.602  7.028   1.00 11.17 ? 71  VAL A O   1 
ATOM   558  C CB  . VAL A 1 71  ? 0.795   -1.745  8.249   1.00 10.49 ? 71  VAL A CB  1 
ATOM   559  C CG1 . VAL A 1 71  ? 2.314   -1.604  8.289   1.00 13.22 ? 71  VAL A CG1 1 
ATOM   560  C CG2 . VAL A 1 71  ? 0.154   -0.478  7.711   1.00 12.16 ? 71  VAL A CG2 1 
ATOM   561  N N   . ASP A 1 72  ? 0.816   -4.853  8.849   1.00 10.86 ? 72  ASP A N   1 
ATOM   562  C CA  . ASP A 1 72  ? 1.524   -6.062  9.249   1.00 11.52 ? 72  ASP A CA  1 
ATOM   563  C C   . ASP A 1 72  ? 1.417   -7.145  8.186   1.00 11.68 ? 72  ASP A C   1 
ATOM   564  O O   . ASP A 1 72  ? 2.394   -7.848  7.911   1.00 12.34 ? 72  ASP A O   1 
ATOM   565  C CB  . ASP A 1 72  ? 0.985   -6.575  10.582  1.00 12.39 ? 72  ASP A CB  1 
ATOM   566  C CG  . ASP A 1 72  ? 1.336   -5.671  11.749  1.00 14.86 ? 72  ASP A CG  1 
ATOM   567  O OD1 . ASP A 1 72  ? 2.270   -4.848  11.643  1.00 17.06 ? 72  ASP A OD1 1 
ATOM   568  O OD2 . ASP A 1 72  ? 0.670   -5.802  12.796  1.00 16.80 ? 72  ASP A OD2 1 
ATOM   569  N N   . ALA A 1 73  ? 0.241   -7.291  7.573   1.00 12.13 ? 73  ALA A N   1 
ATOM   570  C CA  . ALA A 1 73  ? 0.071   -8.305  6.541   1.00 12.78 ? 73  ALA A CA  1 
ATOM   571  C C   . ALA A 1 73  ? 0.972   -8.025  5.346   1.00 11.80 ? 73  ALA A C   1 
ATOM   572  O O   . ALA A 1 73  ? 1.516   -8.952  4.737   1.00 13.44 ? 73  ALA A O   1 
ATOM   573  C CB  . ALA A 1 73  ? -1.393  -8.370  6.109   1.00 14.45 ? 73  ALA A CB  1 
ATOM   574  N N   . ALA A 1 74  ? 1.145   -6.747  4.997   1.00 11.87 ? 74  ALA A N   1 
ATOM   575  C CA  . ALA A 1 74  ? 2.043   -6.396  3.903   1.00 11.65 ? 74  ALA A CA  1 
ATOM   576  C C   . ALA A 1 74  ? 3.485   -6.758  4.240   1.00 11.12 ? 74  ALA A C   1 
ATOM   577  O O   . ALA A 1 74  ? 4.198   -7.346  3.416   1.00 12.17 ? 74  ALA A O   1 
ATOM   578  C CB  . ALA A 1 74  ? 1.910   -4.906  3.579   1.00 12.30 ? 74  ALA A CB  1 
ATOM   579  N N   . VAL A 1 75  ? 3.926   -6.412  5.453   1.00 10.97 ? 75  VAL A N   1 
ATOM   580  C CA  . VAL A 1 75  ? 5.282   -6.740  5.889   1.00 11.88 ? 75  VAL A CA  1 
ATOM   581  C C   . VAL A 1 75  ? 5.497   -8.245  5.877   1.00 12.62 ? 75  VAL A C   1 
ATOM   582  O O   . VAL A 1 75  ? 6.497   -8.750  5.348   1.00 12.90 ? 75  VAL A O   1 
ATOM   583  C CB  . VAL A 1 75  ? 5.556   -6.144  7.281   1.00 12.04 ? 75  VAL A CB  1 
ATOM   584  C CG1 . VAL A 1 75  ? 6.878   -6.665  7.827   1.00 14.26 ? 75  VAL A CG1 1 
ATOM   585  C CG2 . VAL A 1 75  ? 5.544   -4.627  7.224   1.00 13.51 ? 75  VAL A CG2 1 
ATOM   586  N N   . ARG A 1 76  ? 4.572   -8.987  6.487   1.00 13.13 ? 76  ARG A N   1 
ATOM   587  C CA  . ARG A 1 76  ? 4.748   -10.432 6.551   1.00 15.18 ? 76  ARG A CA  1 
ATOM   588  C C   . ARG A 1 76  ? 4.704   -11.060 5.164   1.00 14.49 ? 76  ARG A C   1 
ATOM   589  O O   . ARG A 1 76  ? 5.427   -12.026 4.901   1.00 15.59 ? 76  ARG A O   1 
ATOM   590  C CB  . ARG A 1 76  ? 3.735   -11.061 7.508   1.00 17.20 ? 76  ARG A CB  1 
ATOM   591  C CG  . ARG A 1 76  ? 3.881   -10.594 8.957   1.00 20.83 ? 76  ARG A CG  1 
ATOM   592  C CD  . ARG A 1 76  ? 5.279   -10.873 9.514   1.00 23.73 ? 76  ARG A CD  1 
ATOM   593  N NE  . ARG A 1 76  ? 5.494   -12.288 9.815   1.00 26.28 ? 76  ARG A NE  1 
ATOM   594  C CZ  . ARG A 1 76  ? 5.063   -12.908 10.912  1.00 26.31 ? 76  ARG A CZ  1 
ATOM   595  N NH1 . ARG A 1 76  ? 4.389   -12.245 11.843  1.00 24.75 ? 76  ARG A NH1 1 
ATOM   596  N NH2 . ARG A 1 76  ? 5.317   -14.199 11.078  1.00 27.91 ? 76  ARG A NH2 1 
ATOM   597  N N   . GLY A 1 77  ? 3.906   -10.497 4.255   1.00 13.98 ? 77  GLY A N   1 
ATOM   598  C CA  . GLY A 1 77  ? 3.886   -11.004 2.894   1.00 15.65 ? 77  GLY A CA  1 
ATOM   599  C C   . GLY A 1 77  ? 5.212   -10.805 2.187   1.00 13.69 ? 77  GLY A C   1 
ATOM   600  O O   . GLY A 1 77  ? 5.676   -11.687 1.461   1.00 15.05 ? 77  GLY A O   1 
ATOM   601  N N   . ILE A 1 78  ? 5.828   -9.635  2.370   1.00 12.04 ? 78  ILE A N   1 
ATOM   602  C CA  . ILE A 1 78  ? 7.169   -9.400  1.842   1.00 12.03 ? 78  ILE A CA  1 
ATOM   603  C C   . ILE A 1 78  ? 8.145   -10.435 2.389   1.00 12.29 ? 78  ILE A C   1 
ATOM   604  O O   . ILE A 1 78  ? 8.915   -11.052 1.645   1.00 13.51 ? 78  ILE A O   1 
ATOM   605  C CB  . ILE A 1 78  ? 7.627   -7.968  2.173   1.00 11.59 ? 78  ILE A CB  1 
ATOM   606  C CG1 . ILE A 1 78  ? 6.850   -6.951  1.339   1.00 11.48 ? 78  ILE A CG1 1 
ATOM   607  C CG2 . ILE A 1 78  ? 9.123   -7.826  1.951   1.00 12.63 ? 78  ILE A CG2 1 
ATOM   608  C CD1 . ILE A 1 78  ? 6.972   -5.531  1.834   1.00 12.98 ? 78  ILE A CD1 1 
ATOM   609  N N   . LEU A 1 79  ? 8.114   -10.646 3.706   1.00 12.31 ? 79  LEU A N   1 
ATOM   610  C CA  . LEU A 1 79  ? 9.096   -11.520 4.334   1.00 13.01 ? 79  LEU A CA  1 
ATOM   611  C C   . LEU A 1 79  ? 8.912   -12.979 3.947   1.00 14.54 ? 79  LEU A C   1 
ATOM   612  O O   . LEU A 1 79  ? 9.879   -13.746 4.003   1.00 17.20 ? 79  LEU A O   1 
ATOM   613  C CB  . LEU A 1 79  ? 9.068   -11.363 5.855   1.00 14.10 ? 79  LEU A CB  1 
ATOM   614  C CG  . LEU A 1 79  ? 9.469   -9.979  6.371   1.00 14.45 ? 79  LEU A CG  1 
ATOM   615  C CD1 . LEU A 1 79  ? 9.358   -9.901  7.890   1.00 18.48 ? 79  LEU A CD1 1 
ATOM   616  C CD2 . LEU A 1 79  ? 10.877  -9.605  5.906   1.00 17.34 ? 79  LEU A CD2 1 
ATOM   617  N N   . ARG A 1 80  ? 7.709   -13.377 3.554   1.00 13.77 ? 80  ARG A N   1 
ATOM   618  C CA  . ARG A 1 80  ? 7.456   -14.748 3.137   1.00 15.67 ? 80  ARG A CA  1 
ATOM   619  C C   . ARG A 1 80  ? 7.710   -14.979 1.657   1.00 16.59 ? 80  ARG A C   1 
ATOM   620  O O   . ARG A 1 80  ? 7.668   -16.131 1.208   1.00 19.94 ? 80  ARG A O   1 
ATOM   621  C CB  . ARG A 1 80  ? 6.009   -15.131 3.461   1.00 18.76 ? 80  ARG A CB  1 
ATOM   622  C CG  . ARG A 1 80  ? 5.752   -15.332 4.945   1.00 22.07 ? 80  ARG A CG  1 
ATOM   623  C CD  . ARG A 1 80  ? 4.312   -15.720 5.223   1.00 27.42 ? 80  ARG A CD  1 
ATOM   624  N NE  . ARG A 1 80  ? 4.182   -16.443 6.484   1.00 34.60 ? 80  ARG A NE  1 
ATOM   625  C CZ  . ARG A 1 80  ? 3.551   -15.975 7.556   1.00 36.22 ? 80  ARG A CZ  1 
ATOM   626  N NH1 . ARG A 1 80  ? 2.987   -14.774 7.524   1.00 35.38 ? 80  ARG A NH1 1 
ATOM   627  N NH2 . ARG A 1 80  ? 3.482   -16.707 8.659   1.00 37.07 ? 80  ARG A NH2 1 
ATOM   628  N N   . ASN A 1 81  ? 7.965   -13.925 0.891   1.00 15.31 ? 81  ASN A N   1 
ATOM   629  C CA  . ASN A 1 81  ? 8.124   -14.026 -0.552  1.00 16.41 ? 81  ASN A CA  1 
ATOM   630  C C   . ASN A 1 81  ? 9.613   -14.087 -0.873  1.00 16.54 ? 81  ASN A C   1 
ATOM   631  O O   . ASN A 1 81  ? 10.350  -13.138 -0.590  1.00 15.15 ? 81  ASN A O   1 
ATOM   632  C CB  . ASN A 1 81  ? 7.465   -12.821 -1.218  1.00 16.92 ? 81  ASN A CB  1 
ATOM   633  C CG  . ASN A 1 81  ? 7.475   -12.908 -2.724  1.00 17.31 ? 81  ASN A CG  1 
ATOM   634  O OD1 . ASN A 1 81  ? 8.535   -12.986 -3.342  1.00 19.28 ? 81  ASN A OD1 1 
ATOM   635  N ND2 . ASN A 1 81  ? 6.294   -12.885 -3.328  1.00 19.64 ? 81  ASN A ND2 1 
ATOM   636  N N   . ALA A 1 82  ? 10.055  -15.203 -1.460  1.00 18.41 ? 82  ALA A N   1 
ATOM   637  C CA  . ALA A 1 82  ? 11.480  -15.411 -1.701  1.00 18.62 ? 82  ALA A CA  1 
ATOM   638  C C   . ALA A 1 82  ? 12.062  -14.418 -2.699  1.00 17.42 ? 82  ALA A C   1 
ATOM   639  O O   . ALA A 1 82  ? 13.280  -14.223 -2.724  1.00 19.04 ? 82  ALA A O   1 
ATOM   640  C CB  . ALA A 1 82  ? 11.740  -16.847 -2.164  1.00 20.78 ? 82  ALA A CB  1 
ATOM   641  N N   . LYS A 1 83  ? 11.226  -13.794 -3.522  1.00 16.70 ? 83  LYS A N   1 
ATOM   642  C CA  . LYS A 1 83  ? 11.711  -12.783 -4.450  1.00 17.99 ? 83  LYS A CA  1 
ATOM   643  C C   . LYS A 1 83  ? 11.814  -11.414 -3.782  1.00 16.34 ? 83  LYS A C   1 
ATOM   644  O O   . LYS A 1 83  ? 12.763  -10.666 -4.040  1.00 18.22 ? 83  LYS A O   1 
ATOM   645  C CB  . LYS A 1 83  ? 10.795  -12.734 -5.668  1.00 20.43 ? 83  LYS A CB  1 
ATOM   646  C CG  . LYS A 1 83  ? 11.203  -11.743 -6.719  1.00 23.81 ? 83  LYS A CG  1 
ATOM   647  C CD  . LYS A 1 83  ? 10.751  -12.233 -8.082  1.00 27.34 ? 83  LYS A CD  1 
ATOM   648  C CE  . LYS A 1 83  ? 10.384  -11.087 -9.000  1.00 26.15 ? 83  LYS A CE  1 
ATOM   649  N NZ  . LYS A 1 83  ? 9.862   -11.590 -10.300 1.00 28.80 ? 83  LYS A NZ  1 
ATOM   650  N N   . LEU A 1 84  ? 10.861  -11.081 -2.906  1.00 14.50 ? 84  LEU A N   1 
ATOM   651  C CA  . LEU A 1 84  ? 10.820  -9.753  -2.303  1.00 13.07 ? 84  LEU A CA  1 
ATOM   652  C C   . LEU A 1 84  ? 11.734  -9.636  -1.092  1.00 13.13 ? 84  LEU A C   1 
ATOM   653  O O   . LEU A 1 84  ? 12.355  -8.588  -0.887  1.00 12.85 ? 84  LEU A O   1 
ATOM   654  C CB  . LEU A 1 84  ? 9.392   -9.407  -1.891  1.00 13.31 ? 84  LEU A CB  1 
ATOM   655  C CG  . LEU A 1 84  ? 8.356   -9.389  -3.011  1.00 13.49 ? 84  LEU A CG  1 
ATOM   656  C CD1 . LEU A 1 84  ? 7.009   -8.929  -2.461  1.00 15.15 ? 84  LEU A CD1 1 
ATOM   657  C CD2 . LEU A 1 84  ? 8.819   -8.497  -4.154  1.00 14.76 ? 84  LEU A CD2 1 
ATOM   658  N N   . LYS A 1 85  ? 11.817  -10.685 -0.273  1.00 13.19 ? 85  LYS A N   1 
ATOM   659  C CA  . LYS A 1 85  ? 12.578  -10.590 0.972   1.00 13.06 ? 85  LYS A CA  1 
ATOM   660  C C   . LYS A 1 85  ? 14.022  -10.159 0.771   1.00 11.91 ? 85  LYS A C   1 
ATOM   661  O O   . LYS A 1 85  ? 14.476  -9.255  1.494   1.00 12.73 ? 85  LYS A O   1 
ATOM   662  C CB  . LYS A 1 85  ? 12.479  -11.881 1.791   1.00 14.30 ? 85  LYS A CB  1 
ATOM   663  C CG  . LYS A 1 85  ? 13.249  -11.780 3.097   1.00 14.33 ? 85  LYS A CG  1 
ATOM   664  C CD  . LYS A 1 85  ? 13.130  -13.043 3.940   1.00 16.07 ? 85  LYS A CD  1 
ATOM   665  C CE  . LYS A 1 85  ? 13.734  -12.833 5.324   1.00 19.43 ? 85  LYS A CE  1 
ATOM   666  N NZ  . LYS A 1 85  ? 15.212  -12.731 5.276   1.00 25.57 ? 85  LYS A NZ  1 
ATOM   667  N N   . PRO A 1 86  ? 14.796  -10.742 -0.154  1.00 12.82 ? 86  PRO A N   1 
ATOM   668  C CA  . PRO A 1 86  ? 16.186  -10.281 -0.304  1.00 14.03 ? 86  PRO A CA  1 
ATOM   669  C C   . PRO A 1 86  ? 16.286  -8.819  -0.686  1.00 12.36 ? 86  PRO A C   1 
ATOM   670  O O   . PRO A 1 86  ? 17.202  -8.124  -0.232  1.00 13.39 ? 86  PRO A O   1 
ATOM   671  C CB  . PRO A 1 86  ? 16.762  -11.211 -1.383  1.00 15.43 ? 86  PRO A CB  1 
ATOM   672  C CG  . PRO A 1 86  ? 15.580  -11.798 -2.065  1.00 20.10 ? 86  PRO A CG  1 
ATOM   673  C CD  . PRO A 1 86  ? 14.509  -11.887 -1.033  1.00 14.87 ? 86  PRO A CD  1 
ATOM   674  N N   . VAL A 1 87  ? 15.362  -8.322  -1.510  1.00 12.02 ? 87  VAL A N   1 
ATOM   675  C CA  . VAL A 1 87  ? 15.396  -6.905  -1.862  1.00 12.13 ? 87  VAL A CA  1 
ATOM   676  C C   . VAL A 1 87  ? 15.050  -6.047  -0.652  1.00 11.05 ? 87  VAL A C   1 
ATOM   677  O O   . VAL A 1 87  ? 15.743  -5.078  -0.335  1.00 11.30 ? 87  VAL A O   1 
ATOM   678  C CB  . VAL A 1 87  ? 14.483  -6.606  -3.064  1.00 12.38 ? 87  VAL A CB  1 
ATOM   679  C CG1 . VAL A 1 87  ? 14.645  -5.144  -3.491  1.00 13.62 ? 87  VAL A CG1 1 
ATOM   680  C CG2 . VAL A 1 87  ? 14.794  -7.548  -4.217  1.00 14.73 ? 87  VAL A CG2 1 
ATOM   681  N N   . TYR A 1 88  ? 13.971  -6.401  0.044   1.00 11.37 ? 88  TYR A N   1 
ATOM   682  C CA  . TYR A 1 88  ? 13.570  -5.673  1.242   1.00 11.62 ? 88  TYR A CA  1 
ATOM   683  C C   . TYR A 1 88  ? 14.710  -5.599  2.252   1.00 11.26 ? 88  TYR A C   1 
ATOM   684  O O   . TYR A 1 88  ? 15.013  -4.531  2.801   1.00 11.67 ? 88  TYR A O   1 
ATOM   685  C CB  . TYR A 1 88  ? 12.371  -6.391  1.852   1.00 11.76 ? 88  TYR A CB  1 
ATOM   686  C CG  . TYR A 1 88  ? 11.754  -5.706  3.039   1.00 11.26 ? 88  TYR A CG  1 
ATOM   687  C CD1 . TYR A 1 88  ? 10.906  -4.615  2.870   1.00 11.46 ? 88  TYR A CD1 1 
ATOM   688  C CD2 . TYR A 1 88  ? 11.993  -6.166  4.323   1.00 13.03 ? 88  TYR A CD2 1 
ATOM   689  C CE1 . TYR A 1 88  ? 10.323  -3.991  3.953   1.00 12.65 ? 88  TYR A CE1 1 
ATOM   690  C CE2 . TYR A 1 88  ? 11.410  -5.551  5.415   1.00 13.61 ? 88  TYR A CE2 1 
ATOM   691  C CZ  . TYR A 1 88  ? 10.576  -4.467  5.222   1.00 13.47 ? 88  TYR A CZ  1 
ATOM   692  O OH  . TYR A 1 88  ? 9.993   -3.849  6.305   1.00 16.59 ? 88  TYR A OH  1 
ATOM   693  N N   . ASP A 1 89  ? 15.359  -6.737  2.504   1.00 11.55 ? 89  ASP A N   1 
ATOM   694  C CA  . ASP A 1 89  ? 16.422  -6.778  3.499   1.00 12.23 ? 89  ASP A CA  1 
ATOM   695  C C   . ASP A 1 89  ? 17.642  -5.982  3.076   1.00 12.64 ? 89  ASP A C   1 
ATOM   696  O O   . ASP A 1 89  ? 18.447  -5.611  3.935   1.00 14.81 ? 89  ASP A O   1 
ATOM   697  C CB  . ASP A 1 89  ? 16.806  -8.218  3.820   1.00 14.19 ? 89  ASP A CB  1 
ATOM   698  C CG  . ASP A 1 89  ? 15.800  -8.900  4.723   1.00 19.60 ? 89  ASP A CG  1 
ATOM   699  O OD1 . ASP A 1 89  ? 14.911  -8.205  5.257   1.00 19.50 ? 89  ASP A OD1 1 
ATOM   700  O OD2 . ASP A 1 89  ? 15.907  -10.130 4.900   1.00 24.78 ? 89  ASP A OD2 1 
ATOM   701  N N   . SER A 1 90  ? 17.796  -5.701  1.782   1.00 11.65 ? 90  SER A N   1 
ATOM   702  C CA  . SER A 1 90  ? 18.912  -4.892  1.314   1.00 12.46 ? 90  SER A CA  1 
ATOM   703  C C   . SER A 1 90  ? 18.689  -3.401  1.512   1.00 11.29 ? 90  SER A C   1 
ATOM   704  O O   . SER A 1 90  ? 19.654  -2.633  1.419   1.00 11.63 ? 90  SER A O   1 
ATOM   705  C CB  . SER A 1 90  ? 19.200  -5.180  -0.163  1.00 12.15 ? 90  SER A CB  1 
ATOM   706  O OG  . SER A 1 90  ? 18.273  -4.532  -1.022  1.00 11.92 ? 90  SER A OG  1 
ATOM   707  N N   . LEU A 1 91  ? 17.451  -2.980  1.776   1.00 11.91 ? 91  LEU A N   1 
ATOM   708  C CA  . LEU A 1 91  ? 17.095  -1.571  1.845   1.00 11.86 ? 91  LEU A CA  1 
ATOM   709  C C   . LEU A 1 91  ? 17.276  -1.008  3.251   1.00 11.72 ? 91  LEU A C   1 
ATOM   710  O O   . LEU A 1 91  ? 17.161  -1.723  4.251   1.00 12.72 ? 91  LEU A O   1 
ATOM   711  C CB  . LEU A 1 91  ? 15.634  -1.378  1.439   1.00 11.14 ? 91  LEU A CB  1 
ATOM   712  C CG  . LEU A 1 91  ? 15.250  -1.749  0.007   1.00 12.48 ? 91  LEU A CG  1 
ATOM   713  C CD1 . LEU A 1 91  ? 13.740  -1.715  -0.133  1.00 14.10 ? 91  LEU A CD1 1 
ATOM   714  C CD2 . LEU A 1 91  ? 15.899  -0.814  -0.995  1.00 14.22 ? 91  LEU A CD2 1 
ATOM   715  N N   . ASP A 1 92  ? 17.522  0.299   3.311   1.00 11.97 ? 92  ASP A N   1 
ATOM   716  C CA  . ASP A 1 92  ? 17.457  1.069   4.545   1.00 12.36 ? 92  ASP A CA  1 
ATOM   717  C C   . ASP A 1 92  ? 15.998  1.249   4.976   1.00 11.64 ? 92  ASP A C   1 
ATOM   718  O O   . ASP A 1 92  ? 15.054  0.951   4.235   1.00 11.64 ? 92  ASP A O   1 
ATOM   719  C CB  . ASP A 1 92  ? 18.063  2.445   4.307   1.00 13.05 ? 92  ASP A CB  1 
ATOM   720  C CG  . ASP A 1 92  ? 17.361  3.166   3.195   1.00 12.49 ? 92  ASP A CG  1 
ATOM   721  O OD1 . ASP A 1 92  ? 17.741  2.952   2.023   1.00 13.04 ? 92  ASP A OD1 1 
ATOM   722  O OD2 . ASP A 1 92  ? 16.381  3.892   3.506   1.00 13.85 ? 92  ASP A OD2 1 
ATOM   723  N N   . ALA A 1 93  ? 15.821  1.779   6.191   1.00 13.31 ? 93  ALA A N   1 
ATOM   724  C CA  . ALA A 1 93  ? 14.498  1.811   6.806   1.00 13.28 ? 93  ALA A CA  1 
ATOM   725  C C   . ALA A 1 93  ? 13.521  2.686   6.032   1.00 13.44 ? 93  ALA A C   1 
ATOM   726  O O   . ALA A 1 93  ? 12.337  2.347   5.923   1.00 13.59 ? 93  ALA A O   1 
ATOM   727  C CB  . ALA A 1 93  ? 14.609  2.282   8.255   1.00 16.22 ? 93  ALA A CB  1 
ATOM   728  N N   . VAL A 1 94  ? 13.980  3.826   5.511   1.00 12.07 ? 94  VAL A N   1 
ATOM   729  C CA  . VAL A 1 94  ? 13.067  4.711   4.796   1.00 12.04 ? 94  VAL A CA  1 
ATOM   730  C C   . VAL A 1 94  ? 12.602  4.061   3.500   1.00 10.95 ? 94  VAL A C   1 
ATOM   731  O O   . VAL A 1 94  ? 11.409  4.065   3.167   1.00 11.17 ? 94  VAL A O   1 
ATOM   732  C CB  . VAL A 1 94  ? 13.732  6.080   4.558   1.00 13.19 ? 94  VAL A CB  1 
ATOM   733  C CG1 . VAL A 1 94  ? 12.831  6.964   3.724   1.00 14.33 ? 94  VAL A CG1 1 
ATOM   734  C CG2 . VAL A 1 94  ? 14.059  6.743   5.894   1.00 15.16 ? 94  VAL A CG2 1 
ATOM   735  N N   . ARG A 1 95  ? 13.533  3.464   2.760   1.00 10.36 ? 95  ARG A N   1 
ATOM   736  C CA  . ARG A 1 95  ? 13.147  2.782   1.534   1.00 10.70 ? 95  ARG A CA  1 
ATOM   737  C C   . ARG A 1 95  ? 12.297  1.548   1.811   1.00 9.90  ? 95  ARG A C   1 
ATOM   738  O O   . ARG A 1 95  ? 11.432  1.211   0.996   1.00 9.74  ? 95  ARG A O   1 
ATOM   739  C CB  . ARG A 1 95  ? 14.387  2.465   0.708   1.00 10.62 ? 95  ARG A CB  1 
ATOM   740  C CG  . ARG A 1 95  ? 15.062  3.733   0.174   1.00 10.56 ? 95  ARG A CG  1 
ATOM   741  C CD  . ARG A 1 95  ? 16.189  3.382   -0.770  1.00 11.44 ? 95  ARG A CD  1 
ATOM   742  N NE  . ARG A 1 95  ? 16.761  4.535   -1.472  1.00 11.25 ? 95  ARG A NE  1 
ATOM   743  C CZ  . ARG A 1 95  ? 17.816  5.230   -1.056  1.00 11.36 ? 95  ARG A CZ  1 
ATOM   744  N NH1 . ARG A 1 95  ? 18.423  4.932   0.084   1.00 11.97 ? 95  ARG A NH1 1 
ATOM   745  N NH2 . ARG A 1 95  ? 18.268  6.232   -1.802  1.00 12.16 ? 95  ARG A NH2 1 
ATOM   746  N N   . ARG A 1 96  ? 12.506  0.872   2.946   1.00 10.57 ? 96  ARG A N   1 
ATOM   747  C CA  . ARG A 1 96  ? 11.613  -0.227  3.296   1.00 10.24 ? 96  ARG A CA  1 
ATOM   748  C C   . ARG A 1 96  ? 10.176  0.254   3.443   1.00 9.58  ? 96  ARG A C   1 
ATOM   749  O O   . ARG A 1 96  ? 9.240   -0.475  3.094   1.00 10.05 ? 96  ARG A O   1 
ATOM   750  C CB  . ARG A 1 96  ? 12.086  -0.911  4.577   1.00 11.34 ? 96  ARG A CB  1 
ATOM   751  C CG  . ARG A 1 96  ? 13.272  -1.844  4.376   1.00 11.16 ? 96  ARG A CG  1 
ATOM   752  C CD  . ARG A 1 96  ? 13.676  -2.512  5.675   1.00 13.35 ? 96  ARG A CD  1 
ATOM   753  N NE  . ARG A 1 96  ? 14.881  -3.318  5.519   1.00 17.65 ? 96  ARG A NE  1 
ATOM   754  C CZ  . ARG A 1 96  ? 15.671  -3.687  6.521   1.00 17.25 ? 96  ARG A CZ  1 
ATOM   755  N NH1 . ARG A 1 96  ? 15.389  -3.319  7.762   1.00 21.44 ? 96  ARG A NH1 1 
ATOM   756  N NH2 . ARG A 1 96  ? 16.749  -4.419  6.280   1.00 18.99 ? 96  ARG A NH2 1 
ATOM   757  N N   . CYS A 1 97  ? 9.980   1.478   3.938   1.00 9.80  ? 97  CYS A N   1 
ATOM   758  C CA  . CYS A 1 97  ? 8.631   2.026   3.997   1.00 10.31 ? 97  CYS A CA  1 
ATOM   759  C C   . CYS A 1 97  ? 8.029   2.170   2.606   1.00 9.82  ? 97  CYS A C   1 
ATOM   760  O O   . CYS A 1 97  ? 6.841   1.884   2.402   1.00 9.96  ? 97  CYS A O   1 
ATOM   761  C CB  . CYS A 1 97  ? 8.633   3.368   4.721   1.00 10.81 ? 97  CYS A CB  1 
ATOM   762  S SG  . CYS A 1 97  ? 8.949   3.246   6.489   1.00 11.38 ? 97  CYS A SG  1 
ATOM   763  N N   . ALA A 1 98  ? 8.824   2.635   1.637   1.00 9.71  ? 98  ALA A N   1 
ATOM   764  C CA  . ALA A 1 98  ? 8.325   2.737   0.268   1.00 10.35 ? 98  ALA A CA  1 
ATOM   765  C C   . ALA A 1 98  ? 7.925   1.368   -0.268  1.00 9.08  ? 98  ALA A C   1 
ATOM   766  O O   . ALA A 1 98  ? 6.907   1.234   -0.961  1.00 10.03 ? 98  ALA A O   1 
ATOM   767  C CB  . ALA A 1 98  ? 9.378   3.404   -0.617  1.00 10.20 ? 98  ALA A CB  1 
ATOM   768  N N   . ALA A 1 99  ? 8.702   0.333   0.062   1.00 9.75  ? 99  ALA A N   1 
ATOM   769  C CA  . ALA A 1 99  ? 8.367   -1.020  -0.365  1.00 10.32 ? 99  ALA A CA  1 
ATOM   770  C C   . ALA A 1 99  ? 7.049   -1.482  0.245   1.00 9.91  ? 99  ALA A C   1 
ATOM   771  O O   . ALA A 1 99  ? 6.192   -2.038  -0.454  1.00 10.10 ? 99  ALA A O   1 
ATOM   772  C CB  . ALA A 1 99  ? 9.491   -1.977  0.021   1.00 10.69 ? 99  ALA A CB  1 
ATOM   773  N N   . ILE A 1 100 ? 6.886   -1.290  1.557   1.00 9.09  ? 100 ILE A N   1 
ATOM   774  C CA  . ILE A 1 100 ? 5.629   -1.672  2.199   1.00 9.53  ? 100 ILE A CA  1 
ATOM   775  C C   . ILE A 1 100 ? 4.463   -0.923  1.579   1.00 9.61  ? 100 ILE A C   1 
ATOM   776  O O   . ILE A 1 100 ? 3.379   -1.488  1.384   1.00 10.17 ? 100 ILE A O   1 
ATOM   777  C CB  . ILE A 1 100 ? 5.687   -1.440  3.719   1.00 9.80  ? 100 ILE A CB  1 
ATOM   778  C CG1 . ILE A 1 100 ? 6.766   -2.301  4.368   1.00 10.94 ? 100 ILE A CG1 1 
ATOM   779  C CG2 . ILE A 1 100 ? 4.324   -1.726  4.352   1.00 10.74 ? 100 ILE A CG2 1 
ATOM   780  C CD1 . ILE A 1 100 ? 7.182   -1.808  5.737   1.00 12.64 ? 100 ILE A CD1 1 
ATOM   781  N N   . ASN A 1 101 ? 4.659   0.363   1.286   1.00 9.60  ? 101 ASN A N   1 
ATOM   782  C CA  . ASN A 1 101 ? 3.598   1.176   0.704   1.00 9.67  ? 101 ASN A CA  1 
ATOM   783  C C   . ASN A 1 101 ? 3.090   0.551   -0.594  1.00 9.57  ? 101 ASN A C   1 
ATOM   784  O O   . ASN A 1 101 ? 1.877   0.387   -0.798  1.00 10.06 ? 101 ASN A O   1 
ATOM   785  C CB  . ASN A 1 101 ? 4.159   2.584   0.479   1.00 10.14 ? 101 ASN A CB  1 
ATOM   786  C CG  . ASN A 1 101 ? 3.102   3.605   0.145   1.00 8.93  ? 101 ASN A CG  1 
ATOM   787  O OD1 . ASN A 1 101 ? 2.319   3.421   -0.786  1.00 10.34 ? 101 ASN A OD1 1 
ATOM   788  N ND2 . ASN A 1 101 ? 3.098   4.713   0.878   1.00 10.16 ? 101 ASN A ND2 1 
ATOM   789  N N   . MET A 1 102 ? 4.019   0.156   -1.472  1.00 9.32  ? 102 MET A N   1 
ATOM   790  C CA  . MET A 1 102 ? 3.630   -0.454  -2.739  1.00 10.00 ? 102 MET A CA  1 
ATOM   791  C C   . MET A 1 102 ? 2.901   -1.778  -2.536  1.00 10.05 ? 102 MET A C   1 
ATOM   792  O O   . MET A 1 102 ? 1.924   -2.066  -3.242  1.00 10.41 ? 102 MET A O   1 
ATOM   793  C CB  . MET A 1 102 ? 4.857   -0.655  -3.625  1.00 10.38 ? 102 MET A CB  1 
ATOM   794  C CG  . MET A 1 102 ? 5.488   0.651   -4.092  1.00 10.76 ? 102 MET A CG  1 
ATOM   795  S SD  . MET A 1 102 ? 6.724   0.435   -5.386  1.00 10.98 ? 102 MET A SD  1 
ATOM   796  C CE  . MET A 1 102 ? 5.676   0.021   -6.777  1.00 11.68 ? 102 MET A CE  1 
ATOM   797  N N   . VAL A 1 103 ? 3.367   -2.608  -1.599  1.00 10.61 ? 103 VAL A N   1 
ATOM   798  C CA  . VAL A 1 103 ? 2.721   -3.897  -1.364  1.00 11.28 ? 103 VAL A CA  1 
ATOM   799  C C   . VAL A 1 103 ? 1.355   -3.705  -0.716  1.00 10.82 ? 103 VAL A C   1 
ATOM   800  O O   . VAL A 1 103 ? 0.405   -4.442  -1.011  1.00 12.45 ? 103 VAL A O   1 
ATOM   801  C CB  . VAL A 1 103 ? 3.647   -4.816  -0.544  1.00 11.73 ? 103 VAL A CB  1 
ATOM   802  C CG1 . VAL A 1 103 ? 2.935   -6.096  -0.127  1.00 13.34 ? 103 VAL A CG1 1 
ATOM   803  C CG2 . VAL A 1 103 ? 4.899   -5.144  -1.345  1.00 13.13 ? 103 VAL A CG2 1 
ATOM   804  N N   . PHE A 1 104 ? 1.227   -2.708  0.158   1.00 10.69 ? 104 PHE A N   1 
ATOM   805  C CA  . PHE A 1 104 ? -0.081  -2.365  0.705   1.00 11.32 ? 104 PHE A CA  1 
ATOM   806  C C   . PHE A 1 104 ? -1.059  -2.030  -0.414  1.00 11.55 ? 104 PHE A C   1 
ATOM   807  O O   . PHE A 1 104 ? -2.215  -2.471  -0.396  1.00 12.74 ? 104 PHE A O   1 
ATOM   808  C CB  . PHE A 1 104 ? 0.112   -1.189  1.662   1.00 11.49 ? 104 PHE A CB  1 
ATOM   809  C CG  . PHE A 1 104 ? -1.115  -0.769  2.439   1.00 10.13 ? 104 PHE A CG  1 
ATOM   810  C CD1 . PHE A 1 104 ? -2.044  0.090   1.883   1.00 12.12 ? 104 PHE A CD1 1 
ATOM   811  C CD2 . PHE A 1 104 ? -1.276  -1.146  3.764   1.00 11.30 ? 104 PHE A CD2 1 
ATOM   812  C CE1 . PHE A 1 104 ? -3.127  0.530   2.613   1.00 12.71 ? 104 PHE A CE1 1 
ATOM   813  C CE2 . PHE A 1 104 ? -2.360  -0.709  4.497   1.00 11.82 ? 104 PHE A CE2 1 
ATOM   814  C CZ  . PHE A 1 104 ? -3.290  0.119   3.921   1.00 12.55 ? 104 PHE A CZ  1 
ATOM   815  N N   . GLN A 1 105 ? -0.597  -1.285  -1.418  1.00 11.71 ? 105 GLN A N   1 
ATOM   816  C CA  . GLN A 1 105 ? -1.476  -0.850  -2.494  1.00 12.94 ? 105 GLN A CA  1 
ATOM   817  C C   . GLN A 1 105 ? -1.775  -1.966  -3.495  1.00 12.83 ? 105 GLN A C   1 
ATOM   818  O O   . GLN A 1 105 ? -2.919  -2.098  -3.949  1.00 15.28 ? 105 GLN A O   1 
ATOM   819  C CB  . GLN A 1 105 ? -0.881  0.375   -3.200  1.00 12.10 ? 105 GLN A CB  1 
ATOM   820  C CG  . GLN A 1 105 ? -1.811  0.984   -4.242  1.00 13.58 ? 105 GLN A CG  1 
ATOM   821  C CD  . GLN A 1 105 ? -1.251  2.241   -4.911  1.00 12.34 ? 105 GLN A CD  1 
ATOM   822  O OE1 . GLN A 1 105 ? -0.141  2.675   -4.630  1.00 12.16 ? 105 GLN A OE1 1 
ATOM   823  N NE2 . GLN A 1 105 ? -2.034  2.828   -5.812  1.00 15.83 ? 105 GLN A NE2 1 
ATOM   824  N N   . MET A 1 106 ? -0.787  -2.791  -3.853  1.00 12.43 ? 106 MET A N   1 
ATOM   825  C CA  A MET A 1 106 ? -1.007  -3.736  -4.940  0.10 14.07 ? 106 MET A CA  1 
ATOM   826  C CA  B MET A 1 106 ? -0.910  -3.727  -4.963  0.90 14.01 ? 106 MET A CA  1 
ATOM   827  C C   . MET A 1 106 ? -0.772  -5.199  -4.591  1.00 14.61 ? 106 MET A C   1 
ATOM   828  O O   . MET A 1 106 ? -0.953  -6.059  -5.465  1.00 16.84 ? 106 MET A O   1 
ATOM   829  C CB  A MET A 1 106 ? -0.247  -3.324  -6.211  0.10 14.49 ? 106 MET A CB  1 
ATOM   830  C CB  B MET A 1 106 ? 0.095   -3.366  -6.073  0.90 13.60 ? 106 MET A CB  1 
ATOM   831  C CG  A MET A 1 106 ? 1.233   -3.109  -6.023  0.10 14.77 ? 106 MET A CG  1 
ATOM   832  C CG  B MET A 1 106 ? -0.289  -2.074  -6.779  0.90 13.72 ? 106 MET A CG  1 
ATOM   833  S SD  A MET A 1 106 ? 1.955   -1.936  -7.186  0.10 17.66 ? 106 MET A SD  1 
ATOM   834  S SD  B MET A 1 106 ? 0.969   -1.428  -7.887  0.90 14.45 ? 106 MET A SD  1 
ATOM   835  C CE  A MET A 1 106 ? 1.786   -0.418  -6.255  0.10 13.59 ? 106 MET A CE  1 
ATOM   836  C CE  B MET A 1 106 ? 2.071   -0.662  -6.707  0.90 17.27 ? 106 MET A CE  1 
ATOM   837  N N   . GLY A 1 107 ? -0.434  -5.520  -3.346  1.00 15.86 ? 107 GLY A N   1 
ATOM   838  C CA  . GLY A 1 107 ? -0.341  -6.916  -2.950  1.00 16.22 ? 107 GLY A CA  1 
ATOM   839  C C   . GLY A 1 107 ? 0.738   -7.674  -3.699  1.00 18.13 ? 107 GLY A C   1 
ATOM   840  O O   . GLY A 1 107 ? 1.783   -7.126  -4.068  1.00 24.60 ? 107 GLY A O   1 
ATOM   841  N N   . GLU A 1 108 ? 0.478   -8.959  -3.939  1.00 17.73 ? 108 GLU A N   1 
ATOM   842  C CA  . GLU A 1 108 ? 1.442   -9.824  -4.608  1.00 23.59 ? 108 GLU A CA  1 
ATOM   843  C C   . GLU A 1 108 ? 1.293   -9.841  -6.124  1.00 22.27 ? 108 GLU A C   1 
ATOM   844  O O   . GLU A 1 108 ? 2.210   -10.302 -6.814  1.00 20.95 ? 108 GLU A O   1 
ATOM   845  C CB  . GLU A 1 108 ? 1.347   -11.255 -4.067  1.00 26.79 ? 108 GLU A CB  1 
ATOM   846  N N   . THR A 1 109 ? 0.177   -9.347  -6.664  1.00 25.71 ? 109 THR A N   1 
ATOM   847  C CA  . THR A 1 109 ? -0.017  -9.398  -8.110  1.00 26.55 ? 109 THR A CA  1 
ATOM   848  C C   . THR A 1 109 ? 0.963   -8.513  -8.874  1.00 22.77 ? 109 THR A C   1 
ATOM   849  O O   . THR A 1 109 ? 1.113   -8.686  -10.087 1.00 23.57 ? 109 THR A O   1 
ATOM   850  C CB  . THR A 1 109 ? -1.461  -9.050  -8.478  1.00 28.29 ? 109 THR A CB  1 
ATOM   851  O OG1 . THR A 1 109 ? -1.715  -7.673  -8.170  1.00 32.37 ? 109 THR A OG1 1 
ATOM   852  C CG2 . THR A 1 109 ? -2.435  -9.929  -7.709  1.00 29.99 ? 109 THR A CG2 1 
ATOM   853  N N   . GLY A 1 110 ? 1.631   -7.576  -8.210  1.00 25.05 ? 110 GLY A N   1 
ATOM   854  C CA  . GLY A 1 110 ? 2.599   -6.753  -8.897  1.00 25.71 ? 110 GLY A CA  1 
ATOM   855  C C   . GLY A 1 110 ? 4.014   -7.278  -8.912  1.00 20.95 ? 110 GLY A C   1 
ATOM   856  O O   . GLY A 1 110 ? 4.888   -6.642  -9.507  1.00 22.79 ? 110 GLY A O   1 
ATOM   857  N N   . VAL A 1 111 ? 4.272   -8.432  -8.291  1.00 19.40 ? 111 VAL A N   1 
ATOM   858  C CA  . VAL A 1 111 ? 5.648   -8.890  -8.114  1.00 17.06 ? 111 VAL A CA  1 
ATOM   859  C C   . VAL A 1 111 ? 6.322   -9.127  -9.461  1.00 17.44 ? 111 VAL A C   1 
ATOM   860  O O   . VAL A 1 111 ? 7.429   -8.640  -9.710  1.00 18.88 ? 111 VAL A O   1 
ATOM   861  C CB  . VAL A 1 111 ? 5.699   -10.137 -7.215  1.00 17.62 ? 111 VAL A CB  1 
ATOM   862  C CG1 . VAL A 1 111 ? 7.099   -10.721 -7.208  1.00 19.50 ? 111 VAL A CG1 1 
ATOM   863  C CG2 . VAL A 1 111 ? 5.261   -9.789  -5.803  1.00 19.54 ? 111 VAL A CG2 1 
ATOM   864  N N   . ALA A 1 112 ? 5.665   -9.886  -10.344 1.00 18.53 ? 112 ALA A N   1 
ATOM   865  C CA  . ALA A 1 112 ? 6.260   -10.237 -11.631 1.00 18.05 ? 112 ALA A CA  1 
ATOM   866  C C   . ALA A 1 112 ? 6.597   -8.998  -12.455 1.00 16.13 ? 112 ALA A C   1 
ATOM   867  O O   . ALA A 1 112 ? 7.707   -8.875  -12.985 1.00 17.83 ? 112 ALA A O   1 
ATOM   868  C CB  . ALA A 1 112 ? 5.310   -11.154 -12.404 1.00 20.78 ? 112 ALA A CB  1 
ATOM   869  N N   . GLY A 1 113 ? 5.649   -8.071  -12.566 0.88 14.25 ? 113 GLY A N   1 
ATOM   870  C CA  . GLY A 1 113 ? 5.877   -6.889  -13.379 0.88 14.06 ? 113 GLY A CA  1 
ATOM   871  C C   . GLY A 1 113 ? 7.025   -6.031  -12.890 0.88 12.63 ? 113 GLY A C   1 
ATOM   872  O O   . GLY A 1 113 ? 7.687   -5.364  -13.688 0.88 13.95 ? 113 GLY A O   1 
ATOM   873  N N   . PHE A 1 114 ? 7.279   -6.030  -11.581 0.89 14.26 ? 114 PHE A N   1 
ATOM   874  C CA  . PHE A 1 114 ? 8.311   -5.182  -11.006 0.89 13.01 ? 114 PHE A CA  1 
ATOM   875  C C   . PHE A 1 114 ? 9.649   -5.894  -10.854 0.89 12.68 ? 114 PHE A C   1 
ATOM   876  O O   . PHE A 1 114 ? 10.534  -5.385  -10.159 0.89 13.80 ? 114 PHE A O   1 
ATOM   877  C CB  . PHE A 1 114 ? 7.810   -4.537  -9.712  0.89 14.68 ? 114 PHE A CB  1 
ATOM   878  C CG  . PHE A 1 114 ? 6.790   -3.462  -9.961  0.89 14.27 ? 114 PHE A CG  1 
ATOM   879  C CD1 . PHE A 1 114 ? 7.164   -2.137  -10.039 0.89 12.63 ? 114 PHE A CD1 1 
ATOM   880  C CD2 . PHE A 1 114 ? 5.469   -3.788  -10.225 0.89 18.28 ? 114 PHE A CD2 1 
ATOM   881  C CE1 . PHE A 1 114 ? 6.228   -1.145  -10.289 0.89 13.15 ? 114 PHE A CE1 1 
ATOM   882  C CE2 . PHE A 1 114 ? 4.531   -2.802  -10.488 0.89 19.21 ? 114 PHE A CE2 1 
ATOM   883  C CZ  . PHE A 1 114 ? 4.913   -1.478  -10.518 0.89 17.62 ? 114 PHE A CZ  1 
ATOM   884  N N   . THR A 1 115 ? 9.833   -7.024  -11.542 1.00 13.44 ? 115 THR A N   1 
ATOM   885  C CA  . THR A 1 115 ? 11.084  -7.771  -11.460 1.00 14.16 ? 115 THR A CA  1 
ATOM   886  C C   . THR A 1 115 ? 12.299  -6.892  -11.734 1.00 14.31 ? 115 THR A C   1 
ATOM   887  O O   . THR A 1 115 ? 13.295  -6.942  -11.003 1.00 13.97 ? 115 THR A O   1 
ATOM   888  C CB  . THR A 1 115 ? 11.051  -8.939  -12.445 1.00 16.31 ? 115 THR A CB  1 
ATOM   889  O OG1 . THR A 1 115 ? 10.014  -9.853  -12.075 1.00 18.64 ? 115 THR A OG1 1 
ATOM   890  C CG2 . THR A 1 115 ? 12.388  -9.665  -12.480 1.00 18.26 ? 115 THR A CG2 1 
ATOM   891  N N   . ASN A 1 116 ? 12.259  -6.101  -12.810 1.00 13.22 ? 116 ASN A N   1 
ATOM   892  C CA  . ASN A 1 116 ? 13.429  -5.293  -13.134 1.00 12.91 ? 116 ASN A CA  1 
ATOM   893  C C   . ASN A 1 116 ? 13.612  -4.152  -12.139 1.00 12.29 ? 116 ASN A C   1 
ATOM   894  O O   . ASN A 1 116 ? 14.743  -3.822  -11.771 1.00 13.32 ? 116 ASN A O   1 
ATOM   895  C CB  . ASN A 1 116 ? 13.346  -4.791  -14.575 1.00 13.57 ? 116 ASN A CB  1 
ATOM   896  C CG  . ASN A 1 116 ? 13.190  -5.925  -15.565 1.00 13.78 ? 116 ASN A CG  1 
ATOM   897  O OD1 . ASN A 1 116 ? 13.869  -6.951  -15.463 1.00 16.67 ? 116 ASN A OD1 1 
ATOM   898  N ND2 . ASN A 1 116 ? 12.276  -5.765  -16.507 1.00 14.06 ? 116 ASN A ND2 1 
ATOM   899  N N   . SER A 1 117 ? 12.511  -3.548  -11.683 1.00 12.42 ? 117 SER A N   1 
ATOM   900  C CA  . SER A 1 117 ? 12.604  -2.520  -10.650 1.00 12.28 ? 117 SER A CA  1 
ATOM   901  C C   . SER A 1 117 ? 13.261  -3.077  -9.396  1.00 12.13 ? 117 SER A C   1 
ATOM   902  O O   . SER A 1 117 ? 14.107  -2.419  -8.777  1.00 11.84 ? 117 SER A O   1 
ATOM   903  C CB  . SER A 1 117 ? 11.204  -2.025  -10.280 1.00 14.27 ? 117 SER A CB  1 
ATOM   904  O OG  . SER A 1 117 ? 10.341  -1.900  -11.398 1.00 17.79 ? 117 SER A OG  1 
ATOM   905  N N   . LEU A 1 118 ? 12.858  -4.287  -9.001  1.00 11.85 ? 118 LEU A N   1 
ATOM   906  C CA  . LEU A 1 118 ? 13.396  -4.921  -7.802  1.00 12.21 ? 118 LEU A CA  1 
ATOM   907  C C   . LEU A 1 118 ? 14.892  -5.143  -7.929  1.00 12.61 ? 118 LEU A C   1 
ATOM   908  O O   . LEU A 1 118 ? 15.648  -4.896  -6.982  1.00 12.80 ? 118 LEU A O   1 
ATOM   909  C CB  . LEU A 1 118 ? 12.677  -6.249  -7.555  1.00 13.04 ? 118 LEU A CB  1 
ATOM   910  C CG  . LEU A 1 118 ? 11.244  -6.132  -7.038  1.00 13.42 ? 118 LEU A CG  1 
ATOM   911  C CD1 . LEU A 1 118 ? 10.470  -7.414  -7.278  1.00 14.73 ? 118 LEU A CD1 1 
ATOM   912  C CD2 . LEU A 1 118 ? 11.265  -5.790  -5.561  1.00 13.04 ? 118 LEU A CD2 1 
ATOM   913  N N   . ARG A 1 119 ? 15.346  -5.587  -9.104  1.00 12.57 ? 119 ARG A N   1 
ATOM   914  C CA  . ARG A 1 119 ? 16.776  -5.769  -9.318  1.00 13.64 ? 119 ARG A CA  1 
ATOM   915  C C   . ARG A 1 119 ? 17.518  -4.447  -9.194  1.00 11.98 ? 119 ARG A C   1 
ATOM   916  O O   . ARG A 1 119 ? 18.558  -4.367  -8.535  1.00 13.14 ? 119 ARG A O   1 
ATOM   917  C CB  . ARG A 1 119 ? 17.039  -6.397  -10.689 1.00 14.70 ? 119 ARG A CB  1 
ATOM   918  C CG  . ARG A 1 119 ? 18.518  -6.646  -10.961 1.00 17.90 ? 119 ARG A CG  1 
ATOM   919  C CD  . ARG A 1 119 ? 18.754  -7.181  -12.366 1.00 20.16 ? 119 ARG A CD  1 
ATOM   920  N NE  . ARG A 1 119 ? 18.482  -6.160  -13.373 1.00 25.29 ? 119 ARG A NE  1 
ATOM   921  C CZ  . ARG A 1 119 ? 17.412  -6.151  -14.161 1.00 24.31 ? 119 ARG A CZ  1 
ATOM   922  N NH1 . ARG A 1 119 ? 16.509  -7.125  -14.078 1.00 21.99 ? 119 ARG A NH1 1 
ATOM   923  N NH2 . ARG A 1 119 ? 17.251  -5.173  -15.043 1.00 27.91 ? 119 ARG A NH2 1 
ATOM   924  N N   . MET A 1 120 ? 16.990  -3.391  -9.819  1.00 12.25 ? 120 MET A N   1 
ATOM   925  C CA  . MET A 1 120 ? 17.643  -2.091  -9.733  1.00 12.42 ? 120 MET A CA  1 
ATOM   926  C C   . MET A 1 120 ? 17.693  -1.588  -8.295  1.00 11.27 ? 120 MET A C   1 
ATOM   927  O O   . MET A 1 120 ? 18.697  -1.005  -7.873  1.00 12.01 ? 120 MET A O   1 
ATOM   928  C CB  . MET A 1 120 ? 16.942  -1.081  -10.638 1.00 12.10 ? 120 MET A CB  1 
ATOM   929  C CG  . MET A 1 120 ? 17.020  -1.423  -12.114 1.00 13.06 ? 120 MET A CG  1 
ATOM   930  S SD  . MET A 1 120 ? 16.109  -0.222  -13.077 1.00 14.63 ? 120 MET A SD  1 
ATOM   931  C CE  . MET A 1 120 ? 16.026  -1.055  -14.658 1.00 16.81 ? 120 MET A CE  1 
ATOM   932  N N   . LEU A 1 121 ? 16.620  -1.809  -7.527  1.00 11.50 ? 121 LEU A N   1 
ATOM   933  C CA  . LEU A 1 121 ? 16.611  -1.409  -6.122  1.00 11.16 ? 121 LEU A CA  1 
ATOM   934  C C   . LEU A 1 121 ? 17.650  -2.188  -5.325  1.00 11.13 ? 121 LEU A C   1 
ATOM   935  O O   . LEU A 1 121 ? 18.391  -1.610  -4.526  1.00 11.60 ? 121 LEU A O   1 
ATOM   936  C CB  . LEU A 1 121 ? 15.213  -1.595  -5.528  1.00 11.45 ? 121 LEU A CB  1 
ATOM   937  C CG  . LEU A 1 121 ? 14.175  -0.592  -6.034  1.00 10.69 ? 121 LEU A CG  1 
ATOM   938  C CD1 . LEU A 1 121 ? 12.779  -1.005  -5.579  1.00 12.37 ? 121 LEU A CD1 1 
ATOM   939  C CD2 . LEU A 1 121 ? 14.485  0.820   -5.579  1.00 12.14 ? 121 LEU A CD2 1 
ATOM   940  N N   . GLN A 1 122 ? 17.716  -3.506  -5.528  1.00 11.87 ? 122 GLN A N   1 
ATOM   941  C CA  . GLN A 1 122 ? 18.711  -4.292  -4.805  1.00 13.84 ? 122 GLN A CA  1 
ATOM   942  C C   . GLN A 1 122 ? 20.125  -3.859  -5.159  1.00 13.09 ? 122 GLN A C   1 
ATOM   943  O O   . GLN A 1 122 ? 21.020  -3.889  -4.305  1.00 14.68 ? 122 GLN A O   1 
ATOM   944  C CB  . GLN A 1 122 ? 18.534  -5.784  -5.075  1.00 16.23 ? 122 GLN A CB  1 
ATOM   945  C CG  . GLN A 1 122 ? 19.507  -6.638  -4.267  1.00 19.84 ? 122 GLN A CG  1 
ATOM   946  C CD  . GLN A 1 122 ? 19.002  -8.032  -3.971  1.00 22.79 ? 122 GLN A CD  1 
ATOM   947  O OE1 . GLN A 1 122 ? 17.978  -8.464  -4.496  1.00 27.43 ? 122 GLN A OE1 1 
ATOM   948  N NE2 . GLN A 1 122 ? 19.737  -8.755  -3.131  1.00 26.00 ? 122 GLN A NE2 1 
ATOM   949  N N   . GLN A 1 123 ? 20.339  -3.431  -6.402  1.00 13.11 ? 123 GLN A N   1 
ATOM   950  C CA  . GLN A 1 123 ? 21.631  -2.931  -6.857  1.00 13.98 ? 123 GLN A CA  1 
ATOM   951  C C   . GLN A 1 123 ? 21.889  -1.494  -6.434  1.00 13.12 ? 123 GLN A C   1 
ATOM   952  O O   . GLN A 1 123 ? 22.970  -0.963  -6.723  1.00 14.24 ? 123 GLN A O   1 
ATOM   953  C CB  . GLN A 1 123 ? 21.732  -3.047  -8.383  1.00 15.40 ? 123 GLN A CB  1 
ATOM   954  C CG  . GLN A 1 123 ? 21.806  -4.480  -8.865  1.00 17.92 ? 123 GLN A CG  1 
ATOM   955  C CD  . GLN A 1 123 ? 21.649  -4.619  -10.366 1.00 22.34 ? 123 GLN A CD  1 
ATOM   956  O OE1 . GLN A 1 123 ? 21.061  -3.761  -11.024 1.00 23.59 ? 123 GLN A OE1 1 
ATOM   957  N NE2 . GLN A 1 123 ? 22.144  -5.725  -10.911 1.00 26.89 ? 123 GLN A NE2 1 
ATOM   958  N N   . LYS A 1 124 ? 20.919  -0.853  -5.775  1.00 12.44 ? 124 LYS A N   1 
ATOM   959  C CA  . LYS A 1 124 ? 21.047  0.522   -5.302  1.00 11.55 ? 124 LYS A CA  1 
ATOM   960  C C   . LYS A 1 124 ? 21.254  1.506   -6.448  1.00 12.61 ? 124 LYS A C   1 
ATOM   961  O O   . LYS A 1 124 ? 21.879  2.550   -6.289  1.00 13.13 ? 124 LYS A O   1 
ATOM   962  C CB  . LYS A 1 124 ? 22.083  0.658   -4.182  1.00 12.81 ? 124 LYS A CB  1 
ATOM   963  C CG  . LYS A 1 124 ? 21.721  -0.246  -3.000  1.00 13.08 ? 124 LYS A CG  1 
ATOM   964  C CD  . LYS A 1 124 ? 22.518  0.066   -1.742  1.00 14.01 ? 124 LYS A CD  1 
ATOM   965  C CE  . LYS A 1 124 ? 22.091  -0.820  -0.568  1.00 14.99 ? 124 LYS A CE  1 
ATOM   966  N NZ  . LYS A 1 124 ? 20.674  -0.642  -0.184  1.00 15.00 ? 124 LYS A NZ  1 
ATOM   967  N N   . ARG A 1 125 ? 20.671  1.183   -7.601  1.00 11.67 ? 125 ARG A N   1 
ATOM   968  C CA  . ARG A 1 125 ? 20.678  2.059   -8.774  1.00 12.25 ? 125 ARG A CA  1 
ATOM   969  C C   . ARG A 1 125 ? 19.430  2.934   -8.695  1.00 11.03 ? 125 ARG A C   1 
ATOM   970  O O   . ARG A 1 125 ? 18.437  2.720   -9.390  1.00 12.17 ? 125 ARG A O   1 
ATOM   971  C CB  . ARG A 1 125 ? 20.704  1.224   -10.049 1.00 14.98 ? 125 ARG A CB  1 
ATOM   972  C CG  . ARG A 1 125 ? 21.976  0.398   -10.221 1.00 15.68 ? 125 ARG A CG  1 
ATOM   973  C CD  . ARG A 1 125 ? 21.785  -0.765  -11.199 1.00 18.22 ? 125 ARG A CD  1 
ATOM   974  N NE  . ARG A 1 125 ? 21.296  -0.344  -12.510 1.00 20.95 ? 125 ARG A NE  1 
ATOM   975  C CZ  . ARG A 1 125 ? 20.825  -1.174  -13.437 1.00 21.62 ? 125 ARG A CZ  1 
ATOM   976  N NH1 . ARG A 1 125 ? 20.778  -2.478  -13.204 1.00 25.19 ? 125 ARG A NH1 1 
ATOM   977  N NH2 . ARG A 1 125 ? 20.405  -0.699  -14.602 1.00 25.00 ? 125 ARG A NH2 1 
ATOM   978  N N   . TRP A 1 126 ? 19.494  3.934   -7.816  1.00 11.51 ? 126 TRP A N   1 
ATOM   979  C CA  . TRP A 1 126 ? 18.273  4.618   -7.389  1.00 11.42 ? 126 TRP A CA  1 
ATOM   980  C C   . TRP A 1 126 ? 17.625  5.400   -8.525  1.00 11.04 ? 126 TRP A C   1 
ATOM   981  O O   . TRP A 1 126 ? 16.403  5.351   -8.701  1.00 11.25 ? 126 TRP A O   1 
ATOM   982  C CB  . TRP A 1 126 ? 18.549  5.541   -6.209  1.00 11.69 ? 126 TRP A CB  1 
ATOM   983  C CG  . TRP A 1 126 ? 19.226  4.899   -5.036  1.00 11.88 ? 126 TRP A CG  1 
ATOM   984  C CD1 . TRP A 1 126 ? 20.368  5.338   -4.422  1.00 11.87 ? 126 TRP A CD1 1 
ATOM   985  C CD2 . TRP A 1 126 ? 18.798  3.735   -4.300  1.00 11.05 ? 126 TRP A CD2 1 
ATOM   986  N NE1 . TRP A 1 126 ? 20.681  4.522   -3.366  1.00 12.55 ? 126 TRP A NE1 1 
ATOM   987  C CE2 . TRP A 1 126 ? 19.738  3.532   -3.271  1.00 11.60 ? 126 TRP A CE2 1 
ATOM   988  C CE3 . TRP A 1 126 ? 17.722  2.845   -4.419  1.00 11.65 ? 126 TRP A CE3 1 
ATOM   989  C CZ2 . TRP A 1 126 ? 19.636  2.484   -2.362  1.00 12.36 ? 126 TRP A CZ2 1 
ATOM   990  C CZ3 . TRP A 1 126 ? 17.627  1.793   -3.514  1.00 11.85 ? 126 TRP A CZ3 1 
ATOM   991  C CH2 . TRP A 1 126 ? 18.578  1.625   -2.499  1.00 12.03 ? 126 TRP A CH2 1 
ATOM   992  N N   . ASP A 1 127 ? 18.418  6.160   -9.287  1.00 11.72 ? 127 ASP A N   1 
ATOM   993  C CA  . ASP A 1 127 ? 17.825  6.948   -10.364 1.00 11.90 ? 127 ASP A CA  1 
ATOM   994  C C   . ASP A 1 127 ? 17.220  6.043   -11.429 1.00 11.17 ? 127 ASP A C   1 
ATOM   995  O O   . ASP A 1 127 ? 16.124  6.314   -11.940 1.00 11.47 ? 127 ASP A O   1 
ATOM   996  C CB  . ASP A 1 127 ? 18.874  7.863   -10.994 1.00 12.14 ? 127 ASP A CB  1 
ATOM   997  C CG  . ASP A 1 127 ? 19.190  9.084   -10.149 1.00 13.01 ? 127 ASP A CG  1 
ATOM   998  O OD1 . ASP A 1 127 ? 18.697  9.194   -9.009  1.00 16.10 ? 127 ASP A OD1 1 
ATOM   999  O OD2 . ASP A 1 127 ? 19.968  9.937   -10.638 1.00 15.77 ? 127 ASP A OD2 1 
ATOM   1000 N N   . GLU A 1 128 ? 17.919  4.963   -11.780 1.00 11.60 ? 128 GLU A N   1 
ATOM   1001 C CA  . GLU A 1 128 ? 17.388  4.048   -12.781 1.00 12.92 ? 128 GLU A CA  1 
ATOM   1002 C C   . GLU A 1 128 ? 16.142  3.347   -12.275 1.00 11.14 ? 128 GLU A C   1 
ATOM   1003 O O   . GLU A 1 128 ? 15.183  3.166   -13.030 1.00 11.53 ? 128 GLU A O   1 
ATOM   1004 C CB  . GLU A 1 128 ? 18.429  3.011   -13.178 1.00 13.79 ? 128 GLU A CB  1 
ATOM   1005 C CG  . GLU A 1 128 ? 19.563  3.564   -13.993 1.00 16.17 ? 128 GLU A CG  1 
ATOM   1006 C CD  . GLU A 1 128 ? 20.653  2.544   -14.149 1.00 19.89 ? 128 GLU A CD  1 
ATOM   1007 O OE1 . GLU A 1 128 ? 20.714  1.884   -15.212 1.00 25.94 ? 128 GLU A OE1 1 
ATOM   1008 O OE2 . GLU A 1 128 ? 21.419  2.371   -13.185 1.00 19.41 ? 128 GLU A OE2 1 
ATOM   1009 N N   . ALA A 1 129 ? 16.144  2.934   -11.004 1.00 11.12 ? 129 ALA A N   1 
ATOM   1010 C CA  . ALA A 1 129 ? 14.953  2.320   -10.430 1.00 11.38 ? 129 ALA A CA  1 
ATOM   1011 C C   . ALA A 1 129 ? 13.773  3.273   -10.480 1.00 10.75 ? 129 ALA A C   1 
ATOM   1012 O O   . ALA A 1 129 ? 12.654  2.864   -10.803 1.00 11.15 ? 129 ALA A O   1 
ATOM   1013 C CB  . ALA A 1 129 ? 15.227  1.902   -8.987  1.00 11.89 ? 129 ALA A CB  1 
ATOM   1014 N N   . ALA A 1 130 ? 14.013  4.551   -10.177 1.00 11.09 ? 130 ALA A N   1 
ATOM   1015 C CA  . ALA A 1 130 ? 12.942  5.540   -10.197 1.00 11.32 ? 130 ALA A CA  1 
ATOM   1016 C C   . ALA A 1 130 ? 12.351  5.688   -11.592 1.00 11.48 ? 130 ALA A C   1 
ATOM   1017 O O   . ALA A 1 130 ? 11.125  5.772   -11.753 1.00 12.05 ? 130 ALA A O   1 
ATOM   1018 C CB  . ALA A 1 130 ? 13.471  6.880   -9.691  1.00 13.02 ? 130 ALA A CB  1 
ATOM   1019 N N   . VAL A 1 131 ? 13.208  5.734   -12.616 1.00 11.67 ? 131 VAL A N   1 
ATOM   1020 C CA  . VAL A 1 131 ? 12.720  5.796   -13.992 1.00 12.38 ? 131 VAL A CA  1 
ATOM   1021 C C   . VAL A 1 131 ? 11.903  4.554   -14.322 1.00 11.81 ? 131 VAL A C   1 
ATOM   1022 O O   . VAL A 1 131 ? 10.819  4.639   -14.916 1.00 12.92 ? 131 VAL A O   1 
ATOM   1023 C CB  . VAL A 1 131 ? 13.899  5.991   -14.963 1.00 12.80 ? 131 VAL A CB  1 
ATOM   1024 C CG1 . VAL A 1 131 ? 13.474  5.690   -16.395 1.00 15.23 ? 131 VAL A CG1 1 
ATOM   1025 C CG2 . VAL A 1 131 ? 14.439  7.407   -14.858 1.00 15.00 ? 131 VAL A CG2 1 
ATOM   1026 N N   . ASN A 1 132 ? 12.405  3.384   -13.931 1.00 11.40 ? 132 ASN A N   1 
ATOM   1027 C CA  . ASN A 1 132 ? 11.725  2.133   -14.255 1.00 11.39 ? 132 ASN A CA  1 
ATOM   1028 C C   . ASN A 1 132 ? 10.383  2.021   -13.541 1.00 11.30 ? 132 ASN A C   1 
ATOM   1029 O O   . ASN A 1 132 ? 9.399   1.554   -14.128 1.00 11.77 ? 132 ASN A O   1 
ATOM   1030 C CB  . ASN A 1 132 ? 12.623  0.952   -13.902 1.00 12.53 ? 132 ASN A CB  1 
ATOM   1031 C CG  . ASN A 1 132 ? 12.034  -0.371  -14.336 1.00 12.35 ? 132 ASN A CG  1 
ATOM   1032 O OD1 . ASN A 1 132 ? 11.385  -1.061  -13.554 1.00 14.42 ? 132 ASN A OD1 1 
ATOM   1033 N ND2 . ASN A 1 132 ? 12.253  -0.734  -15.590 1.00 14.86 ? 132 ASN A ND2 1 
ATOM   1034 N N   . LEU A 1 133 ? 10.329  2.437   -12.270 1.00 11.04 ? 133 LEU A N   1 
ATOM   1035 C CA  . LEU A 1 133 ? 9.095   2.343   -11.494 1.00 10.81 ? 133 LEU A CA  1 
ATOM   1036 C C   . LEU A 1 133 ? 7.983   3.185   -12.098 1.00 11.29 ? 133 LEU A C   1 
ATOM   1037 O O   . LEU A 1 133 ? 6.804   2.837   -11.971 1.00 11.76 ? 133 LEU A O   1 
ATOM   1038 C CB  . LEU A 1 133 ? 9.354   2.797   -10.058 1.00 10.86 ? 133 LEU A CB  1 
ATOM   1039 C CG  . LEU A 1 133 ? 10.087  1.806   -9.153  1.00 10.74 ? 133 LEU A CG  1 
ATOM   1040 C CD1 . LEU A 1 133 ? 10.648  2.495   -7.925  1.00 13.24 ? 133 LEU A CD1 1 
ATOM   1041 C CD2 . LEU A 1 133 ? 9.170   0.662   -8.741  1.00 13.16 ? 133 LEU A CD2 1 
ATOM   1042 N N   . ALA A 1 134 ? 8.333   4.297   -12.742 1.00 11.55 ? 134 ALA A N   1 
ATOM   1043 C CA  . ALA A 1 134 ? 7.344   5.182   -13.342 1.00 12.13 ? 134 ALA A CA  1 
ATOM   1044 C C   . ALA A 1 134 ? 6.782   4.649   -14.651 1.00 12.28 ? 134 ALA A C   1 
ATOM   1045 O O   . ALA A 1 134 ? 5.752   5.152   -15.110 1.00 13.24 ? 134 ALA A O   1 
ATOM   1046 C CB  . ALA A 1 134 ? 7.933   6.581   -13.545 1.00 13.79 ? 134 ALA A CB  1 
ATOM   1047 N N   . LYS A 1 135 ? 7.415   3.648   -15.251 1.00 11.73 ? 135 LYS A N   1 
ATOM   1048 C CA  . LYS A 1 135 ? 6.906   3.046   -16.484 1.00 12.50 ? 135 LYS A CA  1 
ATOM   1049 C C   . LYS A 1 135 ? 5.922   1.940   -16.107 1.00 11.83 ? 135 LYS A C   1 
ATOM   1050 O O   . LYS A 1 135 ? 6.182   0.749   -16.253 1.00 11.84 ? 135 LYS A O   1 
ATOM   1051 C CB  . LYS A 1 135 ? 8.058   2.519   -17.329 1.00 12.75 ? 135 LYS A CB  1 
ATOM   1052 C CG  . LYS A 1 135 ? 9.048   3.594   -17.741 1.00 13.67 ? 135 LYS A CG  1 
ATOM   1053 C CD  . LYS A 1 135 ? 10.271  2.999   -18.425 1.00 15.28 ? 135 LYS A CD  1 
ATOM   1054 C CE  . LYS A 1 135 ? 11.203  4.094   -18.931 1.00 16.82 ? 135 LYS A CE  1 
ATOM   1055 N NZ  . LYS A 1 135 ? 12.479  3.533   -19.455 1.00 18.03 ? 135 LYS A NZ  1 
ATOM   1056 N N   . SER A 1 136 ? 4.770   2.365   -15.593 1.00 11.08 ? 136 SER A N   1 
ATOM   1057 C CA  . SER A 1 136 ? 3.854   1.423   -14.967 1.00 10.94 ? 136 SER A CA  1 
ATOM   1058 C C   . SER A 1 136 ? 2.436   1.964   -15.008 1.00 11.24 ? 136 SER A C   1 
ATOM   1059 O O   . SER A 1 136 ? 2.217   3.178   -14.948 1.00 11.58 ? 136 SER A O   1 
ATOM   1060 C CB  . SER A 1 136 ? 4.251   1.160   -13.508 1.00 10.51 ? 136 SER A CB  1 
ATOM   1061 O OG  . SER A 1 136 ? 4.187   2.338   -12.728 1.00 10.82 ? 136 SER A OG  1 
ATOM   1062 N N   . ARG A 1 137 ? 1.467   1.045   -15.068 1.00 10.99 ? 137 ARG A N   1 
ATOM   1063 C CA  . ARG A 1 137 ? 0.083   1.453   -14.869 1.00 11.33 ? 137 ARG A CA  1 
ATOM   1064 C C   . ARG A 1 137 ? -0.073  2.154   -13.532 1.00 11.92 ? 137 ARG A C   1 
ATOM   1065 O O   . ARG A 1 137 ? -0.797  3.152   -13.424 1.00 13.01 ? 137 ARG A O   1 
ATOM   1066 C CB  . ARG A 1 137 ? -0.865  0.253   -14.948 1.00 12.02 ? 137 ARG A CB  1 
ATOM   1067 C CG  . ARG A 1 137 ? -2.325  0.654   -14.753 1.00 12.15 ? 137 ARG A CG  1 
ATOM   1068 C CD  . ARG A 1 137 ? -3.304  -0.503  -14.888 1.00 14.26 ? 137 ARG A CD  1 
ATOM   1069 N NE  . ARG A 1 137 ? -4.680  -0.015  -14.862 1.00 15.39 ? 137 ARG A NE  1 
ATOM   1070 C CZ  . ARG A 1 137 ? -5.350  0.259   -13.749 1.00 15.34 ? 137 ARG A CZ  1 
ATOM   1071 N NH1 . ARG A 1 137 ? -4.770  0.095   -12.569 1.00 15.79 ? 137 ARG A NH1 1 
ATOM   1072 N NH2 . ARG A 1 137 ? -6.598  0.704   -13.816 1.00 15.38 ? 137 ARG A NH2 1 
ATOM   1073 N N   . TRP A 1 138 ? 0.618   1.652   -12.504 1.00 11.52 ? 138 TRP A N   1 
ATOM   1074 C CA  . TRP A 1 138 ? 0.574   2.244   -11.172 1.00 11.51 ? 138 TRP A CA  1 
ATOM   1075 C C   . TRP A 1 138 ? 0.850   3.739   -11.217 1.00 12.42 ? 138 TRP A C   1 
ATOM   1076 O O   . TRP A 1 138 ? 0.059   4.550   -10.715 1.00 13.14 ? 138 TRP A O   1 
ATOM   1077 C CB  . TRP A 1 138 ? 1.611   1.536   -10.306 1.00 12.25 ? 138 TRP A CB  1 
ATOM   1078 C CG  . TRP A 1 138 ? 1.888   2.151   -8.977  1.00 11.17 ? 138 TRP A CG  1 
ATOM   1079 C CD1 . TRP A 1 138 ? 0.998   2.340   -7.959  1.00 12.76 ? 138 TRP A CD1 1 
ATOM   1080 C CD2 . TRP A 1 138 ? 3.157   2.609   -8.492  1.00 10.92 ? 138 TRP A CD2 1 
ATOM   1081 N NE1 . TRP A 1 138 ? 1.633   2.902   -6.876  1.00 11.89 ? 138 TRP A NE1 1 
ATOM   1082 C CE2 . TRP A 1 138 ? 2.958   3.075   -7.177  1.00 10.53 ? 138 TRP A CE2 1 
ATOM   1083 C CE3 . TRP A 1 138 ? 4.440   2.682   -9.045  1.00 11.94 ? 138 TRP A CE3 1 
ATOM   1084 C CZ2 . TRP A 1 138 ? 3.993   3.586   -6.405  1.00 10.64 ? 138 TRP A CZ2 1 
ATOM   1085 C CZ3 . TRP A 1 138 ? 5.462   3.197   -8.283  1.00 11.53 ? 138 TRP A CZ3 1 
ATOM   1086 C CH2 . TRP A 1 138 ? 5.237   3.647   -6.978  1.00 11.56 ? 138 TRP A CH2 1 
ATOM   1087 N N   . TYR A 1 139 ? 1.971   4.122   -11.826 1.00 11.91 ? 139 TYR A N   1 
ATOM   1088 C CA  . TYR A 1 139 ? 2.327   5.533   -11.906 1.00 12.97 ? 139 TYR A CA  1 
ATOM   1089 C C   . TYR A 1 139 ? 1.304   6.314   -12.722 1.00 13.56 ? 139 TYR A C   1 
ATOM   1090 O O   . TYR A 1 139 ? 0.891   7.411   -12.331 1.00 15.62 ? 139 TYR A O   1 
ATOM   1091 C CB  . TYR A 1 139 ? 3.722   5.656   -12.515 1.00 13.75 ? 139 TYR A CB  1 
ATOM   1092 C CG  . TYR A 1 139 ? 4.214   7.061   -12.791 1.00 14.80 ? 139 TYR A CG  1 
ATOM   1093 C CD1 . TYR A 1 139 ? 4.947   7.759   -11.841 1.00 16.29 ? 139 TYR A CD1 1 
ATOM   1094 C CD2 . TYR A 1 139 ? 3.976   7.671   -14.018 1.00 18.12 ? 139 TYR A CD2 1 
ATOM   1095 C CE1 . TYR A 1 139 ? 5.421   9.037   -12.104 1.00 21.29 ? 139 TYR A CE1 1 
ATOM   1096 C CE2 . TYR A 1 139 ? 4.438   8.946   -14.286 1.00 22.15 ? 139 TYR A CE2 1 
ATOM   1097 C CZ  . TYR A 1 139 ? 5.161   9.621   -13.327 1.00 21.15 ? 139 TYR A CZ  1 
ATOM   1098 O OH  . TYR A 1 139 ? 5.619   10.893  -13.601 1.00 26.84 ? 139 TYR A OH  1 
ATOM   1099 N N   . ASN A 1 140 ? 0.870   5.767   -13.855 1.00 12.10 ? 140 ASN A N   1 
ATOM   1100 C CA  . ASN A 1 140 ? -0.052  6.516   -14.703 1.00 12.69 ? 140 ASN A CA  1 
ATOM   1101 C C   . ASN A 1 140 ? -1.410  6.723   -14.045 1.00 12.94 ? 140 ASN A C   1 
ATOM   1102 O O   . ASN A 1 140 ? -2.039  7.777   -14.231 1.00 14.54 ? 140 ASN A O   1 
ATOM   1103 C CB  . ASN A 1 140 ? -0.191  5.824   -16.051 1.00 14.47 ? 140 ASN A CB  1 
ATOM   1104 C CG  . ASN A 1 140 ? 1.004   6.066   -16.938 1.00 14.34 ? 140 ASN A CG  1 
ATOM   1105 O OD1 . ASN A 1 140 ? 1.882   5.211   -17.074 1.00 15.77 ? 140 ASN A OD1 1 
ATOM   1106 N ND2 . ASN A 1 140 ? 1.063   7.247   -17.531 1.00 15.29 ? 140 ASN A ND2 1 
ATOM   1107 N N   . GLN A 1 141 ? -1.873  5.757   -13.267 1.00 12.19 ? 141 GLN A N   1 
ATOM   1108 C CA  . GLN A 1 141 ? -3.200  5.867   -12.680 1.00 12.40 ? 141 GLN A CA  1 
ATOM   1109 C C   . GLN A 1 141 ? -3.217  6.639   -11.365 1.00 12.52 ? 141 GLN A C   1 
ATOM   1110 O O   . GLN A 1 141 ? -4.202  7.333   -11.082 1.00 13.25 ? 141 GLN A O   1 
ATOM   1111 C CB  . GLN A 1 141 ? -3.828  4.483   -12.505 1.00 14.50 ? 141 GLN A CB  1 
ATOM   1112 C CG  . GLN A 1 141 ? -3.945  3.662   -13.795 1.00 14.61 ? 141 GLN A CG  1 
ATOM   1113 C CD  . GLN A 1 141 ? -4.770  4.323   -14.889 1.00 13.73 ? 141 GLN A CD  1 
ATOM   1114 O OE1 . GLN A 1 141 ? -4.336  4.404   -16.048 1.00 16.77 ? 141 GLN A OE1 1 
ATOM   1115 N NE2 . GLN A 1 141 ? -5.963  4.788   -14.538 1.00 15.68 ? 141 GLN A NE2 1 
ATOM   1116 N N   . THR A 1 142 ? -2.167  6.543   -10.547 1.00 12.16 ? 142 THR A N   1 
ATOM   1117 C CA  . THR A 1 142 ? -2.049  7.336   -9.323  1.00 11.42 ? 142 THR A CA  1 
ATOM   1118 C C   . THR A 1 142 ? -0.701  8.045   -9.318  1.00 11.08 ? 142 THR A C   1 
ATOM   1119 O O   . THR A 1 142 ? 0.201   7.700   -8.543  1.00 10.92 ? 142 THR A O   1 
ATOM   1120 C CB  . THR A 1 142 ? -2.248  6.491   -8.059  1.00 12.28 ? 142 THR A CB  1 
ATOM   1121 O OG1 . THR A 1 142 ? -1.358  5.365   -8.052  1.00 13.68 ? 142 THR A OG1 1 
ATOM   1122 C CG2 . THR A 1 142 ? -3.682  5.979   -7.964  1.00 13.71 ? 142 THR A CG2 1 
ATOM   1123 N N   . PRO A 1 143 ? -0.537  9.064   -10.170 1.00 10.84 ? 143 PRO A N   1 
ATOM   1124 C CA  . PRO A 1 143 ? 0.804   9.643   -10.353 1.00 11.27 ? 143 PRO A CA  1 
ATOM   1125 C C   . PRO A 1 143 ? 1.317   10.424  -9.168  1.00 10.74 ? 143 PRO A C   1 
ATOM   1126 O O   . PRO A 1 143 ? 2.524   10.400  -8.915  1.00 11.21 ? 143 PRO A O   1 
ATOM   1127 C CB  . PRO A 1 143 ? 0.634   10.529  -11.593 1.00 11.86 ? 143 PRO A CB  1 
ATOM   1128 C CG  . PRO A 1 143 ? -0.826  10.859  -11.617 1.00 12.44 ? 143 PRO A CG  1 
ATOM   1129 C CD  . PRO A 1 143 ? -1.516  9.621   -11.116 1.00 12.16 ? 143 PRO A CD  1 
ATOM   1130 N N   . ASN A 1 144 ? 0.461   11.135  -8.436  1.00 11.46 ? 144 ASN A N   1 
ATOM   1131 C CA  . ASN A 1 144 ? 0.993   11.906  -7.317  1.00 12.20 ? 144 ASN A CA  1 
ATOM   1132 C C   . ASN A 1 144 ? 1.459   10.998  -6.190  1.00 10.81 ? 144 ASN A C   1 
ATOM   1133 O O   . ASN A 1 144 ? 2.527   11.220  -5.608  1.00 11.96 ? 144 ASN A O   1 
ATOM   1134 C CB  . ASN A 1 144 ? -0.016  12.942  -6.844  1.00 14.38 ? 144 ASN A CB  1 
ATOM   1135 C CG  . ASN A 1 144 ? -0.047  14.149  -7.756  1.00 16.49 ? 144 ASN A CG  1 
ATOM   1136 O OD1 . ASN A 1 144 ? 0.932   14.436  -8.448  1.00 21.24 ? 144 ASN A OD1 1 
ATOM   1137 N ND2 . ASN A 1 144 ? -1.166  14.859  -7.767  1.00 23.36 ? 144 ASN A ND2 1 
ATOM   1138 N N   . ARG A 1 145 ? 0.678   9.971   -5.875  1.00 11.00 ? 145 ARG A N   1 
ATOM   1139 C CA  . ARG A 1 145 ? 1.106   9.013   -4.866  1.00 11.74 ? 145 ARG A CA  1 
ATOM   1140 C C   . ARG A 1 145 ? 2.336   8.243   -5.332  1.00 10.91 ? 145 ARG A C   1 
ATOM   1141 O O   . ARG A 1 145 ? 3.294   8.069   -4.565  1.00 11.54 ? 145 ARG A O   1 
ATOM   1142 C CB  . ARG A 1 145 ? -0.053  8.082   -4.525  1.00 13.45 ? 145 ARG A CB  1 
ATOM   1143 C CG  . ARG A 1 145 ? 0.164   7.292   -3.248  1.00 14.88 ? 145 ARG A CG  1 
ATOM   1144 C CD  . ARG A 1 145 ? 0.252   5.837   -3.589  1.00 16.91 ? 145 ARG A CD  1 
ATOM   1145 N NE  . ARG A 1 145 ? 0.321   4.933   -2.441  1.00 13.21 ? 145 ARG A NE  1 
ATOM   1146 C CZ  . ARG A 1 145 ? -0.731  4.418   -1.819  1.00 12.26 ? 145 ARG A CZ  1 
ATOM   1147 N NH1 . ARG A 1 145 ? -1.960  4.747   -2.189  1.00 15.01 ? 145 ARG A NH1 1 
ATOM   1148 N NH2 . ARG A 1 145 ? -0.549  3.559   -0.832  1.00 11.46 ? 145 ARG A NH2 1 
ATOM   1149 N N   . ALA A 1 146 ? 2.340   7.789   -6.586  1.00 11.45 ? 146 ALA A N   1 
ATOM   1150 C CA  . ALA A 1 146 ? 3.504   7.072   -7.096  1.00 11.99 ? 146 ALA A CA  1 
ATOM   1151 C C   . ALA A 1 146 ? 4.747   7.951   -7.082  1.00 11.29 ? 146 ALA A C   1 
ATOM   1152 O O   . ALA A 1 146 ? 5.838   7.485   -6.728  1.00 11.69 ? 146 ALA A O   1 
ATOM   1153 C CB  . ALA A 1 146 ? 3.237   6.543   -8.506  1.00 13.02 ? 146 ALA A CB  1 
ATOM   1154 N N   . LYS A 1 147 ? 4.606   9.228   -7.449  1.00 11.16 ? 147 LYS A N   1 
ATOM   1155 C CA  . LYS A 1 147 ? 5.752   10.132  -7.393  1.00 11.52 ? 147 LYS A CA  1 
ATOM   1156 C C   . LYS A 1 147 ? 6.308   10.245  -5.976  1.00 11.15 ? 147 LYS A C   1 
ATOM   1157 O O   . LYS A 1 147 ? 7.532   10.298  -5.787  1.00 10.88 ? 147 LYS A O   1 
ATOM   1158 C CB  . LYS A 1 147 ? 5.379   11.511  -7.942  1.00 12.23 ? 147 LYS A CB  1 
ATOM   1159 C CG  . LYS A 1 147 ? 5.328   11.615  -9.465  1.00 14.94 ? 147 LYS A CG  1 
ATOM   1160 C CD  . LYS A 1 147 ? 4.648   12.911  -9.903  1.00 17.72 ? 147 LYS A CD  1 
ATOM   1161 C CE  . LYS A 1 147 ? 4.535   13.005  -11.417 1.00 20.77 ? 147 LYS A CE  1 
ATOM   1162 N NZ  . LYS A 1 147 ? 3.965   14.312  -11.861 1.00 24.46 ? 147 LYS A NZ  1 
ATOM   1163 N N   . ARG A 1 148 ? 5.436   10.302  -4.965  1.00 10.48 ? 148 ARG A N   1 
ATOM   1164 C CA  . ARG A 1 148 ? 5.934   10.375  -3.592  1.00 10.69 ? 148 ARG A CA  1 
ATOM   1165 C C   . ARG A 1 148 ? 6.706   9.115   -3.232  1.00 9.75  ? 148 ARG A C   1 
ATOM   1166 O O   . ARG A 1 148 ? 7.792   9.181   -2.639  1.00 10.34 ? 148 ARG A O   1 
ATOM   1167 C CB  . ARG A 1 148 ? 4.778   10.588  -2.606  1.00 10.57 ? 148 ARG A CB  1 
ATOM   1168 C CG  . ARG A 1 148 ? 4.149   11.969  -2.655  1.00 11.12 ? 148 ARG A CG  1 
ATOM   1169 C CD  . ARG A 1 148 ? 3.249   12.234  -1.452  1.00 11.17 ? 148 ARG A CD  1 
ATOM   1170 N NE  . ARG A 1 148 ? 2.035   11.426  -1.469  1.00 11.86 ? 148 ARG A NE  1 
ATOM   1171 C CZ  . ARG A 1 148 ? 0.930   11.734  -2.142  1.00 11.49 ? 148 ARG A CZ  1 
ATOM   1172 N NH1 . ARG A 1 148 ? 0.875   12.838  -2.889  1.00 13.97 ? 148 ARG A NH1 1 
ATOM   1173 N NH2 . ARG A 1 148 ? -0.119  10.927  -2.083  1.00 13.77 ? 148 ARG A NH2 1 
ATOM   1174 N N   . VAL A 1 149 ? 6.140   7.953   -3.557  1.00 9.83  ? 149 VAL A N   1 
ATOM   1175 C CA  . VAL A 1 149 ? 6.804   6.690   -3.252  1.00 9.97  ? 149 VAL A CA  1 
ATOM   1176 C C   . VAL A 1 149 ? 8.120   6.585   -4.009  1.00 9.87  ? 149 VAL A C   1 
ATOM   1177 O O   . VAL A 1 149 ? 9.150   6.181   -3.442  1.00 10.27 ? 149 VAL A O   1 
ATOM   1178 C CB  . VAL A 1 149 ? 5.852   5.522   -3.564  1.00 9.80  ? 149 VAL A CB  1 
ATOM   1179 C CG1 . VAL A 1 149 ? 6.561   4.186   -3.431  1.00 12.05 ? 149 VAL A CG1 1 
ATOM   1180 C CG2 . VAL A 1 149 ? 4.618   5.595   -2.654  1.00 10.74 ? 149 VAL A CG2 1 
ATOM   1181 N N   . ILE A 1 150 ? 8.110   6.952   -5.291  1.00 10.17 ? 150 ILE A N   1 
ATOM   1182 C CA  . ILE A 1 150 ? 9.321   6.887   -6.102  1.00 10.98 ? 150 ILE A CA  1 
ATOM   1183 C C   . ILE A 1 150 ? 10.388  7.831   -5.567  1.00 10.71 ? 150 ILE A C   1 
ATOM   1184 O O   . ILE A 1 150 ? 11.571  7.472   -5.507  1.00 11.06 ? 150 ILE A O   1 
ATOM   1185 C CB  . ILE A 1 150 ? 8.987   7.154   -7.581  1.00 10.84 ? 150 ILE A CB  1 
ATOM   1186 C CG1 . ILE A 1 150 ? 8.183   5.988   -8.150  1.00 11.43 ? 150 ILE A CG1 1 
ATOM   1187 C CG2 . ILE A 1 150 ? 10.256  7.378   -8.379  1.00 13.24 ? 150 ILE A CG2 1 
ATOM   1188 C CD1 . ILE A 1 150 ? 7.665   6.239   -9.553  1.00 12.80 ? 150 ILE A CD1 1 
ATOM   1189 N N   . THR A 1 151 ? 10.002  9.049   -5.173  1.00 10.81 ? 151 THR A N   1 
ATOM   1190 C CA  . THR A 1 151 ? 10.977  9.967   -4.591  1.00 11.81 ? 151 THR A CA  1 
ATOM   1191 C C   . THR A 1 151 ? 11.585  9.389   -3.324  1.00 12.06 ? 151 THR A C   1 
ATOM   1192 O O   . THR A 1 151 ? 12.781  9.579   -3.052  1.00 11.91 ? 151 THR A O   1 
ATOM   1193 C CB  . THR A 1 151 ? 10.324  11.320  -4.314  1.00 13.19 ? 151 THR A CB  1 
ATOM   1194 O OG1 . THR A 1 151 ? 10.027  11.953  -5.562  1.00 15.93 ? 151 THR A OG1 1 
ATOM   1195 C CG2 . THR A 1 151 ? 11.238  12.232  -3.485  1.00 14.66 ? 151 THR A CG2 1 
ATOM   1196 N N   . THR A 1 152 ? 10.778  8.674   -2.540  1.00 10.85 ? 152 THR A N   1 
ATOM   1197 C CA  . THR A 1 152 ? 11.287  8.019   -1.342  1.00 11.25 ? 152 THR A CA  1 
ATOM   1198 C C   . THR A 1 152 ? 12.324  6.949   -1.696  1.00 10.30 ? 152 THR A C   1 
ATOM   1199 O O   . THR A 1 152 ? 13.391  6.875   -1.073  1.00 11.49 ? 152 THR A O   1 
ATOM   1200 C CB  . THR A 1 152 ? 10.114  7.452   -0.532  1.00 10.39 ? 152 THR A CB  1 
ATOM   1201 O OG1 . THR A 1 152 ? 9.134   8.481   -0.327  1.00 11.20 ? 152 THR A OG1 1 
ATOM   1202 C CG2 . THR A 1 152 ? 10.578  6.960   0.820   1.00 11.48 ? 152 THR A CG2 1 
ATOM   1203 N N   . PHE A 1 153 ? 12.047  6.134   -2.719  1.00 10.43 ? 153 PHE A N   1 
ATOM   1204 C CA  . PHE A 1 153 ? 13.048  5.180   -3.193  1.00 11.93 ? 153 PHE A CA  1 
ATOM   1205 C C   . PHE A 1 153 ? 14.264  5.883   -3.794  1.00 12.03 ? 153 PHE A C   1 
ATOM   1206 O O   . PHE A 1 153 ? 15.394  5.390   -3.667  1.00 13.33 ? 153 PHE A O   1 
ATOM   1207 C CB  . PHE A 1 153 ? 12.442  4.273   -4.260  1.00 11.79 ? 153 PHE A CB  1 
ATOM   1208 C CG  . PHE A 1 153 ? 11.736  3.059   -3.731  1.00 11.05 ? 153 PHE A CG  1 
ATOM   1209 C CD1 . PHE A 1 153 ? 12.358  2.175   -2.863  1.00 11.47 ? 153 PHE A CD1 1 
ATOM   1210 C CD2 . PHE A 1 153 ? 10.458  2.780   -4.169  1.00 12.43 ? 153 PHE A CD2 1 
ATOM   1211 C CE1 . PHE A 1 153 ? 11.691  1.045   -2.422  1.00 12.20 ? 153 PHE A CE1 1 
ATOM   1212 C CE2 . PHE A 1 153 ? 9.795   1.656   -3.742  1.00 13.85 ? 153 PHE A CE2 1 
ATOM   1213 C CZ  . PHE A 1 153 ? 10.408  0.789   -2.868  1.00 13.02 ? 153 PHE A CZ  1 
ATOM   1214 N N   . ARG A 1 154 ? 14.062  6.999   -4.500  1.00 11.48 ? 154 ARG A N   1 
ATOM   1215 C CA  . ARG A 1 154 ? 15.194  7.633   -5.169  1.00 12.88 ? 154 ARG A CA  1 
ATOM   1216 C C   . ARG A 1 154 ? 16.152  8.249   -4.162  1.00 11.80 ? 154 ARG A C   1 
ATOM   1217 O O   . ARG A 1 154 ? 17.379  8.149   -4.318  1.00 13.36 ? 154 ARG A O   1 
ATOM   1218 C CB  . ARG A 1 154 ? 14.712  8.689   -6.161  1.00 12.36 ? 154 ARG A CB  1 
ATOM   1219 C CG  . ARG A 1 154 ? 15.842  9.290   -6.981  1.00 14.06 ? 154 ARG A CG  1 
ATOM   1220 C CD  . ARG A 1 154 ? 15.338  10.274  -8.024  1.00 16.15 ? 154 ARG A CD  1 
ATOM   1221 N NE  . ARG A 1 154 ? 14.494  11.326  -7.462  1.00 19.99 ? 154 ARG A NE  1 
ATOM   1222 C CZ  . ARG A 1 154 ? 14.948  12.435  -6.885  1.00 21.34 ? 154 ARG A CZ  1 
ATOM   1223 N NH1 . ARG A 1 154 ? 16.253  12.651  -6.772  1.00 23.38 ? 154 ARG A NH1 1 
ATOM   1224 N NH2 . ARG A 1 154 ? 14.092  13.331  -6.408  1.00 25.51 ? 154 ARG A NH2 1 
ATOM   1225 N N   . THR A 1 155 ? 15.613  8.875   -3.112  1.00 14.22 ? 155 THR A N   1 
ATOM   1226 C CA  . THR A 1 155 ? 16.410  9.681   -2.200  1.00 14.13 ? 155 THR A CA  1 
ATOM   1227 C C   . THR A 1 155 ? 16.659  9.034   -0.846  1.00 13.04 ? 155 THR A C   1 
ATOM   1228 O O   . THR A 1 155 ? 17.616  9.425   -0.166  1.00 14.40 ? 155 THR A O   1 
ATOM   1229 C CB  . THR A 1 155 ? 15.744  11.043  -1.948  1.00 13.15 ? 155 THR A CB  1 
ATOM   1230 O OG1 . THR A 1 155 ? 14.529  10.844  -1.205  1.00 12.59 ? 155 THR A OG1 1 
ATOM   1231 C CG2 . THR A 1 155 ? 15.436  11.755  -3.259  1.00 15.47 ? 155 THR A CG2 1 
ATOM   1232 N N   . GLY A 1 156 ? 15.823  8.092   -0.419  1.00 13.28 ? 156 GLY A N   1 
ATOM   1233 C CA  . GLY A 1 156 ? 15.969  7.570   0.922   1.00 13.61 ? 156 GLY A CA  1 
ATOM   1234 C C   . GLY A 1 156 ? 15.630  8.567   1.999   1.00 12.30 ? 156 GLY A C   1 
ATOM   1235 O O   . GLY A 1 156 ? 16.056  8.397   3.148   1.00 13.45 ? 156 GLY A O   1 
ATOM   1236 N N   . THR A 1 157 ? 14.878  9.612   1.657   1.00 12.21 ? 157 THR A N   1 
ATOM   1237 C CA  . THR A 1 157 ? 14.423  10.638  2.583   1.00 12.50 ? 157 THR A CA  1 
ATOM   1238 C C   . THR A 1 157 ? 12.903  10.689  2.575   1.00 11.23 ? 157 THR A C   1 
ATOM   1239 O O   . THR A 1 157 ? 12.242  10.124  1.700   1.00 12.06 ? 157 THR A O   1 
ATOM   1240 C CB  . THR A 1 157 ? 14.934  12.033  2.193   1.00 12.86 ? 157 THR A CB  1 
ATOM   1241 O OG1 . THR A 1 157 ? 14.165  12.540  1.088   1.00 13.15 ? 157 THR A OG1 1 
ATOM   1242 C CG2 . THR A 1 157 ? 16.412  12.000  1.827   1.00 15.50 ? 157 THR A CG2 1 
ATOM   1243 N N   . TRP A 1 158 ? 12.364  11.423  3.549   1.00 11.68 ? 158 TRP A N   1 
ATOM   1244 C CA  . TRP A 1 158 ? 10.938  11.704  3.643   1.00 12.33 ? 158 TRP A CA  1 
ATOM   1245 C C   . TRP A 1 158 ? 10.538  12.993  2.921   1.00 13.18 ? 158 TRP A C   1 
ATOM   1246 O O   . TRP A 1 158 ? 9.441   13.511  3.168   1.00 12.90 ? 158 TRP A O   1 
ATOM   1247 C CB  . TRP A 1 158 ? 10.524  11.781  5.113   1.00 13.11 ? 158 TRP A CB  1 
ATOM   1248 C CG  . TRP A 1 158 ? 10.559  10.469  5.806   1.00 11.44 ? 158 TRP A CG  1 
ATOM   1249 C CD1 . TRP A 1 158 ? 11.387  10.098  6.828   1.00 13.83 ? 158 TRP A CD1 1 
ATOM   1250 C CD2 . TRP A 1 158 ? 9.718   9.347   5.543   1.00 11.45 ? 158 TRP A CD2 1 
ATOM   1251 N NE1 . TRP A 1 158 ? 11.110  8.810   7.218   1.00 13.05 ? 158 TRP A NE1 1 
ATOM   1252 C CE2 . TRP A 1 158 ? 10.094  8.322   6.436   1.00 11.82 ? 158 TRP A CE2 1 
ATOM   1253 C CE3 . TRP A 1 158 ? 8.683   9.108   4.636   1.00 11.59 ? 158 TRP A CE3 1 
ATOM   1254 C CZ2 . TRP A 1 158 ? 9.459   7.082   6.459   1.00 13.07 ? 158 TRP A CZ2 1 
ATOM   1255 C CZ3 . TRP A 1 158 ? 8.054   7.873   4.663   1.00 13.60 ? 158 TRP A CZ3 1 
ATOM   1256 C CH2 . TRP A 1 158 ? 8.447   6.878   5.564   1.00 12.66 ? 158 TRP A CH2 1 
ATOM   1257 N N   . ASP A 1 159 ? 11.386  13.508  2.025   1.00 12.59 ? 159 ASP A N   1 
ATOM   1258 C CA  . ASP A 1 159 ? 11.161  14.841  1.464   1.00 13.85 ? 159 ASP A CA  1 
ATOM   1259 C C   . ASP A 1 159 ? 9.805   14.963  0.773   1.00 13.73 ? 159 ASP A C   1 
ATOM   1260 O O   . ASP A 1 159 ? 9.179   16.029  0.809   1.00 14.51 ? 159 ASP A O   1 
ATOM   1261 C CB  . ASP A 1 159 ? 12.276  15.198  0.483   1.00 15.95 ? 159 ASP A CB  1 
ATOM   1262 C CG  . ASP A 1 159 ? 13.567  15.584  1.175   1.00 16.87 ? 159 ASP A CG  1 
ATOM   1263 O OD1 . ASP A 1 159 ? 13.608  15.609  2.419   1.00 20.32 ? 159 ASP A OD1 1 
ATOM   1264 O OD2 . ASP A 1 159 ? 14.547  15.880  0.456   1.00 22.04 ? 159 ASP A OD2 1 
ATOM   1265 N N   . ALA A 1 160 ? 9.337   13.895  0.122   1.00 12.97 ? 160 ALA A N   1 
ATOM   1266 C CA  . ALA A 1 160 ? 8.076   13.984  -0.610  1.00 13.22 ? 160 ALA A CA  1 
ATOM   1267 C C   . ALA A 1 160 ? 6.868   14.047  0.315   1.00 14.78 ? 160 ALA A C   1 
ATOM   1268 O O   . ALA A 1 160 ? 5.785   14.451  -0.125  1.00 17.72 ? 160 ALA A O   1 
ATOM   1269 C CB  . ALA A 1 160 ? 7.923   12.804  -1.566  1.00 15.04 ? 160 ALA A CB  1 
ATOM   1270 N N   . TYR A 1 161 ? 7.019   13.638  1.570   1.00 13.19 ? 161 TYR A N   1 
ATOM   1271 C CA  . TYR A 1 161 ? 5.935   13.642  2.540   1.00 14.30 ? 161 TYR A CA  1 
ATOM   1272 C C   . TYR A 1 161 ? 6.017   14.809  3.509   1.00 16.78 ? 161 TYR A C   1 
ATOM   1273 O O   . TYR A 1 161 ? 5.053   15.056  4.245   1.00 23.56 ? 161 TYR A O   1 
ATOM   1274 C CB  . TYR A 1 161 ? 5.917   12.314  3.311   1.00 13.65 ? 161 TYR A CB  1 
ATOM   1275 C CG  . TYR A 1 161 ? 5.472   11.170  2.434   1.00 11.77 ? 161 TYR A CG  1 
ATOM   1276 C CD1 . TYR A 1 161 ? 6.384   10.496  1.632   1.00 11.55 ? 161 TYR A CD1 1 
ATOM   1277 C CD2 . TYR A 1 161 ? 4.132   10.801  2.364   1.00 11.78 ? 161 TYR A CD2 1 
ATOM   1278 C CE1 . TYR A 1 161 ? 5.983   9.485   0.804   1.00 10.77 ? 161 TYR A CE1 1 
ATOM   1279 C CE2 . TYR A 1 161 ? 3.718   9.782   1.539   1.00 11.82 ? 161 TYR A CE2 1 
ATOM   1280 C CZ  . TYR A 1 161 ? 4.654   9.127   0.755   1.00 10.56 ? 161 TYR A CZ  1 
ATOM   1281 O OH  . TYR A 1 161 ? 4.276   8.109   -0.081  1.00 11.19 ? 161 TYR A OH  1 
ATOM   1282 N N   . LYS A 1 162 ? 7.144   15.510  3.542   1.00 19.42 ? 162 LYS A N   1 
ATOM   1283 C CA  . LYS A 1 162 ? 7.260   16.762  4.275   1.00 21.42 ? 162 LYS A CA  1 
ATOM   1284 C C   . LYS A 1 162 ? 6.760   17.896  3.389   1.00 23.57 ? 162 LYS A C   1 
ATOM   1285 O O   . LYS A 1 162 ? 5.996   18.751  3.830   1.00 28.16 ? 162 LYS A O   1 
ATOM   1286 C CB  . LYS A 1 162 ? 8.718   17.025  4.664   1.00 22.54 ? 162 LYS A CB  1 
ATOM   1287 C CG  . LYS A 1 162 ? 9.339   15.988  5.591   1.00 23.25 ? 162 LYS A CG  1 
ATOM   1288 C CD  . LYS A 1 162 ? 10.841  16.240  5.747   1.00 25.25 ? 162 LYS A CD  1 
ATOM   1289 C CE  . LYS A 1 162 ? 11.633  14.946  5.932   1.00 25.06 ? 162 LYS A CE  1 
ATOM   1290 N NZ  . LYS A 1 162 ? 12.638  14.685  4.845   1.00 22.55 ? 162 LYS A NZ  1 
HETATM 1291 C C10 . YGJ B 2 .   ? 8.608   -4.559  -2.596  0.89 12.43 ? 201 YGJ A C10 1 
HETATM 1292 C C13 . YGJ B 2 .   ? 11.315  -4.205  -2.246  0.89 15.25 ? 201 YGJ A C13 1 
HETATM 1293 C C15 . YGJ B 2 .   ? 5.789   -3.952  -6.560  0.89 18.21 ? 201 YGJ A C15 1 
HETATM 1294 C C02 . YGJ B 2 .   ? 3.970   -5.382  -5.892  0.89 16.47 ? 201 YGJ A C02 1 
HETATM 1295 C C03 . YGJ B 2 .   ? 4.864   -6.170  -5.201  0.89 14.10 ? 201 YGJ A C03 1 
HETATM 1296 C C04 . YGJ B 2 .   ? 6.208   -5.855  -5.187  0.89 14.83 ? 201 YGJ A C04 1 
HETATM 1297 C C05 . YGJ B 2 .   ? 6.683   -4.739  -5.841  0.89 14.19 ? 201 YGJ A C05 1 
HETATM 1298 C C07 . YGJ B 2 .   ? 8.436   -3.119  -5.683  0.89 12.96 ? 201 YGJ A C07 1 
HETATM 1299 C C08 . YGJ B 2 .   ? 8.455   -2.645  -4.225  0.89 14.66 ? 201 YGJ A C08 1 
HETATM 1300 C C09 . YGJ B 2 .   ? 9.249   -3.547  -3.281  0.89 10.29 ? 201 YGJ A C09 1 
HETATM 1301 C C11 . YGJ B 2 .   ? 9.311   -5.389  -1.740  0.89 14.34 ? 201 YGJ A C11 1 
HETATM 1302 C C12 . YGJ B 2 .   ? 10.665  -5.213  -1.565  0.89 15.78 ? 201 YGJ A C12 1 
HETATM 1303 C C14 . YGJ B 2 .   ? 10.612  -3.371  -3.099  0.89 13.02 ? 201 YGJ A C14 1 
HETATM 1304 C C16 . YGJ B 2 .   ? 4.435   -4.271  -6.583  0.89 20.05 ? 201 YGJ A C16 1 
HETATM 1305 O O01 . YGJ B 2 .   ? 2.614   -5.740  -5.896  0.89 22.32 ? 201 YGJ A O01 1 
HETATM 1306 O O06 . YGJ B 2 .   ? 8.059   -4.463  -5.807  0.89 13.13 ? 201 YGJ A O06 1 
HETATM 1307 C C   . TRS C 3 .   ? -5.959  0.155   -1.546  1.00 13.82 ? 202 TRS A C   1 
HETATM 1308 C C1  . TRS C 3 .   ? -5.681  -0.572  -2.864  1.00 15.77 ? 202 TRS A C1  1 
HETATM 1309 C C2  . TRS C 3 .   ? -4.680  0.365   -0.734  1.00 13.29 ? 202 TRS A C2  1 
HETATM 1310 C C3  . TRS C 3 .   ? -6.654  1.473   -1.883  1.00 14.75 ? 202 TRS A C3  1 
HETATM 1311 N N   . TRS C 3 .   ? -6.840  -0.652  -0.721  1.00 13.75 ? 202 TRS A N   1 
HETATM 1312 O O1  . TRS C 3 .   ? -5.252  -1.880  -2.605  1.00 18.16 ? 202 TRS A O1  1 
HETATM 1313 O O2  . TRS C 3 .   ? -3.810  1.175   -1.473  1.00 13.86 ? 202 TRS A O2  1 
HETATM 1314 O O3  . TRS C 3 .   ? -7.046  2.112   -0.704  1.00 15.52 ? 202 TRS A O3  1 
HETATM 1315 O O   . HOH D 4 .   ? 8.612   14.059  -5.370  1.00 24.52 ? 301 HOH A O   1 
HETATM 1316 O O   . HOH D 4 .   ? -6.657  3.581   17.924  1.00 25.66 ? 302 HOH A O   1 
HETATM 1317 O O   . HOH D 4 .   ? -9.265  -0.702  -1.941  1.00 13.90 ? 303 HOH A O   1 
HETATM 1318 O O   . HOH D 4 .   ? -14.882 -2.802  17.753  1.00 21.26 ? 304 HOH A O   1 
HETATM 1319 O O   . HOH D 4 .   ? -5.294  -7.370  5.666   1.00 26.44 ? 305 HOH A O   1 
HETATM 1320 O O   . HOH D 4 .   ? -12.514 -8.485  2.342   1.00 15.82 ? 306 HOH A O   1 
HETATM 1321 O O   . HOH D 4 .   ? -6.805  3.530   -4.673  1.00 22.90 ? 307 HOH A O   1 
HETATM 1322 O O   . HOH D 4 .   ? 10.203  -4.547  -13.935 1.00 15.33 ? 308 HOH A O   1 
HETATM 1323 O O   . HOH D 4 .   ? -26.462 -2.336  1.078   1.00 26.39 ? 309 HOH A O   1 
HETATM 1324 O O   . HOH D 4 .   ? 6.901   -0.913  -18.209 1.00 15.63 ? 310 HOH A O   1 
HETATM 1325 O O   . HOH D 4 .   ? -9.612  7.085   3.440   1.00 14.57 ? 311 HOH A O   1 
HETATM 1326 O O   . HOH D 4 .   ? 19.423  -9.197  0.782   1.00 22.12 ? 312 HOH A O   1 
HETATM 1327 O O   . HOH D 4 .   ? 12.009  10.609  -8.153  1.00 22.33 ? 313 HOH A O   1 
HETATM 1328 O O   . HOH D 4 .   ? -9.221  -8.075  14.753  1.00 13.93 ? 314 HOH A O   1 
HETATM 1329 O O   . HOH D 4 .   ? 25.091  -1.981  -8.033  1.00 24.83 ? 315 HOH A O   1 
HETATM 1330 O O   . HOH D 4 .   ? 5.153   15.713  -2.420  1.00 19.31 ? 316 HOH A O   1 
HETATM 1331 O O   . HOH D 4 .   ? -1.025  8.906   -17.923 1.00 19.15 ? 317 HOH A O   1 
HETATM 1332 O O   . HOH D 4 .   ? -7.777  5.301   0.575   1.00 13.43 ? 318 HOH A O   1 
HETATM 1333 O O   . HOH D 4 .   ? -6.512  8.295   -12.094 1.00 16.52 ? 319 HOH A O   1 
HETATM 1334 O O   . HOH D 4 .   ? 18.608  11.505  -7.611  1.00 22.85 ? 320 HOH A O   1 
HETATM 1335 O O   . HOH D 4 .   ? -11.921 -7.136  4.668   1.00 18.67 ? 321 HOH A O   1 
HETATM 1336 O O   . HOH D 4 .   ? 4.250   -13.772 0.492   1.00 21.95 ? 322 HOH A O   1 
HETATM 1337 O O   . HOH D 4 .   ? 17.604  6.239   4.072   1.00 16.34 ? 323 HOH A O   1 
HETATM 1338 O O   . HOH D 4 .   ? 7.828   11.767  -12.300 1.00 25.42 ? 324 HOH A O   1 
HETATM 1339 O O   . HOH D 4 .   ? 19.022  -2.002  -1.846  1.00 13.62 ? 325 HOH A O   1 
HETATM 1340 O O   . HOH D 4 .   ? 1.329   14.041  -11.107 1.00 23.17 ? 326 HOH A O   1 
HETATM 1341 O O   . HOH D 4 .   ? -3.286  6.050   -4.172  1.00 23.26 ? 327 HOH A O   1 
HETATM 1342 O O   . HOH D 4 .   ? -14.627 1.797   18.734  1.00 24.69 ? 328 HOH A O   1 
HETATM 1343 O O   . HOH D 4 .   ? 2.811   -8.305  -12.181 1.00 21.31 ? 329 HOH A O   1 
HETATM 1344 O O   . HOH D 4 .   ? -21.395 -3.428  7.364   1.00 14.92 ? 330 HOH A O   1 
HETATM 1345 O O   . HOH D 4 .   ? -16.038 -3.122  -5.054  1.00 15.44 ? 331 HOH A O   1 
HETATM 1346 O O   . HOH D 4 .   ? -22.518 2.283   -4.030  1.00 26.64 ? 332 HOH A O   1 
HETATM 1347 O O   . HOH D 4 .   ? -2.767  9.507   -2.322  1.00 19.32 ? 333 HOH A O   1 
HETATM 1348 O O   . HOH D 4 .   ? 19.340  11.472  -0.688  1.00 19.90 ? 334 HOH A O   1 
HETATM 1349 O O   . HOH D 4 .   ? -6.382  -0.154  6.541   1.00 11.36 ? 335 HOH A O   1 
HETATM 1350 O O   . HOH D 4 .   ? 22.773  4.972   -7.190  1.00 17.66 ? 336 HOH A O   1 
HETATM 1351 O O   . HOH D 4 .   ? 10.910  -4.916  8.650   1.00 25.39 ? 337 HOH A O   1 
HETATM 1352 O O   . HOH D 4 .   ? -7.176  0.891   17.364  1.00 17.43 ? 338 HOH A O   1 
HETATM 1353 O O   . HOH D 4 .   ? -17.350 1.274   -8.945  1.00 19.73 ? 339 HOH A O   1 
HETATM 1354 O O   . HOH D 4 .   ? -4.491  12.122  3.431   1.00 24.52 ? 340 HOH A O   1 
HETATM 1355 O O   . HOH D 4 .   ? -20.949 4.869   2.736   1.00 21.00 ? 341 HOH A O   1 
HETATM 1356 O O   . HOH D 4 .   ? 14.928  -11.137 -5.671  1.00 23.75 ? 342 HOH A O   1 
HETATM 1357 O O   . HOH D 4 .   ? -7.709  -1.344  -5.954  1.00 23.42 ? 343 HOH A O   1 
HETATM 1358 O O   . HOH D 4 .   ? -18.422 7.355   1.479   1.00 24.94 ? 344 HOH A O   1 
HETATM 1359 O O   . HOH D 4 .   ? -1.004  10.160  -15.177 1.00 17.83 ? 345 HOH A O   1 
HETATM 1360 O O   . HOH D 4 .   ? 20.034  8.924   -4.247  1.00 15.99 ? 346 HOH A O   1 
HETATM 1361 O O   . HOH D 4 .   ? 10.069  11.089  0.281   1.00 14.98 ? 347 HOH A O   1 
HETATM 1362 O O   . HOH D 4 .   ? 14.053  5.701   -20.174 1.00 26.67 ? 348 HOH A O   1 
HETATM 1363 O O   . HOH D 4 .   ? 14.169  -9.691  -15.786 1.00 21.36 ? 349 HOH A O   1 
HETATM 1364 O O   . HOH D 4 .   ? 16.874  9.314   5.640   1.00 19.95 ? 350 HOH A O   1 
HETATM 1365 O O   . HOH D 4 .   ? 2.416   2.619   -3.517  1.00 11.71 ? 351 HOH A O   1 
HETATM 1366 O O   . HOH D 4 .   ? 0.484   -11.528 5.022   1.00 23.22 ? 352 HOH A O   1 
HETATM 1367 O O   . HOH D 4 .   ? 1.785   -1.014  15.117  1.00 13.52 ? 353 HOH A O   1 
HETATM 1368 O O   . HOH D 4 .   ? 15.991  2.950   -15.696 1.00 16.90 ? 354 HOH A O   1 
HETATM 1369 O O   . HOH D 4 .   ? -13.244 -4.607  16.265  1.00 22.97 ? 355 HOH A O   1 
HETATM 1370 O O   . HOH D 4 .   ? -18.168 6.663   12.882  1.00 22.59 ? 356 HOH A O   1 
HETATM 1371 O O   . HOH D 4 .   ? 11.633  1.566   -21.270 1.00 23.24 ? 357 HOH A O   1 
HETATM 1372 O O   . HOH D 4 .   ? -8.436  1.055   7.966   1.00 11.48 ? 358 HOH A O   1 
HETATM 1373 O O   . HOH D 4 .   ? 7.100   11.260  13.177  1.00 28.88 ? 359 HOH A O   1 
HETATM 1374 O O   . HOH D 4 .   ? -5.718  10.189  11.532  1.00 28.01 ? 360 HOH A O   1 
HETATM 1375 O O   . HOH D 4 .   ? -21.929 1.673   -7.061  1.00 26.96 ? 361 HOH A O   1 
HETATM 1376 O O   . HOH D 4 .   ? -22.660 -2.656  16.085  1.00 21.73 ? 362 HOH A O   1 
HETATM 1377 O O   . HOH D 4 .   ? -1.956  -8.804  10.069  1.00 21.93 ? 363 HOH A O   1 
HETATM 1378 O O   . HOH D 4 .   ? -24.025 -9.917  1.560   1.00 21.64 ? 364 HOH A O   1 
HETATM 1379 O O   . HOH D 4 .   ? 7.732   7.374   14.425  1.00 18.74 ? 365 HOH A O   1 
HETATM 1380 O O   . HOH D 4 .   ? -1.813  13.390  -3.593  1.00 27.16 ? 366 HOH A O   1 
HETATM 1381 O O   . HOH D 4 .   ? -11.472 4.146   -11.680 1.00 17.73 ? 367 HOH A O   1 
HETATM 1382 O O   . HOH D 4 .   ? -2.804  1.881   13.523  1.00 17.77 ? 368 HOH A O   1 
HETATM 1383 O O   . HOH D 4 .   ? 12.067  8.115   9.900   1.00 19.06 ? 369 HOH A O   1 
HETATM 1384 O O   . HOH D 4 .   ? 15.298  -15.573 -1.246  1.00 28.36 ? 370 HOH A O   1 
HETATM 1385 O O   . HOH D 4 .   ? -24.818 -2.978  -4.657  1.00 26.70 ? 371 HOH A O   1 
HETATM 1386 O O   . HOH D 4 .   ? -10.008 -8.156  10.872  1.00 12.72 ? 372 HOH A O   1 
HETATM 1387 O O   . HOH D 4 .   ? 10.600  8.557   -12.017 1.00 17.90 ? 373 HOH A O   1 
HETATM 1388 O O   . HOH D 4 .   ? -14.807 -12.172 12.558  1.00 13.08 ? 374 HOH A O   1 
HETATM 1389 O O   . HOH D 4 .   ? -11.166 -6.045  14.004  1.00 18.20 ? 375 HOH A O   1 
HETATM 1390 O O   . HOH D 4 .   ? 10.136  6.946   -16.448 1.00 18.16 ? 376 HOH A O   1 
HETATM 1391 O O   . HOH D 4 .   ? -2.181  -5.457  3.328   1.00 21.71 ? 377 HOH A O   1 
HETATM 1392 O O   . HOH D 4 .   ? -23.381 -8.487  11.155  1.00 24.57 ? 378 HOH A O   1 
HETATM 1393 O O   . HOH D 4 .   ? 3.638   13.861  -5.732  1.00 17.64 ? 379 HOH A O   1 
HETATM 1394 O O   . HOH D 4 .   ? -7.414  -6.004  8.624   1.00 16.87 ? 380 HOH A O   1 
HETATM 1395 O O   . HOH D 4 .   ? 20.662  4.320   -11.189 1.00 16.24 ? 381 HOH A O   1 
HETATM 1396 O O   . HOH D 4 .   ? -15.251 9.750   7.722   1.00 21.82 ? 382 HOH A O   1 
HETATM 1397 O O   . HOH D 4 .   ? -2.374  3.019   -9.386  1.00 18.32 ? 383 HOH A O   1 
HETATM 1398 O O   . HOH D 4 .   ? 21.814  8.772   -12.524 1.00 21.71 ? 384 HOH A O   1 
HETATM 1399 O O   . HOH D 4 .   ? -17.526 -1.575  -7.165  1.00 27.39 ? 385 HOH A O   1 
HETATM 1400 O O   . HOH D 4 .   ? 15.418  9.109   -11.708 1.00 20.14 ? 386 HOH A O   1 
HETATM 1401 O O   . HOH D 4 .   ? 4.646   5.378   -17.931 1.00 22.70 ? 387 HOH A O   1 
HETATM 1402 O O   . HOH D 4 .   ? -14.623 7.472   15.856  1.00 22.65 ? 388 HOH A O   1 
HETATM 1403 O O   . HOH D 4 .   ? -21.560 1.130   13.123  1.00 17.57 ? 389 HOH A O   1 
HETATM 1404 O O   . HOH D 4 .   ? -13.179 -9.330  -4.092  1.00 23.84 ? 390 HOH A O   1 
HETATM 1405 O O   . HOH D 4 .   ? 21.192  6.736   -8.583  1.00 15.42 ? 391 HOH A O   1 
HETATM 1406 O O   . HOH D 4 .   ? -5.376  7.929   11.917  1.00 27.49 ? 392 HOH A O   1 
HETATM 1407 O O   . HOH D 4 .   ? -0.693  -6.243  1.019   1.00 24.30 ? 393 HOH A O   1 
HETATM 1408 O O   . HOH D 4 .   ? 9.208   11.083  -8.237  1.00 18.77 ? 394 HOH A O   1 
HETATM 1409 O O   . HOH D 4 .   ? 2.764   15.006  -3.455  1.00 15.57 ? 395 HOH A O   1 
HETATM 1410 O O   . HOH D 4 .   ? -12.754 5.680   17.912  1.00 19.78 ? 396 HOH A O   1 
HETATM 1411 O O   . HOH D 4 .   ? 0.244   11.068  8.604   1.00 22.27 ? 397 HOH A O   1 
HETATM 1412 O O   . HOH D 4 .   ? -25.913 -4.698  -2.648  1.00 24.26 ? 398 HOH A O   1 
HETATM 1413 O O   . HOH D 4 .   ? 5.574   -13.798 -6.059  1.00 26.62 ? 399 HOH A O   1 
HETATM 1414 O O   . HOH D 4 .   ? 14.233  12.312  5.686   1.00 17.84 ? 400 HOH A O   1 
HETATM 1415 O O   . HOH D 4 .   ? 3.127   -11.306 -9.651  1.00 24.75 ? 401 HOH A O   1 
HETATM 1416 O O   . HOH D 4 .   ? -2.170  -1.178  -11.783 1.00 24.44 ? 402 HOH A O   1 
HETATM 1417 O O   . HOH D 4 .   ? 20.848  8.806   -6.941  1.00 18.39 ? 403 HOH A O   1 
HETATM 1418 O O   . HOH D 4 .   ? -6.427  -3.257  1.336   1.00 24.55 ? 404 HOH A O   1 
HETATM 1419 O O   . HOH D 4 .   ? -8.873  11.711  4.541   1.00 25.40 ? 405 HOH A O   1 
HETATM 1420 O O   . HOH D 4 .   ? -23.259 -5.939  16.555  1.00 25.15 ? 406 HOH A O   1 
HETATM 1421 O O   . HOH D 4 .   ? -7.532  10.134  0.431   1.00 26.95 ? 407 HOH A O   1 
HETATM 1422 O O   . HOH D 4 .   ? 3.587   -12.359 -1.816  1.00 28.24 ? 408 HOH A O   1 
HETATM 1423 O O   . HOH D 4 .   ? -19.823 3.045   14.298  1.00 24.90 ? 409 HOH A O   1 
HETATM 1424 O O   . HOH D 4 .   ? 13.821  1.593   -17.275 1.00 10.52 ? 410 HOH A O   1 
HETATM 1425 O O   . HOH D 4 .   ? 2.557   7.034   13.866  0.50 20.82 ? 411 HOH A O   1 
HETATM 1426 O O   . HOH D 4 .   ? 24.859  1.378   -7.875  1.00 26.66 ? 412 HOH A O   1 
HETATM 1427 O O   . HOH D 4 .   ? 2.931   18.233  2.979   1.00 31.57 ? 413 HOH A O   1 
HETATM 1428 O O   . HOH D 4 .   ? -2.353  10.081  -7.099  1.00 8.57  ? 414 HOH A O   1 
HETATM 1429 O O   . HOH D 4 .   ? -16.609 9.094   5.767   1.00 28.03 ? 415 HOH A O   1 
HETATM 1430 O O   . HOH D 4 .   ? 18.202  7.008   -14.724 1.00 22.47 ? 416 HOH A O   1 
HETATM 1431 O O   . HOH D 4 .   ? 15.563  -8.780  -7.474  1.00 25.37 ? 417 HOH A O   1 
HETATM 1432 O O   . HOH D 4 .   ? -14.463 4.354   19.596  1.00 29.66 ? 418 HOH A O   1 
HETATM 1433 O O   . HOH D 4 .   ? -20.068 2.366   16.922  1.00 27.14 ? 419 HOH A O   1 
HETATM 1434 O O   . HOH D 4 .   ? 9.834   15.952  -2.984  1.00 28.08 ? 420 HOH A O   1 
HETATM 1435 O O   . HOH D 4 .   ? 2.706   16.453  0.947   1.00 30.97 ? 421 HOH A O   1 
HETATM 1436 O O   . HOH D 4 .   ? 7.676   7.353   -17.599 1.00 28.69 ? 422 HOH A O   1 
HETATM 1437 O O   . HOH D 4 .   ? -2.097  12.707  7.908   1.00 27.48 ? 423 HOH A O   1 
HETATM 1438 O O   . HOH D 4 .   ? 4.758   2.527   -19.442 1.00 9.43  ? 424 HOH A O   1 
HETATM 1439 O O   . HOH D 4 .   ? -11.068 -3.338  15.074  1.00 24.20 ? 425 HOH A O   1 
HETATM 1440 O O   . HOH D 4 .   ? -16.993 7.049   -4.489  1.00 19.16 ? 426 HOH A O   1 
HETATM 1441 O O   . HOH D 4 .   ? -11.242 -8.418  -2.044  1.00 27.65 ? 427 HOH A O   1 
HETATM 1442 O O   . HOH D 4 .   ? -8.351  -1.115  18.968  1.00 18.31 ? 428 HOH A O   1 
HETATM 1443 O O   . HOH D 4 .   ? 12.792  9.970   -11.083 1.00 23.43 ? 429 HOH A O   1 
HETATM 1444 O O   . HOH D 4 .   ? -2.508  14.227  -0.760  1.00 34.82 ? 430 HOH A O   1 
HETATM 1445 O O   . HOH D 4 .   ? -8.464  6.490   -2.208  1.00 26.97 ? 431 HOH A O   1 
HETATM 1446 O O   . HOH D 4 .   ? 8.607   9.870   -10.604 1.00 20.08 ? 432 HOH A O   1 
HETATM 1447 O O   . HOH D 4 .   ? -2.702  7.274   11.514  1.00 26.45 ? 433 HOH A O   1 
HETATM 1448 O O   . HOH D 4 .   ? -20.226 5.827   14.159  1.00 25.36 ? 434 HOH A O   1 
HETATM 1449 O O   . HOH D 4 .   ? 10.533  9.120   -14.755 1.00 24.79 ? 435 HOH A O   1 
HETATM 1450 O O   . HOH D 4 .   ? -3.810  -7.558  3.278   1.00 28.11 ? 436 HOH A O   1 
HETATM 1451 O O   . HOH D 4 .   ? -13.487 10.007  15.201  1.00 30.03 ? 437 HOH A O   1 
HETATM 1452 O O   . HOH D 4 .   ? 17.259  5.252   -16.632 1.00 22.56 ? 438 HOH A O   1 
HETATM 1453 O O   . HOH D 4 .   ? -3.800  8.658   -4.759  1.00 18.42 ? 439 HOH A O   1 
# 
loop_
_pdbx_poly_seq_scheme.asym_id 
_pdbx_poly_seq_scheme.entity_id 
_pdbx_poly_seq_scheme.seq_id 
_pdbx_poly_seq_scheme.mon_id 
_pdbx_poly_seq_scheme.ndb_seq_num 
_pdbx_poly_seq_scheme.pdb_seq_num 
_pdbx_poly_seq_scheme.auth_seq_num 
_pdbx_poly_seq_scheme.pdb_mon_id 
_pdbx_poly_seq_scheme.auth_mon_id 
_pdbx_poly_seq_scheme.pdb_strand_id 
_pdbx_poly_seq_scheme.pdb_ins_code 
_pdbx_poly_seq_scheme.hetero 
A 1 1   MET 1   1   1   MET MET A . n 
A 1 2   ASN 2   2   2   ASN ASN A . n 
A 1 3   ILE 3   3   3   ILE ILE A . n 
A 1 4   PHE 4   4   4   PHE PHE A . n 
A 1 5   GLU 5   5   5   GLU GLU A . n 
A 1 6   MET 6   6   6   MET MET A . n 
A 1 7   LEU 7   7   7   LEU LEU A . n 
A 1 8   ARG 8   8   8   ARG ARG A . n 
A 1 9   ILE 9   9   9   ILE ILE A . n 
A 1 10  ASP 10  10  10  ASP ASP A . n 
A 1 11  GLU 11  11  11  GLU GLU A . n 
A 1 12  GLY 12  12  12  GLY GLY A . n 
A 1 13  LEU 13  13  13  LEU LEU A . n 
A 1 14  ARG 14  14  14  ARG ARG A . n 
A 1 15  LEU 15  15  15  LEU LEU A . n 
A 1 16  LYS 16  16  16  LYS LYS A . n 
A 1 17  ILE 17  17  17  ILE ILE A . n 
A 1 18  TYR 18  18  18  TYR TYR A . n 
A 1 19  LYS 19  19  19  LYS LYS A . n 
A 1 20  ASP 20  20  20  ASP ASP A . n 
A 1 21  THR 21  21  21  THR THR A . n 
A 1 22  GLU 22  22  22  GLU GLU A . n 
A 1 23  GLY 23  23  23  GLY GLY A . n 
A 1 24  TYR 24  24  24  TYR TYR A . n 
A 1 25  TYR 25  25  25  TYR TYR A . n 
A 1 26  THR 26  26  26  THR THR A . n 
A 1 27  ILE 27  27  27  ILE ILE A . n 
A 1 28  GLY 28  28  28  GLY GLY A . n 
A 1 29  ILE 29  29  29  ILE ILE A . n 
A 1 30  GLY 30  30  30  GLY GLY A . n 
A 1 31  HIS 31  31  31  HIS HIS A . n 
A 1 32  LEU 32  32  32  LEU LEU A . n 
A 1 33  LEU 33  33  33  LEU LEU A . n 
A 1 34  THR 34  34  34  THR THR A . n 
A 1 35  LYS 35  35  35  LYS LYS A . n 
A 1 36  SER 36  36  36  SER SER A . n 
A 1 37  PRO 37  37  37  PRO PRO A . n 
A 1 38  SER 38  38  38  SER SER A . n 
A 1 39  LEU 39  39  39  LEU LEU A . n 
A 1 40  ASN 40  40  40  ASN ASN A . n 
A 1 41  ALA 41  41  41  ALA ALA A . n 
A 1 42  ALA 42  42  42  ALA ALA A . n 
A 1 43  LYS 43  43  43  LYS LYS A . n 
A 1 44  SER 44  44  44  SER SER A . n 
A 1 45  GLU 45  45  45  GLU GLU A . n 
A 1 46  LEU 46  46  46  LEU LEU A . n 
A 1 47  ASP 47  47  47  ASP ASP A . n 
A 1 48  LYS 48  48  48  LYS LYS A . n 
A 1 49  ALA 49  49  49  ALA ALA A . n 
A 1 50  ILE 50  50  50  ILE ILE A . n 
A 1 51  GLY 51  51  51  GLY GLY A . n 
A 1 52  ARG 52  52  52  ARG ARG A . n 
A 1 53  ASN 53  53  53  ASN ASN A . n 
A 1 54  CYS 54  54  54  CYS CYS A . n 
A 1 55  ASN 55  55  55  ASN ASN A . n 
A 1 56  GLY 56  56  56  GLY GLY A . n 
A 1 57  VAL 57  57  57  VAL VAL A . n 
A 1 58  ILE 58  58  58  ILE ILE A . n 
A 1 59  THR 59  59  59  THR THR A . n 
A 1 60  LYS 60  60  60  LYS LYS A . n 
A 1 61  ASP 61  61  61  ASP ASP A . n 
A 1 62  GLU 62  62  62  GLU GLU A . n 
A 1 63  ALA 63  63  63  ALA ALA A . n 
A 1 64  GLU 64  64  64  GLU GLU A . n 
A 1 65  LYS 65  65  65  LYS LYS A . n 
A 1 66  LEU 66  66  66  LEU LEU A . n 
A 1 67  PHE 67  67  67  PHE PHE A . n 
A 1 68  ASN 68  68  68  ASN ASN A . n 
A 1 69  GLN 69  69  69  GLN GLN A . n 
A 1 70  ASP 70  70  70  ASP ASP A . n 
A 1 71  VAL 71  71  71  VAL VAL A . n 
A 1 72  ASP 72  72  72  ASP ASP A . n 
A 1 73  ALA 73  73  73  ALA ALA A . n 
A 1 74  ALA 74  74  74  ALA ALA A . n 
A 1 75  VAL 75  75  75  VAL VAL A . n 
A 1 76  ARG 76  76  76  ARG ARG A . n 
A 1 77  GLY 77  77  77  GLY GLY A . n 
A 1 78  ILE 78  78  78  ILE ILE A . n 
A 1 79  LEU 79  79  79  LEU LEU A . n 
A 1 80  ARG 80  80  80  ARG ARG A . n 
A 1 81  ASN 81  81  81  ASN ASN A . n 
A 1 82  ALA 82  82  82  ALA ALA A . n 
A 1 83  LYS 83  83  83  LYS LYS A . n 
A 1 84  LEU 84  84  84  LEU LEU A . n 
A 1 85  LYS 85  85  85  LYS LYS A . n 
A 1 86  PRO 86  86  86  PRO PRO A . n 
A 1 87  VAL 87  87  87  VAL VAL A . n 
A 1 88  TYR 88  88  88  TYR TYR A . n 
A 1 89  ASP 89  89  89  ASP ASP A . n 
A 1 90  SER 90  90  90  SER SER A . n 
A 1 91  LEU 91  91  91  LEU LEU A . n 
A 1 92  ASP 92  92  92  ASP ASP A . n 
A 1 93  ALA 93  93  93  ALA ALA A . n 
A 1 94  VAL 94  94  94  VAL VAL A . n 
A 1 95  ARG 95  95  95  ARG ARG A . n 
A 1 96  ARG 96  96  96  ARG ARG A . n 
A 1 97  CYS 97  97  97  CYS CYS A . n 
A 1 98  ALA 98  98  98  ALA ALA A . n 
A 1 99  ALA 99  99  99  ALA ALA A . n 
A 1 100 ILE 100 100 100 ILE ILE A . n 
A 1 101 ASN 101 101 101 ASN ASN A . n 
A 1 102 MET 102 102 102 MET MET A . n 
A 1 103 VAL 103 103 103 VAL VAL A . n 
A 1 104 PHE 104 104 104 PHE PHE A . n 
A 1 105 GLN 105 105 105 GLN GLN A . n 
A 1 106 MET 106 106 106 MET MET A . n 
A 1 107 GLY 107 107 107 GLY GLY A . n 
A 1 108 GLU 108 108 108 GLU GLU A . n 
A 1 109 THR 109 109 109 THR THR A . n 
A 1 110 GLY 110 110 110 GLY GLY A . n 
A 1 111 VAL 111 111 111 VAL VAL A . n 
A 1 112 ALA 112 112 112 ALA ALA A . n 
A 1 113 GLY 113 113 113 GLY GLY A . n 
A 1 114 PHE 114 114 114 PHE PHE A . n 
A 1 115 THR 115 115 115 THR THR A . n 
A 1 116 ASN 116 116 116 ASN ASN A . n 
A 1 117 SER 117 117 117 SER SER A . n 
A 1 118 LEU 118 118 118 LEU LEU A . n 
A 1 119 ARG 119 119 119 ARG ARG A . n 
A 1 120 MET 120 120 120 MET MET A . n 
A 1 121 LEU 121 121 121 LEU LEU A . n 
A 1 122 GLN 122 122 122 GLN GLN A . n 
A 1 123 GLN 123 123 123 GLN GLN A . n 
A 1 124 LYS 124 124 124 LYS LYS A . n 
A 1 125 ARG 125 125 125 ARG ARG A . n 
A 1 126 TRP 126 126 126 TRP TRP A . n 
A 1 127 ASP 127 127 127 ASP ASP A . n 
A 1 128 GLU 128 128 128 GLU GLU A . n 
A 1 129 ALA 129 129 129 ALA ALA A . n 
A 1 130 ALA 130 130 130 ALA ALA A . n 
A 1 131 VAL 131 131 131 VAL VAL A . n 
A 1 132 ASN 132 132 132 ASN ASN A . n 
A 1 133 LEU 133 133 133 LEU LEU A . n 
A 1 134 ALA 134 134 134 ALA ALA A . n 
A 1 135 LYS 135 135 135 LYS LYS A . n 
A 1 136 SER 136 136 136 SER SER A . n 
A 1 137 ARG 137 137 137 ARG ARG A . n 
A 1 138 TRP 138 138 138 TRP TRP A . n 
A 1 139 TYR 139 139 139 TYR TYR A . n 
A 1 140 ASN 140 140 140 ASN ASN A . n 
A 1 141 GLN 141 141 141 GLN GLN A . n 
A 1 142 THR 142 142 142 THR THR A . n 
A 1 143 PRO 143 143 143 PRO PRO A . n 
A 1 144 ASN 144 144 144 ASN ASN A . n 
A 1 145 ARG 145 145 145 ARG ARG A . n 
A 1 146 ALA 146 146 146 ALA ALA A . n 
A 1 147 LYS 147 147 147 LYS LYS A . n 
A 1 148 ARG 148 148 148 ARG ARG A . n 
A 1 149 VAL 149 149 149 VAL VAL A . n 
A 1 150 ILE 150 150 150 ILE ILE A . n 
A 1 151 THR 151 151 151 THR THR A . n 
A 1 152 THR 152 152 152 THR THR A . n 
A 1 153 PHE 153 153 153 PHE PHE A . n 
A 1 154 ARG 154 154 154 ARG ARG A . n 
A 1 155 THR 155 155 155 THR THR A . n 
A 1 156 GLY 156 156 156 GLY GLY A . n 
A 1 157 THR 157 157 157 THR THR A . n 
A 1 158 TRP 158 158 158 TRP TRP A . n 
A 1 159 ASP 159 159 159 ASP ASP A . n 
A 1 160 ALA 160 160 160 ALA ALA A . n 
A 1 161 TYR 161 161 161 TYR TYR A . n 
A 1 162 LYS 162 162 162 LYS LYS A . n 
A 1 163 ASN 163 163 ?   ?   ?   A . n 
A 1 164 LEU 164 164 ?   ?   ?   A . n 
A 1 165 LEU 165 165 ?   ?   ?   A . n 
A 1 166 GLU 166 166 ?   ?   ?   A . n 
A 1 167 HIS 167 167 ?   ?   ?   A . n 
A 1 168 HIS 168 168 ?   ?   ?   A . n 
A 1 169 HIS 169 169 ?   ?   ?   A . n 
A 1 170 HIS 170 170 ?   ?   ?   A . n 
A 1 171 HIS 171 171 ?   ?   ?   A . n 
A 1 172 HIS 172 172 ?   ?   ?   A . n 
# 
loop_
_pdbx_nonpoly_scheme.asym_id 
_pdbx_nonpoly_scheme.entity_id 
_pdbx_nonpoly_scheme.mon_id 
_pdbx_nonpoly_scheme.ndb_seq_num 
_pdbx_nonpoly_scheme.pdb_seq_num 
_pdbx_nonpoly_scheme.auth_seq_num 
_pdbx_nonpoly_scheme.pdb_mon_id 
_pdbx_nonpoly_scheme.auth_mon_id 
_pdbx_nonpoly_scheme.pdb_strand_id 
_pdbx_nonpoly_scheme.pdb_ins_code 
B 2 YGJ 1   201 201 YGJ LIG A . 
C 3 TRS 1   202 210 TRS TRS A . 
D 4 HOH 1   301 91  HOH HOH A . 
D 4 HOH 2   302 118 HOH HOH A . 
D 4 HOH 3   303 19  HOH HOH A . 
D 4 HOH 4   304 49  HOH HOH A . 
D 4 HOH 5   305 108 HOH HOH A . 
D 4 HOH 6   306 24  HOH HOH A . 
D 4 HOH 7   307 113 HOH HOH A . 
D 4 HOH 8   308 27  HOH HOH A . 
D 4 HOH 9   309 128 HOH HOH A . 
D 4 HOH 10  310 59  HOH HOH A . 
D 4 HOH 11  311 15  HOH HOH A . 
D 4 HOH 12  312 62  HOH HOH A . 
D 4 HOH 13  313 101 HOH HOH A . 
D 4 HOH 14  314 25  HOH HOH A . 
D 4 HOH 15  315 105 HOH HOH A . 
D 4 HOH 16  316 31  HOH HOH A . 
D 4 HOH 17  317 67  HOH HOH A . 
D 4 HOH 18  318 17  HOH HOH A . 
D 4 HOH 19  319 36  HOH HOH A . 
D 4 HOH 20  320 71  HOH HOH A . 
D 4 HOH 21  321 38  HOH HOH A . 
D 4 HOH 22  322 107 HOH HOH A . 
D 4 HOH 23  323 40  HOH HOH A . 
D 4 HOH 24  324 116 HOH HOH A . 
D 4 HOH 25  325 10  HOH HOH A . 
D 4 HOH 26  326 97  HOH HOH A . 
D 4 HOH 27  327 29  HOH HOH A . 
D 4 HOH 28  328 98  HOH HOH A . 
D 4 HOH 29  329 106 HOH HOH A . 
D 4 HOH 30  330 9   HOH HOH A . 
D 4 HOH 31  331 16  HOH HOH A . 
D 4 HOH 32  332 85  HOH HOH A . 
D 4 HOH 33  333 48  HOH HOH A . 
D 4 HOH 34  334 21  HOH HOH A . 
D 4 HOH 35  335 3   HOH HOH A . 
D 4 HOH 36  336 66  HOH HOH A . 
D 4 HOH 37  337 86  HOH HOH A . 
D 4 HOH 38  338 34  HOH HOH A . 
D 4 HOH 39  339 54  HOH HOH A . 
D 4 HOH 40  340 114 HOH HOH A . 
D 4 HOH 41  341 88  HOH HOH A . 
D 4 HOH 42  342 94  HOH HOH A . 
D 4 HOH 43  343 84  HOH HOH A . 
D 4 HOH 44  344 115 HOH HOH A . 
D 4 HOH 45  345 47  HOH HOH A . 
D 4 HOH 46  346 32  HOH HOH A . 
D 4 HOH 47  347 4   HOH HOH A . 
D 4 HOH 48  348 117 HOH HOH A . 
D 4 HOH 49  349 75  HOH HOH A . 
D 4 HOH 50  350 72  HOH HOH A . 
D 4 HOH 51  351 5   HOH HOH A . 
D 4 HOH 52  352 74  HOH HOH A . 
D 4 HOH 53  353 12  HOH HOH A . 
D 4 HOH 54  354 30  HOH HOH A . 
D 4 HOH 55  355 83  HOH HOH A . 
D 4 HOH 56  356 42  HOH HOH A . 
D 4 HOH 57  357 93  HOH HOH A . 
D 4 HOH 58  358 6   HOH HOH A . 
D 4 HOH 59  359 100 HOH HOH A . 
D 4 HOH 60  360 112 HOH HOH A . 
D 4 HOH 61  361 87  HOH HOH A . 
D 4 HOH 62  362 79  HOH HOH A . 
D 4 HOH 63  363 33  HOH HOH A . 
D 4 HOH 64  364 57  HOH HOH A . 
D 4 HOH 65  365 76  HOH HOH A . 
D 4 HOH 66  366 132 HOH HOH A . 
D 4 HOH 67  367 22  HOH HOH A . 
D 4 HOH 68  368 52  HOH HOH A . 
D 4 HOH 69  369 77  HOH HOH A . 
D 4 HOH 70  370 43  HOH HOH A . 
D 4 HOH 71  371 122 HOH HOH A . 
D 4 HOH 72  372 7   HOH HOH A . 
D 4 HOH 73  373 50  HOH HOH A . 
D 4 HOH 74  374 13  HOH HOH A . 
D 4 HOH 75  375 14  HOH HOH A . 
D 4 HOH 76  376 28  HOH HOH A . 
D 4 HOH 77  377 55  HOH HOH A . 
D 4 HOH 78  378 102 HOH HOH A . 
D 4 HOH 79  379 37  HOH HOH A . 
D 4 HOH 80  380 20  HOH HOH A . 
D 4 HOH 81  381 26  HOH HOH A . 
D 4 HOH 82  382 60  HOH HOH A . 
D 4 HOH 83  383 65  HOH HOH A . 
D 4 HOH 84  384 150 HOH HOH A . 
D 4 HOH 85  385 135 HOH HOH A . 
D 4 HOH 86  386 39  HOH HOH A . 
D 4 HOH 87  387 70  HOH HOH A . 
D 4 HOH 88  388 58  HOH HOH A . 
D 4 HOH 89  389 35  HOH HOH A . 
D 4 HOH 90  390 73  HOH HOH A . 
D 4 HOH 91  391 23  HOH HOH A . 
D 4 HOH 92  392 121 HOH HOH A . 
D 4 HOH 93  393 140 HOH HOH A . 
D 4 HOH 94  394 61  HOH HOH A . 
D 4 HOH 95  395 8   HOH HOH A . 
D 4 HOH 96  396 18  HOH HOH A . 
D 4 HOH 97  397 120 HOH HOH A . 
D 4 HOH 98  398 104 HOH HOH A . 
D 4 HOH 99  399 110 HOH HOH A . 
D 4 HOH 100 400 2   HOH HOH A . 
D 4 HOH 101 401 89  HOH HOH A . 
D 4 HOH 102 402 11  HOH HOH A . 
D 4 HOH 103 403 44  HOH HOH A . 
D 4 HOH 104 404 1   HOH HOH A . 
D 4 HOH 105 405 45  HOH HOH A . 
D 4 HOH 106 406 51  HOH HOH A . 
D 4 HOH 107 407 103 HOH HOH A . 
D 4 HOH 108 408 56  HOH HOH A . 
D 4 HOH 109 409 96  HOH HOH A . 
D 4 HOH 110 410 143 HOH HOH A . 
D 4 HOH 111 411 69  HOH HOH A . 
D 4 HOH 112 412 144 HOH HOH A . 
D 4 HOH 113 413 119 HOH HOH A . 
D 4 HOH 114 414 141 HOH HOH A . 
D 4 HOH 115 415 138 HOH HOH A . 
D 4 HOH 116 416 92  HOH HOH A . 
D 4 HOH 117 417 147 HOH HOH A . 
D 4 HOH 118 418 134 HOH HOH A . 
D 4 HOH 119 419 148 HOH HOH A . 
D 4 HOH 120 420 136 HOH HOH A . 
D 4 HOH 121 421 139 HOH HOH A . 
D 4 HOH 122 422 130 HOH HOH A . 
D 4 HOH 123 423 133 HOH HOH A . 
D 4 HOH 124 424 142 HOH HOH A . 
D 4 HOH 125 425 80  HOH HOH A . 
D 4 HOH 126 426 146 HOH HOH A . 
D 4 HOH 127 427 111 HOH HOH A . 
D 4 HOH 128 428 46  HOH HOH A . 
D 4 HOH 129 429 109 HOH HOH A . 
D 4 HOH 130 430 149 HOH HOH A . 
D 4 HOH 131 431 123 HOH HOH A . 
D 4 HOH 132 432 82  HOH HOH A . 
D 4 HOH 133 433 145 HOH HOH A . 
D 4 HOH 134 434 127 HOH HOH A . 
D 4 HOH 135 435 78  HOH HOH A . 
D 4 HOH 136 436 137 HOH HOH A . 
D 4 HOH 137 437 124 HOH HOH A . 
D 4 HOH 138 438 64  HOH HOH A . 
D 4 HOH 139 439 63  HOH HOH A . 
# 
_pdbx_struct_assembly.id                   1 
_pdbx_struct_assembly.details              author_and_software_defined_assembly 
_pdbx_struct_assembly.method_details       PISA 
_pdbx_struct_assembly.oligomeric_details   monomeric 
_pdbx_struct_assembly.oligomeric_count     1 
# 
_pdbx_struct_assembly_gen.assembly_id       1 
_pdbx_struct_assembly_gen.oper_expression   1 
_pdbx_struct_assembly_gen.asym_id_list      A,B,C,D 
# 
_pdbx_struct_oper_list.id                   1 
_pdbx_struct_oper_list.type                 'identity operation' 
_pdbx_struct_oper_list.name                 1_555 
_pdbx_struct_oper_list.symmetry_operation   x,y,z 
_pdbx_struct_oper_list.matrix[1][1]         1.0000000000 
_pdbx_struct_oper_list.matrix[1][2]         0.0000000000 
_pdbx_struct_oper_list.matrix[1][3]         0.0000000000 
_pdbx_struct_oper_list.vector[1]            0.0000000000 
_pdbx_struct_oper_list.matrix[2][1]         0.0000000000 
_pdbx_struct_oper_list.matrix[2][2]         1.0000000000 
_pdbx_struct_oper_list.matrix[2][3]         0.0000000000 
_pdbx_struct_oper_list.vector[2]            0.0000000000 
_pdbx_struct_oper_list.matrix[3][1]         0.0000000000 
_pdbx_struct_oper_list.matrix[3][2]         0.0000000000 
_pdbx_struct_oper_list.matrix[3][3]         1.0000000000 
_pdbx_struct_oper_list.vector[3]            0.0000000000 
# 
_pdbx_struct_special_symmetry.id              1 
_pdbx_struct_special_symmetry.PDB_model_num   1 
_pdbx_struct_special_symmetry.auth_asym_id    A 
_pdbx_struct_special_symmetry.auth_comp_id    HOH 
_pdbx_struct_special_symmetry.auth_seq_id     411 
_pdbx_struct_special_symmetry.PDB_ins_code    ? 
_pdbx_struct_special_symmetry.label_asym_id   D 
_pdbx_struct_special_symmetry.label_comp_id   HOH 
_pdbx_struct_special_symmetry.label_seq_id    . 
# 
loop_
_pdbx_audit_revision_history.ordinal 
_pdbx_audit_revision_history.data_content_type 
_pdbx_audit_revision_history.major_revision 
_pdbx_audit_revision_history.minor_revision 
_pdbx_audit_revision_history.revision_date 
1 'Structure model' 1 0 2021-05-19 
2 'Structure model' 1 1 2021-12-08 
3 'Structure model' 1 2 2023-10-18 
# 
_pdbx_audit_revision_details.ordinal             1 
_pdbx_audit_revision_details.revision_ordinal    1 
_pdbx_audit_revision_details.data_content_type   'Structure model' 
_pdbx_audit_revision_details.provider            repository 
_pdbx_audit_revision_details.type                'Initial release' 
_pdbx_audit_revision_details.description         ? 
_pdbx_audit_revision_details.details             ? 
# 
loop_
_pdbx_audit_revision_group.ordinal 
_pdbx_audit_revision_group.revision_ordinal 
_pdbx_audit_revision_group.data_content_type 
_pdbx_audit_revision_group.group 
1 2 'Structure model' 'Database references'    
2 3 'Structure model' 'Data collection'        
3 3 'Structure model' 'Refinement description' 
# 
loop_
_pdbx_audit_revision_category.ordinal 
_pdbx_audit_revision_category.revision_ordinal 
_pdbx_audit_revision_category.data_content_type 
_pdbx_audit_revision_category.category 
1 2 'Structure model' citation                      
2 2 'Structure model' citation_author               
3 2 'Structure model' database_2                    
4 3 'Structure model' chem_comp_atom                
5 3 'Structure model' chem_comp_bond                
6 3 'Structure model' pdbx_initial_refinement_model 
# 
loop_
_pdbx_audit_revision_item.ordinal 
_pdbx_audit_revision_item.revision_ordinal 
_pdbx_audit_revision_item.data_content_type 
_pdbx_audit_revision_item.item 
1  2 'Structure model' '_citation.country'                   
2  2 'Structure model' '_citation.journal_abbrev'            
3  2 'Structure model' '_citation.journal_id_ASTM'           
4  2 'Structure model' '_citation.journal_id_CSD'            
5  2 'Structure model' '_citation.journal_id_ISSN'           
6  2 'Structure model' '_citation.journal_volume'            
7  2 'Structure model' '_citation.pdbx_database_id_DOI'      
8  2 'Structure model' '_citation.pdbx_database_id_PubMed'   
9  2 'Structure model' '_citation.title'                     
10 2 'Structure model' '_citation.year'                      
11 2 'Structure model' '_citation_author.identifier_ORCID'   
12 2 'Structure model' '_database_2.pdbx_DOI'                
13 2 'Structure model' '_database_2.pdbx_database_accession' 
# 
_phasing.method   MR 
# 
loop_
_software.citation_id 
_software.classification 
_software.compiler_name 
_software.compiler_version 
_software.contact_author 
_software.contact_author_email 
_software.date 
_software.description 
_software.dependencies 
_software.hardware 
_software.language 
_software.location 
_software.mods 
_software.name 
_software.os 
_software.os_version 
_software.type 
_software.version 
_software.pdbx_ordinal 
? 'data reduction'  ? ? 'Wolfgang Kabsch' Wolfgang.Kabsch@mpimf-heidelberg.mpg.de ?               ? ? ? ?          
http://www.mpimf-heidelberg.mpg.de/~kabsch/xds/     ? XDS         ? ? package .           1 
? 'data scaling'    ? ? 'Phil Evans'      ?                                       29/03/17        ? ? ? ?          
http://www.mrc-lmb.cam.ac.uk/harry/pre/aimless.html ? Aimless     ? ? program 0.5.32      2 
? phasing           ? ? 'Alexei Vaguine'  alexei@ysbl.york.ac.uk                  ?               ? ? ? Fortran_77 
http://www.ccp4.ac.uk/dist/html/molrep.html         ? MOLREP      ? ? program .           3 
? refinement        ? ? 'Paul D. Adams'   PDAdams@lbl.gov                         ?               ? ? ? C++        
http://www.phenix-online.org/                       ? PHENIX      ? ? package 1.11.1_2575 4 
? 'data extraction' ? ? PDB               deposit@deposit.rcsb.org                'Oct. 31, 2020' ? ? ? C++        
http://sw-tools.pdb.org/apps/PDB_EXTRACT/           ? PDB_EXTRACT ? ? package 3.27        5 
# 
_pdbx_entry_details.entry_id                 7LX7 
_pdbx_entry_details.has_ligand_of_interest   Y 
_pdbx_entry_details.compound_details         ? 
_pdbx_entry_details.source_details           ? 
_pdbx_entry_details.nonpolymer_details       ? 
_pdbx_entry_details.sequence_details         ? 
# 
loop_
_pdbx_unobs_or_zero_occ_atoms.id 
_pdbx_unobs_or_zero_occ_atoms.PDB_model_num 
_pdbx_unobs_or_zero_occ_atoms.polymer_flag 
_pdbx_unobs_or_zero_occ_atoms.occupancy_flag 
_pdbx_unobs_or_zero_occ_atoms.auth_asym_id 
_pdbx_unobs_or_zero_occ_atoms.auth_comp_id 
_pdbx_unobs_or_zero_occ_atoms.auth_seq_id 
_pdbx_unobs_or_zero_occ_atoms.PDB_ins_code 
_pdbx_unobs_or_zero_occ_atoms.auth_atom_id 
_pdbx_unobs_or_zero_occ_atoms.label_alt_id 
_pdbx_unobs_or_zero_occ_atoms.label_asym_id 
_pdbx_unobs_or_zero_occ_atoms.label_comp_id 
_pdbx_unobs_or_zero_occ_atoms.label_seq_id 
_pdbx_unobs_or_zero_occ_atoms.label_atom_id 
1 1 Y 1 A GLU 108 ? CG  ? A GLU 108 CG  
2 1 Y 1 A GLU 108 ? CD  ? A GLU 108 CD  
3 1 Y 1 A GLU 108 ? OE1 ? A GLU 108 OE1 
4 1 Y 1 A GLU 108 ? OE2 ? A GLU 108 OE2 
# 
loop_
_pdbx_unobs_or_zero_occ_residues.id 
_pdbx_unobs_or_zero_occ_residues.PDB_model_num 
_pdbx_unobs_or_zero_occ_residues.polymer_flag 
_pdbx_unobs_or_zero_occ_residues.occupancy_flag 
_pdbx_unobs_or_zero_occ_residues.auth_asym_id 
_pdbx_unobs_or_zero_occ_residues.auth_comp_id 
_pdbx_unobs_or_zero_occ_residues.auth_seq_id 
_pdbx_unobs_or_zero_occ_residues.PDB_ins_code 
_pdbx_unobs_or_zero_occ_residues.label_asym_id 
_pdbx_unobs_or_zero_occ_residues.label_comp_id 
_pdbx_unobs_or_zero_occ_residues.label_seq_id 
1  1 Y 1 A ASN 163 ? A ASN 163 
2  1 Y 1 A LEU 164 ? A LEU 164 
3  1 Y 1 A LEU 165 ? A LEU 165 
4  1 Y 1 A GLU 166 ? A GLU 166 
5  1 Y 1 A HIS 167 ? A HIS 167 
6  1 Y 1 A HIS 168 ? A HIS 168 
7  1 Y 1 A HIS 169 ? A HIS 169 
8  1 Y 1 A HIS 170 ? A HIS 170 
9  1 Y 1 A HIS 171 ? A HIS 171 
10 1 Y 1 A HIS 172 ? A HIS 172 
# 
loop_
_chem_comp_atom.comp_id 
_chem_comp_atom.atom_id 
_chem_comp_atom.type_symbol 
_chem_comp_atom.pdbx_aromatic_flag 
_chem_comp_atom.pdbx_stereo_config 
_chem_comp_atom.pdbx_ordinal 
ALA N    N N N 1   
ALA CA   C N S 2   
ALA C    C N N 3   
ALA O    O N N 4   
ALA CB   C N N 5   
ALA OXT  O N N 6   
ALA H    H N N 7   
ALA H2   H N N 8   
ALA HA   H N N 9   
ALA HB1  H N N 10  
ALA HB2  H N N 11  
ALA HB3  H N N 12  
ALA HXT  H N N 13  
ARG N    N N N 14  
ARG CA   C N S 15  
ARG C    C N N 16  
ARG O    O N N 17  
ARG CB   C N N 18  
ARG CG   C N N 19  
ARG CD   C N N 20  
ARG NE   N N N 21  
ARG CZ   C N N 22  
ARG NH1  N N N 23  
ARG NH2  N N N 24  
ARG OXT  O N N 25  
ARG H    H N N 26  
ARG H2   H N N 27  
ARG HA   H N N 28  
ARG HB2  H N N 29  
ARG HB3  H N N 30  
ARG HG2  H N N 31  
ARG HG3  H N N 32  
ARG HD2  H N N 33  
ARG HD3  H N N 34  
ARG HE   H N N 35  
ARG HH11 H N N 36  
ARG HH12 H N N 37  
ARG HH21 H N N 38  
ARG HH22 H N N 39  
ARG HXT  H N N 40  
ASN N    N N N 41  
ASN CA   C N S 42  
ASN C    C N N 43  
ASN O    O N N 44  
ASN CB   C N N 45  
ASN CG   C N N 46  
ASN OD1  O N N 47  
ASN ND2  N N N 48  
ASN OXT  O N N 49  
ASN H    H N N 50  
ASN H2   H N N 51  
ASN HA   H N N 52  
ASN HB2  H N N 53  
ASN HB3  H N N 54  
ASN HD21 H N N 55  
ASN HD22 H N N 56  
ASN HXT  H N N 57  
ASP N    N N N 58  
ASP CA   C N S 59  
ASP C    C N N 60  
ASP O    O N N 61  
ASP CB   C N N 62  
ASP CG   C N N 63  
ASP OD1  O N N 64  
ASP OD2  O N N 65  
ASP OXT  O N N 66  
ASP H    H N N 67  
ASP H2   H N N 68  
ASP HA   H N N 69  
ASP HB2  H N N 70  
ASP HB3  H N N 71  
ASP HD2  H N N 72  
ASP HXT  H N N 73  
CYS N    N N N 74  
CYS CA   C N R 75  
CYS C    C N N 76  
CYS O    O N N 77  
CYS CB   C N N 78  
CYS SG   S N N 79  
CYS OXT  O N N 80  
CYS H    H N N 81  
CYS H2   H N N 82  
CYS HA   H N N 83  
CYS HB2  H N N 84  
CYS HB3  H N N 85  
CYS HG   H N N 86  
CYS HXT  H N N 87  
GLN N    N N N 88  
GLN CA   C N S 89  
GLN C    C N N 90  
GLN O    O N N 91  
GLN CB   C N N 92  
GLN CG   C N N 93  
GLN CD   C N N 94  
GLN OE1  O N N 95  
GLN NE2  N N N 96  
GLN OXT  O N N 97  
GLN H    H N N 98  
GLN H2   H N N 99  
GLN HA   H N N 100 
GLN HB2  H N N 101 
GLN HB3  H N N 102 
GLN HG2  H N N 103 
GLN HG3  H N N 104 
GLN HE21 H N N 105 
GLN HE22 H N N 106 
GLN HXT  H N N 107 
GLU N    N N N 108 
GLU CA   C N S 109 
GLU C    C N N 110 
GLU O    O N N 111 
GLU CB   C N N 112 
GLU CG   C N N 113 
GLU CD   C N N 114 
GLU OE1  O N N 115 
GLU OE2  O N N 116 
GLU OXT  O N N 117 
GLU H    H N N 118 
GLU H2   H N N 119 
GLU HA   H N N 120 
GLU HB2  H N N 121 
GLU HB3  H N N 122 
GLU HG2  H N N 123 
GLU HG3  H N N 124 
GLU HE2  H N N 125 
GLU HXT  H N N 126 
GLY N    N N N 127 
GLY CA   C N N 128 
GLY C    C N N 129 
GLY O    O N N 130 
GLY OXT  O N N 131 
GLY H    H N N 132 
GLY H2   H N N 133 
GLY HA2  H N N 134 
GLY HA3  H N N 135 
GLY HXT  H N N 136 
HIS N    N N N 137 
HIS CA   C N S 138 
HIS C    C N N 139 
HIS O    O N N 140 
HIS CB   C N N 141 
HIS CG   C Y N 142 
HIS ND1  N Y N 143 
HIS CD2  C Y N 144 
HIS CE1  C Y N 145 
HIS NE2  N Y N 146 
HIS OXT  O N N 147 
HIS H    H N N 148 
HIS H2   H N N 149 
HIS HA   H N N 150 
HIS HB2  H N N 151 
HIS HB3  H N N 152 
HIS HD1  H N N 153 
HIS HD2  H N N 154 
HIS HE1  H N N 155 
HIS HE2  H N N 156 
HIS HXT  H N N 157 
HOH O    O N N 158 
HOH H1   H N N 159 
HOH H2   H N N 160 
ILE N    N N N 161 
ILE CA   C N S 162 
ILE C    C N N 163 
ILE O    O N N 164 
ILE CB   C N S 165 
ILE CG1  C N N 166 
ILE CG2  C N N 167 
ILE CD1  C N N 168 
ILE OXT  O N N 169 
ILE H    H N N 170 
ILE H2   H N N 171 
ILE HA   H N N 172 
ILE HB   H N N 173 
ILE HG12 H N N 174 
ILE HG13 H N N 175 
ILE HG21 H N N 176 
ILE HG22 H N N 177 
ILE HG23 H N N 178 
ILE HD11 H N N 179 
ILE HD12 H N N 180 
ILE HD13 H N N 181 
ILE HXT  H N N 182 
LEU N    N N N 183 
LEU CA   C N S 184 
LEU C    C N N 185 
LEU O    O N N 186 
LEU CB   C N N 187 
LEU CG   C N N 188 
LEU CD1  C N N 189 
LEU CD2  C N N 190 
LEU OXT  O N N 191 
LEU H    H N N 192 
LEU H2   H N N 193 
LEU HA   H N N 194 
LEU HB2  H N N 195 
LEU HB3  H N N 196 
LEU HG   H N N 197 
LEU HD11 H N N 198 
LEU HD12 H N N 199 
LEU HD13 H N N 200 
LEU HD21 H N N 201 
LEU HD22 H N N 202 
LEU HD23 H N N 203 
LEU HXT  H N N 204 
LYS N    N N N 205 
LYS CA   C N S 206 
LYS C    C N N 207 
LYS O    O N N 208 
LYS CB   C N N 209 
LYS CG   C N N 210 
LYS CD   C N N 211 
LYS CE   C N N 212 
LYS NZ   N N N 213 
LYS OXT  O N N 214 
LYS H    H N N 215 
LYS H2   H N N 216 
LYS HA   H N N 217 
LYS HB2  H N N 218 
LYS HB3  H N N 219 
LYS HG2  H N N 220 
LYS HG3  H N N 221 
LYS HD2  H N N 222 
LYS HD3  H N N 223 
LYS HE2  H N N 224 
LYS HE3  H N N 225 
LYS HZ1  H N N 226 
LYS HZ2  H N N 227 
LYS HZ3  H N N 228 
LYS HXT  H N N 229 
MET N    N N N 230 
MET CA   C N S 231 
MET C    C N N 232 
MET O    O N N 233 
MET CB   C N N 234 
MET CG   C N N 235 
MET SD   S N N 236 
MET CE   C N N 237 
MET OXT  O N N 238 
MET H    H N N 239 
MET H2   H N N 240 
MET HA   H N N 241 
MET HB2  H N N 242 
MET HB3  H N N 243 
MET HG2  H N N 244 
MET HG3  H N N 245 
MET HE1  H N N 246 
MET HE2  H N N 247 
MET HE3  H N N 248 
MET HXT  H N N 249 
PHE N    N N N 250 
PHE CA   C N S 251 
PHE C    C N N 252 
PHE O    O N N 253 
PHE CB   C N N 254 
PHE CG   C Y N 255 
PHE CD1  C Y N 256 
PHE CD2  C Y N 257 
PHE CE1  C Y N 258 
PHE CE2  C Y N 259 
PHE CZ   C Y N 260 
PHE OXT  O N N 261 
PHE H    H N N 262 
PHE H2   H N N 263 
PHE HA   H N N 264 
PHE HB2  H N N 265 
PHE HB3  H N N 266 
PHE HD1  H N N 267 
PHE HD2  H N N 268 
PHE HE1  H N N 269 
PHE HE2  H N N 270 
PHE HZ   H N N 271 
PHE HXT  H N N 272 
PRO N    N N N 273 
PRO CA   C N S 274 
PRO C    C N N 275 
PRO O    O N N 276 
PRO CB   C N N 277 
PRO CG   C N N 278 
PRO CD   C N N 279 
PRO OXT  O N N 280 
PRO H    H N N 281 
PRO HA   H N N 282 
PRO HB2  H N N 283 
PRO HB3  H N N 284 
PRO HG2  H N N 285 
PRO HG3  H N N 286 
PRO HD2  H N N 287 
PRO HD3  H N N 288 
PRO HXT  H N N 289 
SER N    N N N 290 
SER CA   C N S 291 
SER C    C N N 292 
SER O    O N N 293 
SER CB   C N N 294 
SER OG   O N N 295 
SER OXT  O N N 296 
SER H    H N N 297 
SER H2   H N N 298 
SER HA   H N N 299 
SER HB2  H N N 300 
SER HB3  H N N 301 
SER HG   H N N 302 
SER HXT  H N N 303 
THR N    N N N 304 
THR CA   C N S 305 
THR C    C N N 306 
THR O    O N N 307 
THR CB   C N R 308 
THR OG1  O N N 309 
THR CG2  C N N 310 
THR OXT  O N N 311 
THR H    H N N 312 
THR H2   H N N 313 
THR HA   H N N 314 
THR HB   H N N 315 
THR HG1  H N N 316 
THR HG21 H N N 317 
THR HG22 H N N 318 
THR HG23 H N N 319 
THR HXT  H N N 320 
TRP N    N N N 321 
TRP CA   C N S 322 
TRP C    C N N 323 
TRP O    O N N 324 
TRP CB   C N N 325 
TRP CG   C Y N 326 
TRP CD1  C Y N 327 
TRP CD2  C Y N 328 
TRP NE1  N Y N 329 
TRP CE2  C Y N 330 
TRP CE3  C Y N 331 
TRP CZ2  C Y N 332 
TRP CZ3  C Y N 333 
TRP CH2  C Y N 334 
TRP OXT  O N N 335 
TRP H    H N N 336 
TRP H2   H N N 337 
TRP HA   H N N 338 
TRP HB2  H N N 339 
TRP HB3  H N N 340 
TRP HD1  H N N 341 
TRP HE1  H N N 342 
TRP HE3  H N N 343 
TRP HZ2  H N N 344 
TRP HZ3  H N N 345 
TRP HH2  H N N 346 
TRP HXT  H N N 347 
TRS C    C N N 348 
TRS C1   C N N 349 
TRS C2   C N N 350 
TRS C3   C N N 351 
TRS N    N N N 352 
TRS O1   O N N 353 
TRS O2   O N N 354 
TRS O3   O N N 355 
TRS H11  H N N 356 
TRS H12  H N N 357 
TRS H21  H N N 358 
TRS H22  H N N 359 
TRS H31  H N N 360 
TRS H32  H N N 361 
TRS HN1  H N N 362 
TRS HN2  H N N 363 
TRS HN3  H N N 364 
TRS HO1  H N N 365 
TRS HO2  H N N 366 
TRS HO3  H N N 367 
TYR N    N N N 368 
TYR CA   C N S 369 
TYR C    C N N 370 
TYR O    O N N 371 
TYR CB   C N N 372 
TYR CG   C Y N 373 
TYR CD1  C Y N 374 
TYR CD2  C Y N 375 
TYR CE1  C Y N 376 
TYR CE2  C Y N 377 
TYR CZ   C Y N 378 
TYR OH   O N N 379 
TYR OXT  O N N 380 
TYR H    H N N 381 
TYR H2   H N N 382 
TYR HA   H N N 383 
TYR HB2  H N N 384 
TYR HB3  H N N 385 
TYR HD1  H N N 386 
TYR HD2  H N N 387 
TYR HE1  H N N 388 
TYR HE2  H N N 389 
TYR HH   H N N 390 
TYR HXT  H N N 391 
VAL N    N N N 392 
VAL CA   C N S 393 
VAL C    C N N 394 
VAL O    O N N 395 
VAL CB   C N N 396 
VAL CG1  C N N 397 
VAL CG2  C N N 398 
VAL OXT  O N N 399 
VAL H    H N N 400 
VAL H2   H N N 401 
VAL HA   H N N 402 
VAL HB   H N N 403 
VAL HG11 H N N 404 
VAL HG12 H N N 405 
VAL HG13 H N N 406 
VAL HG21 H N N 407 
VAL HG22 H N N 408 
VAL HG23 H N N 409 
VAL HXT  H N N 410 
YGJ C10  C Y N 411 
YGJ C13  C Y N 412 
YGJ C15  C Y N 413 
YGJ C02  C Y N 414 
YGJ C03  C Y N 415 
YGJ C04  C Y N 416 
YGJ C05  C Y N 417 
YGJ C07  C N N 418 
YGJ C08  C N N 419 
YGJ C09  C Y N 420 
YGJ C11  C Y N 421 
YGJ C12  C Y N 422 
YGJ C14  C Y N 423 
YGJ C16  C Y N 424 
YGJ O01  O N N 425 
YGJ O06  O N N 426 
YGJ H1   H N N 427 
YGJ H2   H N N 428 
YGJ H3   H N N 429 
YGJ H4   H N N 430 
YGJ H5   H N N 431 
YGJ H6   H N N 432 
YGJ H7   H N N 433 
YGJ H8   H N N 434 
YGJ H9   H N N 435 
YGJ H10  H N N 436 
YGJ H11  H N N 437 
YGJ H12  H N N 438 
YGJ H13  H N N 439 
YGJ H14  H N N 440 
# 
loop_
_chem_comp_bond.comp_id 
_chem_comp_bond.atom_id_1 
_chem_comp_bond.atom_id_2 
_chem_comp_bond.value_order 
_chem_comp_bond.pdbx_aromatic_flag 
_chem_comp_bond.pdbx_stereo_config 
_chem_comp_bond.pdbx_ordinal 
ALA N   CA   sing N N 1   
ALA N   H    sing N N 2   
ALA N   H2   sing N N 3   
ALA CA  C    sing N N 4   
ALA CA  CB   sing N N 5   
ALA CA  HA   sing N N 6   
ALA C   O    doub N N 7   
ALA C   OXT  sing N N 8   
ALA CB  HB1  sing N N 9   
ALA CB  HB2  sing N N 10  
ALA CB  HB3  sing N N 11  
ALA OXT HXT  sing N N 12  
ARG N   CA   sing N N 13  
ARG N   H    sing N N 14  
ARG N   H2   sing N N 15  
ARG CA  C    sing N N 16  
ARG CA  CB   sing N N 17  
ARG CA  HA   sing N N 18  
ARG C   O    doub N N 19  
ARG C   OXT  sing N N 20  
ARG CB  CG   sing N N 21  
ARG CB  HB2  sing N N 22  
ARG CB  HB3  sing N N 23  
ARG CG  CD   sing N N 24  
ARG CG  HG2  sing N N 25  
ARG CG  HG3  sing N N 26  
ARG CD  NE   sing N N 27  
ARG CD  HD2  sing N N 28  
ARG CD  HD3  sing N N 29  
ARG NE  CZ   sing N N 30  
ARG NE  HE   sing N N 31  
ARG CZ  NH1  sing N N 32  
ARG CZ  NH2  doub N N 33  
ARG NH1 HH11 sing N N 34  
ARG NH1 HH12 sing N N 35  
ARG NH2 HH21 sing N N 36  
ARG NH2 HH22 sing N N 37  
ARG OXT HXT  sing N N 38  
ASN N   CA   sing N N 39  
ASN N   H    sing N N 40  
ASN N   H2   sing N N 41  
ASN CA  C    sing N N 42  
ASN CA  CB   sing N N 43  
ASN CA  HA   sing N N 44  
ASN C   O    doub N N 45  
ASN C   OXT  sing N N 46  
ASN CB  CG   sing N N 47  
ASN CB  HB2  sing N N 48  
ASN CB  HB3  sing N N 49  
ASN CG  OD1  doub N N 50  
ASN CG  ND2  sing N N 51  
ASN ND2 HD21 sing N N 52  
ASN ND2 HD22 sing N N 53  
ASN OXT HXT  sing N N 54  
ASP N   CA   sing N N 55  
ASP N   H    sing N N 56  
ASP N   H2   sing N N 57  
ASP CA  C    sing N N 58  
ASP CA  CB   sing N N 59  
ASP CA  HA   sing N N 60  
ASP C   O    doub N N 61  
ASP C   OXT  sing N N 62  
ASP CB  CG   sing N N 63  
ASP CB  HB2  sing N N 64  
ASP CB  HB3  sing N N 65  
ASP CG  OD1  doub N N 66  
ASP CG  OD2  sing N N 67  
ASP OD2 HD2  sing N N 68  
ASP OXT HXT  sing N N 69  
CYS N   CA   sing N N 70  
CYS N   H    sing N N 71  
CYS N   H2   sing N N 72  
CYS CA  C    sing N N 73  
CYS CA  CB   sing N N 74  
CYS CA  HA   sing N N 75  
CYS C   O    doub N N 76  
CYS C   OXT  sing N N 77  
CYS CB  SG   sing N N 78  
CYS CB  HB2  sing N N 79  
CYS CB  HB3  sing N N 80  
CYS SG  HG   sing N N 81  
CYS OXT HXT  sing N N 82  
GLN N   CA   sing N N 83  
GLN N   H    sing N N 84  
GLN N   H2   sing N N 85  
GLN CA  C    sing N N 86  
GLN CA  CB   sing N N 87  
GLN CA  HA   sing N N 88  
GLN C   O    doub N N 89  
GLN C   OXT  sing N N 90  
GLN CB  CG   sing N N 91  
GLN CB  HB2  sing N N 92  
GLN CB  HB3  sing N N 93  
GLN CG  CD   sing N N 94  
GLN CG  HG2  sing N N 95  
GLN CG  HG3  sing N N 96  
GLN CD  OE1  doub N N 97  
GLN CD  NE2  sing N N 98  
GLN NE2 HE21 sing N N 99  
GLN NE2 HE22 sing N N 100 
GLN OXT HXT  sing N N 101 
GLU N   CA   sing N N 102 
GLU N   H    sing N N 103 
GLU N   H2   sing N N 104 
GLU CA  C    sing N N 105 
GLU CA  CB   sing N N 106 
GLU CA  HA   sing N N 107 
GLU C   O    doub N N 108 
GLU C   OXT  sing N N 109 
GLU CB  CG   sing N N 110 
GLU CB  HB2  sing N N 111 
GLU CB  HB3  sing N N 112 
GLU CG  CD   sing N N 113 
GLU CG  HG2  sing N N 114 
GLU CG  HG3  sing N N 115 
GLU CD  OE1  doub N N 116 
GLU CD  OE2  sing N N 117 
GLU OE2 HE2  sing N N 118 
GLU OXT HXT  sing N N 119 
GLY N   CA   sing N N 120 
GLY N   H    sing N N 121 
GLY N   H2   sing N N 122 
GLY CA  C    sing N N 123 
GLY CA  HA2  sing N N 124 
GLY CA  HA3  sing N N 125 
GLY C   O    doub N N 126 
GLY C   OXT  sing N N 127 
GLY OXT HXT  sing N N 128 
HIS N   CA   sing N N 129 
HIS N   H    sing N N 130 
HIS N   H2   sing N N 131 
HIS CA  C    sing N N 132 
HIS CA  CB   sing N N 133 
HIS CA  HA   sing N N 134 
HIS C   O    doub N N 135 
HIS C   OXT  sing N N 136 
HIS CB  CG   sing N N 137 
HIS CB  HB2  sing N N 138 
HIS CB  HB3  sing N N 139 
HIS CG  ND1  sing Y N 140 
HIS CG  CD2  doub Y N 141 
HIS ND1 CE1  doub Y N 142 
HIS ND1 HD1  sing N N 143 
HIS CD2 NE2  sing Y N 144 
HIS CD2 HD2  sing N N 145 
HIS CE1 NE2  sing Y N 146 
HIS CE1 HE1  sing N N 147 
HIS NE2 HE2  sing N N 148 
HIS OXT HXT  sing N N 149 
HOH O   H1   sing N N 150 
HOH O   H2   sing N N 151 
ILE N   CA   sing N N 152 
ILE N   H    sing N N 153 
ILE N   H2   sing N N 154 
ILE CA  C    sing N N 155 
ILE CA  CB   sing N N 156 
ILE CA  HA   sing N N 157 
ILE C   O    doub N N 158 
ILE C   OXT  sing N N 159 
ILE CB  CG1  sing N N 160 
ILE CB  CG2  sing N N 161 
ILE CB  HB   sing N N 162 
ILE CG1 CD1  sing N N 163 
ILE CG1 HG12 sing N N 164 
ILE CG1 HG13 sing N N 165 
ILE CG2 HG21 sing N N 166 
ILE CG2 HG22 sing N N 167 
ILE CG2 HG23 sing N N 168 
ILE CD1 HD11 sing N N 169 
ILE CD1 HD12 sing N N 170 
ILE CD1 HD13 sing N N 171 
ILE OXT HXT  sing N N 172 
LEU N   CA   sing N N 173 
LEU N   H    sing N N 174 
LEU N   H2   sing N N 175 
LEU CA  C    sing N N 176 
LEU CA  CB   sing N N 177 
LEU CA  HA   sing N N 178 
LEU C   O    doub N N 179 
LEU C   OXT  sing N N 180 
LEU CB  CG   sing N N 181 
LEU CB  HB2  sing N N 182 
LEU CB  HB3  sing N N 183 
LEU CG  CD1  sing N N 184 
LEU CG  CD2  sing N N 185 
LEU CG  HG   sing N N 186 
LEU CD1 HD11 sing N N 187 
LEU CD1 HD12 sing N N 188 
LEU CD1 HD13 sing N N 189 
LEU CD2 HD21 sing N N 190 
LEU CD2 HD22 sing N N 191 
LEU CD2 HD23 sing N N 192 
LEU OXT HXT  sing N N 193 
LYS N   CA   sing N N 194 
LYS N   H    sing N N 195 
LYS N   H2   sing N N 196 
LYS CA  C    sing N N 197 
LYS CA  CB   sing N N 198 
LYS CA  HA   sing N N 199 
LYS C   O    doub N N 200 
LYS C   OXT  sing N N 201 
LYS CB  CG   sing N N 202 
LYS CB  HB2  sing N N 203 
LYS CB  HB3  sing N N 204 
LYS CG  CD   sing N N 205 
LYS CG  HG2  sing N N 206 
LYS CG  HG3  sing N N 207 
LYS CD  CE   sing N N 208 
LYS CD  HD2  sing N N 209 
LYS CD  HD3  sing N N 210 
LYS CE  NZ   sing N N 211 
LYS CE  HE2  sing N N 212 
LYS CE  HE3  sing N N 213 
LYS NZ  HZ1  sing N N 214 
LYS NZ  HZ2  sing N N 215 
LYS NZ  HZ3  sing N N 216 
LYS OXT HXT  sing N N 217 
MET N   CA   sing N N 218 
MET N   H    sing N N 219 
MET N   H2   sing N N 220 
MET CA  C    sing N N 221 
MET CA  CB   sing N N 222 
MET CA  HA   sing N N 223 
MET C   O    doub N N 224 
MET C   OXT  sing N N 225 
MET CB  CG   sing N N 226 
MET CB  HB2  sing N N 227 
MET CB  HB3  sing N N 228 
MET CG  SD   sing N N 229 
MET CG  HG2  sing N N 230 
MET CG  HG3  sing N N 231 
MET SD  CE   sing N N 232 
MET CE  HE1  sing N N 233 
MET CE  HE2  sing N N 234 
MET CE  HE3  sing N N 235 
MET OXT HXT  sing N N 236 
PHE N   CA   sing N N 237 
PHE N   H    sing N N 238 
PHE N   H2   sing N N 239 
PHE CA  C    sing N N 240 
PHE CA  CB   sing N N 241 
PHE CA  HA   sing N N 242 
PHE C   O    doub N N 243 
PHE C   OXT  sing N N 244 
PHE CB  CG   sing N N 245 
PHE CB  HB2  sing N N 246 
PHE CB  HB3  sing N N 247 
PHE CG  CD1  doub Y N 248 
PHE CG  CD2  sing Y N 249 
PHE CD1 CE1  sing Y N 250 
PHE CD1 HD1  sing N N 251 
PHE CD2 CE2  doub Y N 252 
PHE CD2 HD2  sing N N 253 
PHE CE1 CZ   doub Y N 254 
PHE CE1 HE1  sing N N 255 
PHE CE2 CZ   sing Y N 256 
PHE CE2 HE2  sing N N 257 
PHE CZ  HZ   sing N N 258 
PHE OXT HXT  sing N N 259 
PRO N   CA   sing N N 260 
PRO N   CD   sing N N 261 
PRO N   H    sing N N 262 
PRO CA  C    sing N N 263 
PRO CA  CB   sing N N 264 
PRO CA  HA   sing N N 265 
PRO C   O    doub N N 266 
PRO C   OXT  sing N N 267 
PRO CB  CG   sing N N 268 
PRO CB  HB2  sing N N 269 
PRO CB  HB3  sing N N 270 
PRO CG  CD   sing N N 271 
PRO CG  HG2  sing N N 272 
PRO CG  HG3  sing N N 273 
PRO CD  HD2  sing N N 274 
PRO CD  HD3  sing N N 275 
PRO OXT HXT  sing N N 276 
SER N   CA   sing N N 277 
SER N   H    sing N N 278 
SER N   H2   sing N N 279 
SER CA  C    sing N N 280 
SER CA  CB   sing N N 281 
SER CA  HA   sing N N 282 
SER C   O    doub N N 283 
SER C   OXT  sing N N 284 
SER CB  OG   sing N N 285 
SER CB  HB2  sing N N 286 
SER CB  HB3  sing N N 287 
SER OG  HG   sing N N 288 
SER OXT HXT  sing N N 289 
THR N   CA   sing N N 290 
THR N   H    sing N N 291 
THR N   H2   sing N N 292 
THR CA  C    sing N N 293 
THR CA  CB   sing N N 294 
THR CA  HA   sing N N 295 
THR C   O    doub N N 296 
THR C   OXT  sing N N 297 
THR CB  OG1  sing N N 298 
THR CB  CG2  sing N N 299 
THR CB  HB   sing N N 300 
THR OG1 HG1  sing N N 301 
THR CG2 HG21 sing N N 302 
THR CG2 HG22 sing N N 303 
THR CG2 HG23 sing N N 304 
THR OXT HXT  sing N N 305 
TRP N   CA   sing N N 306 
TRP N   H    sing N N 307 
TRP N   H2   sing N N 308 
TRP CA  C    sing N N 309 
TRP CA  CB   sing N N 310 
TRP CA  HA   sing N N 311 
TRP C   O    doub N N 312 
TRP C   OXT  sing N N 313 
TRP CB  CG   sing N N 314 
TRP CB  HB2  sing N N 315 
TRP CB  HB3  sing N N 316 
TRP CG  CD1  doub Y N 317 
TRP CG  CD2  sing Y N 318 
TRP CD1 NE1  sing Y N 319 
TRP CD1 HD1  sing N N 320 
TRP CD2 CE2  doub Y N 321 
TRP CD2 CE3  sing Y N 322 
TRP NE1 CE2  sing Y N 323 
TRP NE1 HE1  sing N N 324 
TRP CE2 CZ2  sing Y N 325 
TRP CE3 CZ3  doub Y N 326 
TRP CE3 HE3  sing N N 327 
TRP CZ2 CH2  doub Y N 328 
TRP CZ2 HZ2  sing N N 329 
TRP CZ3 CH2  sing Y N 330 
TRP CZ3 HZ3  sing N N 331 
TRP CH2 HH2  sing N N 332 
TRP OXT HXT  sing N N 333 
TRS C   C1   sing N N 334 
TRS C   C2   sing N N 335 
TRS C   C3   sing N N 336 
TRS C   N    sing N N 337 
TRS C1  O1   sing N N 338 
TRS C1  H11  sing N N 339 
TRS C1  H12  sing N N 340 
TRS C2  O2   sing N N 341 
TRS C2  H21  sing N N 342 
TRS C2  H22  sing N N 343 
TRS C3  O3   sing N N 344 
TRS C3  H31  sing N N 345 
TRS C3  H32  sing N N 346 
TRS N   HN1  sing N N 347 
TRS N   HN2  sing N N 348 
TRS N   HN3  sing N N 349 
TRS O1  HO1  sing N N 350 
TRS O2  HO2  sing N N 351 
TRS O3  HO3  sing N N 352 
TYR N   CA   sing N N 353 
TYR N   H    sing N N 354 
TYR N   H2   sing N N 355 
TYR CA  C    sing N N 356 
TYR CA  CB   sing N N 357 
TYR CA  HA   sing N N 358 
TYR C   O    doub N N 359 
TYR C   OXT  sing N N 360 
TYR CB  CG   sing N N 361 
TYR CB  HB2  sing N N 362 
TYR CB  HB3  sing N N 363 
TYR CG  CD1  doub Y N 364 
TYR CG  CD2  sing Y N 365 
TYR CD1 CE1  sing Y N 366 
TYR CD1 HD1  sing N N 367 
TYR CD2 CE2  doub Y N 368 
TYR CD2 HD2  sing N N 369 
TYR CE1 CZ   doub Y N 370 
TYR CE1 HE1  sing N N 371 
TYR CE2 CZ   sing Y N 372 
TYR CE2 HE2  sing N N 373 
TYR CZ  OH   sing N N 374 
TYR OH  HH   sing N N 375 
TYR OXT HXT  sing N N 376 
VAL N   CA   sing N N 377 
VAL N   H    sing N N 378 
VAL N   H2   sing N N 379 
VAL CA  C    sing N N 380 
VAL CA  CB   sing N N 381 
VAL CA  HA   sing N N 382 
VAL C   O    doub N N 383 
VAL C   OXT  sing N N 384 
VAL CB  CG1  sing N N 385 
VAL CB  CG2  sing N N 386 
VAL CB  HB   sing N N 387 
VAL CG1 HG11 sing N N 388 
VAL CG1 HG12 sing N N 389 
VAL CG1 HG13 sing N N 390 
VAL CG2 HG21 sing N N 391 
VAL CG2 HG22 sing N N 392 
VAL CG2 HG23 sing N N 393 
VAL OXT HXT  sing N N 394 
YGJ C07 O06  sing N N 395 
YGJ C07 C08  sing N N 396 
YGJ O06 C05  sing N N 397 
YGJ C14 C13  doub Y N 398 
YGJ C14 C09  sing Y N 399 
YGJ C08 C09  sing N N 400 
YGJ C15 C05  doub Y N 401 
YGJ C15 C16  sing Y N 402 
YGJ C13 C12  sing Y N 403 
YGJ C05 C04  sing Y N 404 
YGJ C09 C10  doub Y N 405 
YGJ C16 C02  doub Y N 406 
YGJ C04 C03  doub Y N 407 
YGJ C12 C11  doub Y N 408 
YGJ C10 C11  sing Y N 409 
YGJ C02 C03  sing Y N 410 
YGJ C02 O01  sing N N 411 
YGJ C10 H1   sing N N 412 
YGJ C13 H2   sing N N 413 
YGJ C15 H3   sing N N 414 
YGJ C03 H4   sing N N 415 
YGJ C04 H5   sing N N 416 
YGJ C07 H6   sing N N 417 
YGJ C07 H7   sing N N 418 
YGJ C08 H8   sing N N 419 
YGJ C08 H9   sing N N 420 
YGJ C11 H10  sing N N 421 
YGJ C12 H11  sing N N 422 
YGJ C14 H12  sing N N 423 
YGJ C16 H13  sing N N 424 
YGJ O01 H14  sing N N 425 
# 
_pdbx_audit_support.funding_organization   
'National Institutes of Health/National Institute of General Medical Sciences (NIH/NIGMS)' 
_pdbx_audit_support.country                'United States' 
_pdbx_audit_support.grant_number           ? 
_pdbx_audit_support.ordinal                1 
# 
_pdbx_entity_instance_feature.ordinal        1 
_pdbx_entity_instance_feature.comp_id        YGJ 
_pdbx_entity_instance_feature.asym_id        ? 
_pdbx_entity_instance_feature.seq_num        ? 
_pdbx_entity_instance_feature.auth_comp_id   YGJ 
_pdbx_entity_instance_feature.auth_asym_id   ? 
_pdbx_entity_instance_feature.auth_seq_num   ? 
_pdbx_entity_instance_feature.feature_type   'SUBJECT OF INVESTIGATION' 
_pdbx_entity_instance_feature.details        ? 
# 
loop_
_pdbx_entity_nonpoly.entity_id 
_pdbx_entity_nonpoly.name 
_pdbx_entity_nonpoly.comp_id 
2 '4-(2-phenylethoxy)phenol'               YGJ 
3 2-AMINO-2-HYDROXYMETHYL-PROPANE-1,3-DIOL TRS 
4 water                                    HOH 
# 
_pdbx_initial_refinement_model.id               1 
_pdbx_initial_refinement_model.entity_id_list   ? 
_pdbx_initial_refinement_model.type             'experimental model' 
_pdbx_initial_refinement_model.source_name      PDB 
_pdbx_initial_refinement_model.accession_code   4W57 
_pdbx_initial_refinement_model.details          ? 
# 
_pdbx_struct_assembly_auth_evidence.id                     1 
_pdbx_struct_assembly_auth_evidence.assembly_id            1 
_pdbx_struct_assembly_auth_evidence.experimental_support   none 
_pdbx_struct_assembly_auth_evidence.details                ? 
# 
